data_6UPU
#
_entry.id   6UPU
#
_cell.length_a   119.745
_cell.length_b   144.074
_cell.length_c   143.474
_cell.angle_alpha   90.000
_cell.angle_beta   90.000
_cell.angle_gamma   90.000
#
_symmetry.space_group_name_H-M   'P 21 21 21'
#
loop_
_entity.id
_entity.type
_entity.pdbx_description
1 polymer 'ULP_PROTEASE domain-containing protein'
2 polymer Ubiquitin
3 water water
#
loop_
_entity_poly.entity_id
_entity_poly.type
_entity_poly.pdbx_seq_one_letter_code
_entity_poly.pdbx_strand_id
1 'polypeptide(L)'
;GMANDQDLSNPEYLYTEDDINQLLKHYLGLDDRISIIQHVALNESLLLKQTLHQVLSDIFSGMQEKAVIPLHTGNNHWVA
MAIKKGMNDDIVISYNDPMGVSIDDKVTLINCIKELCPGAKINDLQTVQQTNVYDCGPFVVDNLIKMSQGQPILSTEEAK
QQAQNIRQSQVNFLSENRMITSAAAALADTLLKNNNRITEGVLVDRIFDNKILSVQEKQQLLNNLLDNHIKENKSLTKES
LTRMLASTHFVQQQANVLLN
;
A,E,I,M
2 'polypeptide(L)' GGGMQIFVKTLTGKTITLEVEPSDTIENVKAKIQDKEGIPPDQQRLIFAGKQLEDGRTLSDYNIQKESTLHLVLRLRGG B,C,D,F,G,H,J,K,L,N,O,P
#
# COMPACT_ATOMS: atom_id res chain seq x y z
N MET A 2 -8.26 -31.30 -14.19
CA MET A 2 -7.62 -30.01 -13.82
C MET A 2 -8.08 -28.89 -14.77
N ALA A 3 -8.68 -27.82 -14.22
CA ALA A 3 -8.76 -26.43 -14.71
C ALA A 3 -9.97 -26.30 -15.62
N ASN A 4 -11.07 -26.96 -15.24
CA ASN A 4 -12.36 -26.92 -15.96
C ASN A 4 -12.82 -25.46 -15.94
N ASP A 5 -12.66 -24.82 -14.76
CA ASP A 5 -13.14 -23.42 -14.47
C ASP A 5 -12.56 -22.48 -15.53
N GLN A 6 -11.46 -22.89 -16.17
CA GLN A 6 -10.63 -22.06 -17.06
C GLN A 6 -10.92 -22.36 -18.54
N ASP A 7 -11.62 -23.46 -18.86
CA ASP A 7 -11.83 -23.76 -20.29
C ASP A 7 -13.22 -23.27 -20.75
N LEU A 8 -13.25 -22.40 -21.75
CA LEU A 8 -14.46 -21.67 -22.26
C LEU A 8 -15.60 -22.66 -22.57
N SER A 9 -15.25 -23.78 -23.17
CA SER A 9 -16.18 -24.83 -23.68
C SER A 9 -16.81 -25.58 -22.52
N ASN A 10 -16.12 -25.66 -21.41
CA ASN A 10 -16.53 -26.48 -20.23
C ASN A 10 -17.79 -25.85 -19.66
N PRO A 11 -18.83 -26.64 -19.33
CA PRO A 11 -19.98 -26.16 -18.59
C PRO A 11 -19.67 -25.50 -17.24
N GLU A 12 -18.48 -25.70 -16.68
CA GLU A 12 -18.06 -25.18 -15.34
C GLU A 12 -17.24 -23.90 -15.50
N TYR A 13 -17.06 -23.43 -16.73
CA TYR A 13 -16.34 -22.18 -17.03
C TYR A 13 -16.98 -21.02 -16.28
N LEU A 14 -16.16 -20.31 -15.52
CA LEU A 14 -16.59 -19.12 -14.73
C LEU A 14 -16.30 -17.87 -15.58
N TYR A 15 -17.33 -17.06 -15.84
CA TYR A 15 -17.21 -15.86 -16.70
C TYR A 15 -16.28 -14.88 -15.97
N THR A 16 -15.41 -14.22 -16.74
CA THR A 16 -14.55 -13.12 -16.26
C THR A 16 -15.25 -11.81 -16.62
N GLU A 17 -14.69 -10.69 -16.13
CA GLU A 17 -15.14 -9.33 -16.46
C GLU A 17 -15.00 -9.12 -17.97
N ASP A 18 -13.99 -9.72 -18.58
CA ASP A 18 -13.75 -9.59 -20.05
C ASP A 18 -14.88 -10.30 -20.80
N ASP A 19 -15.27 -11.49 -20.36
CA ASP A 19 -16.33 -12.26 -21.04
C ASP A 19 -17.60 -11.41 -21.02
N ILE A 20 -17.92 -10.85 -19.85
CA ILE A 20 -19.22 -10.14 -19.63
C ILE A 20 -19.20 -8.87 -20.48
N ASN A 21 -18.10 -8.13 -20.40
CA ASN A 21 -17.87 -6.91 -21.21
C ASN A 21 -17.97 -7.18 -22.73
N GLN A 22 -17.37 -8.24 -23.28
CA GLN A 22 -17.47 -8.49 -24.75
C GLN A 22 -18.94 -8.77 -25.12
N LEU A 23 -19.66 -9.48 -24.25
CA LEU A 23 -21.07 -9.87 -24.45
C LEU A 23 -21.97 -8.64 -24.39
N LEU A 24 -21.78 -7.76 -23.42
CA LEU A 24 -22.66 -6.57 -23.26
C LEU A 24 -22.38 -5.61 -24.43
N LYS A 25 -21.12 -5.40 -24.78
CA LYS A 25 -20.73 -4.49 -25.90
C LYS A 25 -21.25 -5.03 -27.24
N HIS A 26 -21.28 -6.34 -27.39
CA HIS A 26 -21.88 -7.01 -28.57
C HIS A 26 -23.37 -6.72 -28.59
N TYR A 27 -24.10 -6.89 -27.49
CA TYR A 27 -25.58 -6.75 -27.55
C TYR A 27 -26.00 -5.28 -27.38
N LEU A 28 -25.17 -4.40 -26.82
CA LEU A 28 -25.60 -3.04 -26.42
C LEU A 28 -24.69 -1.92 -26.96
N GLY A 29 -23.43 -2.21 -27.32
CA GLY A 29 -22.35 -1.22 -27.43
C GLY A 29 -22.61 -0.17 -28.51
N LEU A 30 -23.50 -0.42 -29.46
CA LEU A 30 -23.79 0.51 -30.60
C LEU A 30 -24.61 1.72 -30.12
N ASP A 31 -25.35 1.61 -29.01
CA ASP A 31 -26.15 2.73 -28.43
C ASP A 31 -25.26 3.46 -27.39
N ASP A 32 -24.87 4.71 -27.68
CA ASP A 32 -23.92 5.53 -26.87
C ASP A 32 -24.53 6.01 -25.56
N ARG A 33 -25.85 5.93 -25.47
CA ARG A 33 -26.64 6.48 -24.35
C ARG A 33 -26.67 5.45 -23.21
N ILE A 34 -26.06 4.28 -23.45
CA ILE A 34 -25.92 3.19 -22.45
C ILE A 34 -24.48 3.15 -21.97
N SER A 35 -24.30 3.39 -20.66
CA SER A 35 -23.01 3.22 -19.99
C SER A 35 -22.84 1.74 -19.58
N ILE A 36 -21.76 1.13 -20.06
CA ILE A 36 -21.40 -0.28 -19.77
C ILE A 36 -20.21 -0.25 -18.80
N ILE A 37 -20.45 -0.66 -17.57
CA ILE A 37 -19.41 -0.83 -16.52
C ILE A 37 -18.78 -2.20 -16.71
N GLN A 38 -17.47 -2.28 -16.49
CA GLN A 38 -16.67 -3.54 -16.66
C GLN A 38 -16.29 -4.11 -15.32
N HIS A 39 -15.70 -3.29 -14.42
CA HIS A 39 -14.99 -3.75 -13.19
C HIS A 39 -15.47 -2.96 -11.99
N VAL A 40 -16.26 -3.56 -11.09
CA VAL A 40 -16.60 -2.93 -9.78
C VAL A 40 -17.07 -4.06 -8.86
N ALA A 41 -16.55 -4.08 -7.65
CA ALA A 41 -16.76 -5.20 -6.66
C ALA A 41 -17.15 -4.55 -5.34
N LEU A 42 -17.96 -5.19 -4.50
CA LEU A 42 -18.39 -4.47 -3.30
C LEU A 42 -17.27 -4.48 -2.25
N ASN A 43 -16.13 -5.10 -2.51
CA ASN A 43 -14.97 -5.05 -1.59
C ASN A 43 -13.98 -3.93 -1.97
N GLU A 44 -14.26 -3.17 -3.05
CA GLU A 44 -13.50 -1.96 -3.45
C GLU A 44 -14.32 -0.70 -3.11
N SER A 45 -14.22 -0.16 -1.89
CA SER A 45 -15.13 0.89 -1.38
C SER A 45 -15.04 2.20 -2.17
N LEU A 46 -13.83 2.66 -2.50
CA LEU A 46 -13.64 3.92 -3.23
C LEU A 46 -14.10 3.69 -4.68
N LEU A 47 -13.74 2.55 -5.29
CA LEU A 47 -14.09 2.31 -6.70
C LEU A 47 -15.61 2.20 -6.84
N LEU A 48 -16.28 1.53 -5.90
CA LEU A 48 -17.75 1.37 -5.91
C LEU A 48 -18.41 2.74 -5.79
N LYS A 49 -17.92 3.58 -4.88
CA LYS A 49 -18.48 4.94 -4.68
C LYS A 49 -18.24 5.76 -5.95
N GLN A 50 -17.01 5.72 -6.48
CA GLN A 50 -16.64 6.38 -7.76
C GLN A 50 -17.62 5.98 -8.87
N THR A 51 -17.83 4.68 -9.03
CA THR A 51 -18.63 4.09 -10.12
C THR A 51 -20.08 4.60 -9.98
N LEU A 52 -20.64 4.48 -8.80
CA LEU A 52 -22.05 4.86 -8.56
C LEU A 52 -22.20 6.37 -8.75
N HIS A 53 -21.20 7.14 -8.34
CA HIS A 53 -21.28 8.61 -8.47
C HIS A 53 -21.32 9.01 -9.95
N GLN A 54 -20.44 8.45 -10.77
CA GLN A 54 -20.38 8.72 -12.23
C GLN A 54 -21.73 8.39 -12.87
N VAL A 55 -22.26 7.22 -12.57
CA VAL A 55 -23.44 6.67 -13.29
C VAL A 55 -24.66 7.45 -12.83
N LEU A 56 -24.85 7.61 -11.51
CA LEU A 56 -26.01 8.32 -10.95
C LEU A 56 -25.98 9.78 -11.42
N SER A 57 -24.81 10.41 -11.45
CA SER A 57 -24.64 11.79 -11.95
C SER A 57 -25.07 11.85 -13.43
N ASP A 58 -24.61 10.91 -14.24
CA ASP A 58 -24.87 10.89 -15.70
C ASP A 58 -26.37 10.69 -15.96
N ILE A 59 -27.00 9.82 -15.18
CA ILE A 59 -28.42 9.46 -15.42
C ILE A 59 -29.31 10.58 -14.90
N PHE A 60 -29.00 11.18 -13.77
CA PHE A 60 -29.87 12.22 -13.18
C PHE A 60 -29.81 13.46 -14.09
N SER A 61 -28.66 13.73 -14.72
CA SER A 61 -28.42 14.92 -15.56
C SER A 61 -28.80 14.69 -17.03
N GLY A 62 -29.09 13.43 -17.40
CA GLY A 62 -29.43 13.03 -18.79
C GLY A 62 -28.25 13.08 -19.74
N MET A 63 -27.04 12.85 -19.25
CA MET A 63 -25.84 12.64 -20.12
C MET A 63 -25.85 11.21 -20.63
N GLN A 64 -26.34 10.26 -19.83
CA GLN A 64 -26.64 8.88 -20.27
C GLN A 64 -28.11 8.61 -19.94
N GLU A 65 -28.72 7.66 -20.65
CA GLU A 65 -30.12 7.21 -20.44
C GLU A 65 -30.10 6.04 -19.43
N LYS A 66 -29.16 5.10 -19.60
CA LYS A 66 -29.12 3.97 -18.70
C LYS A 66 -27.69 3.48 -18.50
N ALA A 67 -27.53 2.56 -17.53
CA ALA A 67 -26.27 1.92 -17.21
C ALA A 67 -26.54 0.46 -16.87
N VAL A 68 -25.62 -0.38 -17.28
CA VAL A 68 -25.64 -1.83 -16.94
C VAL A 68 -24.36 -2.10 -16.16
N ILE A 69 -24.51 -2.70 -14.99
CA ILE A 69 -23.41 -2.92 -14.03
C ILE A 69 -23.39 -4.38 -13.65
N PRO A 70 -22.42 -5.14 -14.19
CA PRO A 70 -22.03 -6.44 -13.63
C PRO A 70 -21.28 -6.18 -12.30
N LEU A 71 -21.95 -6.43 -11.18
CA LEU A 71 -21.40 -6.13 -9.84
C LEU A 71 -20.84 -7.41 -9.22
N HIS A 72 -19.56 -7.43 -8.93
CA HIS A 72 -18.87 -8.57 -8.26
C HIS A 72 -19.07 -8.43 -6.77
N THR A 73 -19.40 -9.52 -6.08
CA THR A 73 -19.73 -9.53 -4.63
C THR A 73 -18.44 -9.57 -3.81
N GLY A 74 -17.28 -9.68 -4.43
CA GLY A 74 -15.99 -9.95 -3.77
C GLY A 74 -15.89 -11.42 -3.40
N ASN A 75 -16.85 -12.23 -3.80
CA ASN A 75 -16.92 -13.65 -3.37
C ASN A 75 -17.16 -14.58 -4.56
N ASN A 76 -16.38 -14.43 -5.61
CA ASN A 76 -16.42 -15.37 -6.78
C ASN A 76 -17.83 -15.40 -7.35
N HIS A 77 -18.53 -14.26 -7.41
CA HIS A 77 -19.97 -14.25 -7.72
C HIS A 77 -20.34 -12.91 -8.33
N TRP A 78 -21.16 -12.94 -9.38
CA TRP A 78 -21.73 -11.78 -10.10
C TRP A 78 -23.20 -11.58 -9.74
N VAL A 79 -23.63 -10.33 -9.62
CA VAL A 79 -25.05 -9.92 -9.64
C VAL A 79 -25.25 -8.84 -10.70
N ALA A 80 -26.52 -8.59 -11.06
CA ALA A 80 -26.90 -7.63 -12.11
C ALA A 80 -27.53 -6.40 -11.48
N MET A 81 -26.95 -5.23 -11.76
CA MET A 81 -27.49 -3.91 -11.38
C MET A 81 -27.61 -3.04 -12.64
N ALA A 82 -28.75 -2.41 -12.81
CA ALA A 82 -29.04 -1.53 -13.96
C ALA A 82 -29.80 -0.31 -13.45
N ILE A 83 -29.52 0.85 -14.04
CA ILE A 83 -29.98 2.14 -13.50
C ILE A 83 -30.53 2.95 -14.66
N LYS A 84 -31.74 3.43 -14.52
CA LYS A 84 -32.44 4.30 -15.52
C LYS A 84 -33.32 5.27 -14.75
N LYS A 85 -33.81 6.31 -15.43
CA LYS A 85 -34.85 7.20 -14.87
C LYS A 85 -36.18 6.46 -14.88
N GLY A 86 -36.86 6.41 -13.74
CA GLY A 86 -38.23 5.87 -13.64
C GLY A 86 -39.21 6.94 -14.03
N MET A 87 -40.36 6.97 -13.35
CA MET A 87 -41.46 7.94 -13.57
C MET A 87 -41.29 9.19 -12.70
N ASN A 88 -41.01 10.33 -13.32
CA ASN A 88 -40.99 11.68 -12.68
C ASN A 88 -39.58 11.99 -12.21
N ASP A 89 -38.61 11.82 -13.12
CA ASP A 89 -37.18 12.11 -12.84
C ASP A 89 -36.80 11.32 -11.57
N ASP A 90 -37.53 10.24 -11.33
CA ASP A 90 -37.18 9.23 -10.31
C ASP A 90 -35.97 8.51 -10.88
N ILE A 91 -35.00 8.12 -10.08
CA ILE A 91 -33.96 7.13 -10.50
C ILE A 91 -34.32 5.76 -9.96
N VAL A 92 -34.28 4.74 -10.81
CA VAL A 92 -34.66 3.34 -10.39
C VAL A 92 -33.45 2.43 -10.60
N ILE A 93 -32.92 1.90 -9.51
CA ILE A 93 -31.81 0.93 -9.55
C ILE A 93 -32.46 -0.46 -9.45
N SER A 94 -32.43 -1.19 -10.56
CA SER A 94 -32.90 -2.59 -10.66
C SER A 94 -31.74 -3.53 -10.31
N TYR A 95 -32.02 -4.56 -9.55
CA TYR A 95 -31.01 -5.50 -9.03
C TYR A 95 -31.54 -6.91 -9.10
N ASN A 96 -30.75 -7.85 -9.54
CA ASN A 96 -31.02 -9.30 -9.30
C ASN A 96 -29.72 -10.07 -9.13
N ASP A 97 -29.64 -10.85 -8.04
CA ASP A 97 -28.66 -11.91 -7.79
C ASP A 97 -29.28 -13.22 -8.27
N PRO A 98 -28.69 -13.85 -9.30
CA PRO A 98 -29.24 -15.07 -9.87
C PRO A 98 -29.30 -16.24 -8.88
N MET A 99 -28.72 -16.05 -7.67
CA MET A 99 -28.84 -17.01 -6.55
C MET A 99 -30.15 -16.77 -5.79
N GLY A 100 -30.87 -15.67 -6.11
CA GLY A 100 -32.06 -15.25 -5.37
C GLY A 100 -31.83 -14.56 -4.04
N VAL A 101 -30.57 -14.31 -3.70
CA VAL A 101 -30.17 -13.63 -2.43
C VAL A 101 -30.46 -12.15 -2.60
N SER A 102 -31.14 -11.62 -1.57
CA SER A 102 -31.64 -10.24 -1.57
C SER A 102 -30.48 -9.26 -1.32
N ILE A 103 -30.70 -8.02 -1.69
CA ILE A 103 -29.68 -6.93 -1.66
C ILE A 103 -29.42 -6.52 -0.21
N ASP A 104 -30.30 -6.90 0.71
CA ASP A 104 -30.44 -6.29 2.06
C ASP A 104 -29.15 -6.46 2.90
N ASP A 105 -28.51 -7.61 2.77
CA ASP A 105 -27.17 -8.06 3.21
C ASP A 105 -26.13 -6.99 2.88
N LYS A 106 -26.31 -6.33 1.73
CA LYS A 106 -25.30 -5.46 1.08
C LYS A 106 -25.43 -4.05 1.62
N VAL A 107 -25.13 -3.85 2.90
CA VAL A 107 -25.33 -2.58 3.64
C VAL A 107 -24.41 -1.50 3.07
N THR A 108 -23.20 -1.89 2.67
CA THR A 108 -22.17 -1.02 2.05
C THR A 108 -22.78 -0.38 0.80
N LEU A 109 -23.36 -1.23 -0.05
CA LEU A 109 -23.94 -0.87 -1.34
C LEU A 109 -25.08 0.11 -1.06
N ILE A 110 -26.03 -0.29 -0.22
CA ILE A 110 -27.30 0.47 0.00
C ILE A 110 -26.94 1.86 0.53
N ASN A 111 -26.03 1.92 1.50
CA ASN A 111 -25.68 3.17 2.23
C ASN A 111 -24.97 4.11 1.27
N CYS A 112 -24.14 3.56 0.39
CA CYS A 112 -23.41 4.35 -0.64
C CYS A 112 -24.40 4.95 -1.63
N ILE A 113 -25.43 4.19 -2.01
CA ILE A 113 -26.55 4.71 -2.87
C ILE A 113 -27.31 5.82 -2.14
N LYS A 114 -27.70 5.60 -0.89
CA LYS A 114 -28.51 6.56 -0.09
C LYS A 114 -27.71 7.85 0.10
N GLU A 115 -26.42 7.74 0.36
CA GLU A 115 -25.51 8.91 0.53
C GLU A 115 -25.52 9.75 -0.74
N LEU A 116 -25.35 9.12 -1.90
CA LEU A 116 -25.20 9.85 -3.20
C LEU A 116 -26.57 10.38 -3.59
N CYS A 117 -27.60 9.54 -3.47
CA CYS A 117 -28.95 9.78 -4.02
C CYS A 117 -30.00 9.18 -3.08
N PRO A 118 -30.39 9.91 -2.03
CA PRO A 118 -31.32 9.34 -1.04
C PRO A 118 -32.70 9.05 -1.63
N GLY A 119 -33.04 9.69 -2.75
CA GLY A 119 -34.35 9.55 -3.41
C GLY A 119 -34.37 8.40 -4.43
N ALA A 120 -33.23 7.76 -4.67
CA ALA A 120 -33.13 6.64 -5.62
C ALA A 120 -34.03 5.49 -5.17
N LYS A 121 -34.81 4.90 -6.08
CA LYS A 121 -35.55 3.65 -5.78
C LYS A 121 -34.60 2.47 -6.06
N ILE A 122 -34.71 1.41 -5.26
CA ILE A 122 -34.00 0.14 -5.54
C ILE A 122 -35.06 -0.96 -5.71
N ASN A 123 -35.16 -1.58 -6.89
CA ASN A 123 -36.03 -2.76 -7.09
C ASN A 123 -35.18 -4.06 -7.23
N ASP A 124 -35.07 -4.69 -6.09
CA ASP A 124 -34.50 -6.04 -5.85
C ASP A 124 -35.51 -7.08 -6.33
N LEU A 125 -35.22 -7.71 -7.47
CA LEU A 125 -36.11 -8.69 -8.07
C LEU A 125 -36.04 -10.02 -7.32
N GLN A 126 -34.96 -10.21 -6.57
CA GLN A 126 -34.78 -11.39 -5.71
C GLN A 126 -35.32 -12.66 -6.36
N THR A 127 -34.87 -12.99 -7.57
CA THR A 127 -35.38 -14.17 -8.32
C THR A 127 -34.23 -15.17 -8.54
N VAL A 128 -34.43 -16.38 -8.03
CA VAL A 128 -33.48 -17.52 -8.20
C VAL A 128 -33.47 -17.88 -9.67
N GLN A 129 -32.30 -18.09 -10.25
CA GLN A 129 -32.13 -18.39 -11.69
C GLN A 129 -31.16 -19.55 -11.87
N GLN A 130 -29.97 -19.45 -11.32
CA GLN A 130 -28.92 -20.49 -11.55
C GLN A 130 -29.29 -21.75 -10.78
N THR A 131 -29.01 -22.91 -11.37
CA THR A 131 -29.29 -24.24 -10.76
C THR A 131 -27.98 -24.95 -10.48
N ASN A 132 -26.91 -24.21 -10.30
CA ASN A 132 -25.54 -24.77 -10.04
C ASN A 132 -24.65 -23.58 -9.66
N VAL A 133 -23.41 -23.83 -9.31
CA VAL A 133 -22.47 -22.80 -8.76
C VAL A 133 -21.65 -22.16 -9.89
N TYR A 134 -22.05 -22.34 -11.17
CA TYR A 134 -21.28 -21.81 -12.33
C TYR A 134 -22.01 -20.70 -13.10
N ASP A 135 -23.33 -20.59 -13.00
CA ASP A 135 -24.11 -19.96 -14.12
C ASP A 135 -24.51 -18.51 -13.81
N CYS A 136 -23.85 -17.86 -12.84
CA CYS A 136 -24.15 -16.45 -12.49
C CYS A 136 -23.77 -15.56 -13.69
N GLY A 137 -22.66 -15.87 -14.37
CA GLY A 137 -22.21 -15.04 -15.49
C GLY A 137 -23.25 -14.97 -16.61
N PRO A 138 -23.67 -16.11 -17.14
CA PRO A 138 -24.73 -16.16 -18.16
C PRO A 138 -26.02 -15.43 -17.76
N PHE A 139 -26.46 -15.53 -16.52
CA PHE A 139 -27.77 -14.94 -16.11
C PHE A 139 -27.58 -13.45 -15.86
N VAL A 140 -26.39 -13.04 -15.45
CA VAL A 140 -26.15 -11.59 -15.25
C VAL A 140 -26.10 -10.90 -16.60
N VAL A 141 -25.47 -11.50 -17.60
CA VAL A 141 -25.44 -10.96 -18.98
C VAL A 141 -26.87 -10.86 -19.49
N ASP A 142 -27.64 -11.95 -19.36
CA ASP A 142 -29.03 -11.98 -19.84
C ASP A 142 -29.87 -10.93 -19.12
N ASN A 143 -29.74 -10.86 -17.81
CA ASN A 143 -30.53 -9.95 -16.94
C ASN A 143 -30.29 -8.51 -17.35
N LEU A 144 -29.03 -8.12 -17.54
CA LEU A 144 -28.66 -6.72 -17.85
C LEU A 144 -29.22 -6.34 -19.23
N ILE A 145 -29.13 -7.24 -20.20
CA ILE A 145 -29.67 -6.97 -21.57
C ILE A 145 -31.18 -6.70 -21.44
N LYS A 146 -31.90 -7.57 -20.74
CA LYS A 146 -33.37 -7.47 -20.56
C LYS A 146 -33.73 -6.21 -19.79
N MET A 147 -32.98 -5.92 -18.71
CA MET A 147 -33.24 -4.76 -17.83
C MET A 147 -33.02 -3.50 -18.69
N SER A 148 -31.95 -3.46 -19.49
CA SER A 148 -31.65 -2.33 -20.39
C SER A 148 -32.81 -2.15 -21.39
N GLN A 149 -33.52 -3.24 -21.76
CA GLN A 149 -34.59 -3.16 -22.80
C GLN A 149 -35.97 -2.94 -22.16
N GLY A 150 -36.04 -2.88 -20.83
CA GLY A 150 -37.29 -2.73 -20.08
C GLY A 150 -38.09 -4.00 -20.07
N GLN A 151 -37.46 -5.13 -20.33
CA GLN A 151 -38.11 -6.48 -20.36
C GLN A 151 -37.92 -7.13 -19.00
N PRO A 152 -38.87 -7.98 -18.55
CA PRO A 152 -38.70 -8.70 -17.30
C PRO A 152 -37.56 -9.71 -17.46
N ILE A 153 -36.88 -10.03 -16.35
CA ILE A 153 -35.78 -11.00 -16.36
C ILE A 153 -36.40 -12.39 -16.43
N LEU A 154 -35.59 -13.39 -16.73
CA LEU A 154 -36.10 -14.79 -16.72
C LEU A 154 -36.55 -15.16 -15.30
N SER A 155 -37.73 -15.73 -15.19
CA SER A 155 -38.26 -16.33 -13.96
C SER A 155 -37.44 -17.57 -13.59
N THR A 156 -37.60 -18.03 -12.36
CA THR A 156 -37.02 -19.29 -11.87
C THR A 156 -37.26 -20.39 -12.90
N GLU A 157 -38.50 -20.57 -13.33
CA GLU A 157 -38.89 -21.65 -14.27
C GLU A 157 -38.23 -21.44 -15.64
N GLU A 158 -38.38 -20.25 -16.21
CA GLU A 158 -37.77 -19.92 -17.52
C GLU A 158 -36.25 -20.16 -17.42
N ALA A 159 -35.65 -19.81 -16.31
CA ALA A 159 -34.21 -19.89 -16.12
C ALA A 159 -33.79 -21.34 -15.99
N LYS A 160 -34.54 -22.11 -15.22
CA LYS A 160 -34.20 -23.55 -15.10
C LYS A 160 -34.20 -24.15 -16.52
N GLN A 161 -35.10 -23.68 -17.39
CA GLN A 161 -35.34 -24.30 -18.70
C GLN A 161 -34.31 -23.79 -19.72
N GLN A 162 -33.82 -22.56 -19.58
CA GLN A 162 -33.05 -21.90 -20.65
C GLN A 162 -31.53 -21.82 -20.33
N ALA A 163 -31.10 -22.28 -19.14
CA ALA A 163 -29.74 -22.10 -18.61
C ALA A 163 -28.67 -22.53 -19.62
N GLN A 164 -28.74 -23.78 -20.04
CA GLN A 164 -27.80 -24.38 -21.00
C GLN A 164 -27.80 -23.60 -22.31
N ASN A 165 -28.99 -23.19 -22.77
CA ASN A 165 -29.14 -22.55 -24.11
C ASN A 165 -28.50 -21.17 -24.04
N ILE A 166 -28.64 -20.44 -22.94
CA ILE A 166 -28.12 -19.05 -22.88
C ILE A 166 -26.58 -19.10 -22.73
N ARG A 167 -26.06 -20.02 -21.93
CA ARG A 167 -24.60 -20.25 -21.87
C ARG A 167 -24.08 -20.62 -23.27
N GLN A 168 -24.72 -21.59 -23.91
CA GLN A 168 -24.26 -22.12 -25.21
C GLN A 168 -24.22 -20.96 -26.22
N SER A 169 -25.28 -20.19 -26.29
CA SER A 169 -25.42 -19.03 -27.19
C SER A 169 -24.29 -18.06 -26.88
N GLN A 170 -24.07 -17.77 -25.60
CA GLN A 170 -23.15 -16.70 -25.20
C GLN A 170 -21.71 -17.18 -25.42
N VAL A 171 -21.47 -18.45 -25.23
CA VAL A 171 -20.14 -19.08 -25.40
C VAL A 171 -19.83 -19.22 -26.90
N ASN A 172 -20.84 -19.35 -27.77
CA ASN A 172 -20.62 -19.33 -29.24
C ASN A 172 -20.06 -17.96 -29.66
N PHE A 173 -20.65 -16.88 -29.17
CA PHE A 173 -20.18 -15.51 -29.47
C PHE A 173 -18.77 -15.34 -28.89
N LEU A 174 -18.54 -15.81 -27.66
CA LEU A 174 -17.22 -15.62 -27.00
C LEU A 174 -16.13 -16.35 -27.77
N SER A 175 -16.36 -17.58 -28.24
CA SER A 175 -15.34 -18.37 -28.97
C SER A 175 -14.92 -17.60 -30.21
N GLU A 176 -15.91 -17.12 -30.97
CA GLU A 176 -15.69 -16.42 -32.24
C GLU A 176 -14.93 -15.13 -31.95
N ASN A 177 -15.40 -14.35 -30.96
CA ASN A 177 -14.79 -13.04 -30.58
C ASN A 177 -13.33 -13.25 -30.21
N ARG A 178 -13.02 -14.29 -29.44
CA ARG A 178 -11.64 -14.53 -28.94
C ARG A 178 -10.73 -14.79 -30.14
N MET A 179 -11.23 -15.47 -31.17
CA MET A 179 -10.41 -15.82 -32.35
C MET A 179 -10.14 -14.58 -33.18
N ILE A 180 -11.10 -13.66 -33.26
CA ILE A 180 -10.98 -12.40 -34.03
C ILE A 180 -9.92 -11.51 -33.36
N THR A 181 -9.99 -11.41 -32.04
CA THR A 181 -9.02 -10.72 -31.17
C THR A 181 -7.61 -11.36 -31.30
N SER A 182 -7.45 -12.68 -31.13
CA SER A 182 -6.07 -13.25 -31.24
C SER A 182 -5.48 -13.15 -32.68
N ALA A 183 -6.29 -13.22 -33.72
CA ALA A 183 -5.81 -13.03 -35.10
C ALA A 183 -5.41 -11.56 -35.29
N ALA A 184 -6.20 -10.63 -34.78
CA ALA A 184 -5.90 -9.18 -34.85
C ALA A 184 -4.65 -8.86 -34.06
N ALA A 185 -4.44 -9.48 -32.90
CA ALA A 185 -3.29 -9.19 -32.04
C ALA A 185 -2.01 -9.61 -32.76
N ALA A 186 -1.99 -10.83 -33.31
CA ALA A 186 -0.84 -11.42 -34.00
C ALA A 186 -0.54 -10.59 -35.24
N LEU A 187 -1.57 -10.12 -35.95
CA LEU A 187 -1.33 -9.23 -37.12
C LEU A 187 -0.70 -7.92 -36.64
N ALA A 188 -1.28 -7.30 -35.63
CA ALA A 188 -0.76 -6.05 -35.01
C ALA A 188 0.71 -6.24 -34.68
N ASP A 189 1.09 -7.37 -34.08
CA ASP A 189 2.53 -7.64 -33.75
C ASP A 189 3.41 -7.63 -35.04
N THR A 190 3.00 -8.30 -36.13
CA THR A 190 3.84 -8.38 -37.35
C THR A 190 4.08 -6.95 -37.89
N LEU A 191 3.15 -6.04 -37.66
CA LEU A 191 3.21 -4.66 -38.19
C LEU A 191 3.89 -3.71 -37.18
N LEU A 192 3.80 -3.92 -35.87
CA LEU A 192 4.51 -3.04 -34.91
C LEU A 192 6.01 -3.35 -34.98
N LYS A 193 6.35 -4.60 -35.25
CA LYS A 193 7.74 -5.10 -35.10
C LYS A 193 8.16 -4.70 -33.68
N ASN A 194 9.26 -3.98 -33.45
CA ASN A 194 9.60 -3.67 -32.02
C ASN A 194 9.34 -2.17 -31.78
N ASN A 195 8.30 -1.60 -32.40
CA ASN A 195 7.77 -0.27 -32.00
C ASN A 195 6.58 -0.48 -31.05
N ASN A 196 6.46 0.21 -29.91
CA ASN A 196 5.15 0.16 -29.20
C ASN A 196 4.28 1.35 -29.60
N ARG A 197 4.77 2.19 -30.49
CA ARG A 197 3.93 3.23 -31.15
C ARG A 197 4.15 3.20 -32.65
N ILE A 198 3.12 3.32 -33.47
CA ILE A 198 3.23 3.75 -34.89
C ILE A 198 2.06 4.70 -35.22
N THR A 199 2.24 5.62 -36.16
CA THR A 199 1.16 6.44 -36.76
C THR A 199 0.39 5.59 -37.76
N GLU A 200 -0.80 6.01 -38.11
CA GLU A 200 -1.58 5.38 -39.21
C GLU A 200 -0.74 5.41 -40.51
N GLY A 201 0.16 6.37 -40.65
CA GLY A 201 0.99 6.57 -41.84
C GLY A 201 2.07 5.51 -41.93
N VAL A 202 2.71 5.19 -40.81
CA VAL A 202 3.67 4.06 -40.72
C VAL A 202 2.93 2.73 -40.87
N LEU A 203 1.72 2.59 -40.33
CA LEU A 203 0.87 1.40 -40.57
C LEU A 203 0.69 1.16 -42.06
N VAL A 204 0.23 2.16 -42.78
CA VAL A 204 -0.07 2.04 -44.23
C VAL A 204 1.21 1.52 -44.90
N ASP A 205 2.34 2.11 -44.53
CA ASP A 205 3.62 1.78 -45.17
C ASP A 205 4.11 0.37 -44.77
N ARG A 206 3.83 -0.08 -43.56
CA ARG A 206 4.28 -1.41 -43.08
C ARG A 206 3.46 -2.51 -43.78
N ILE A 207 2.18 -2.24 -43.99
CA ILE A 207 1.28 -3.14 -44.76
C ILE A 207 1.82 -3.26 -46.18
N PHE A 208 2.21 -2.15 -46.83
CA PHE A 208 2.74 -2.13 -48.21
C PHE A 208 3.99 -3.00 -48.25
N ASP A 209 4.89 -2.89 -47.27
CA ASP A 209 6.23 -3.55 -47.27
C ASP A 209 6.15 -4.95 -46.64
N ASN A 210 5.00 -5.33 -46.08
CA ASN A 210 4.84 -6.63 -45.39
C ASN A 210 5.22 -7.77 -46.34
N LYS A 211 5.89 -8.81 -45.84
CA LYS A 211 6.53 -9.81 -46.72
C LYS A 211 5.72 -11.11 -46.69
N ILE A 212 4.56 -11.11 -46.06
CA ILE A 212 3.77 -12.33 -45.72
C ILE A 212 2.42 -12.30 -46.44
N LEU A 213 1.69 -11.20 -46.35
CA LEU A 213 0.35 -11.02 -46.97
C LEU A 213 0.52 -10.95 -48.50
N SER A 214 -0.37 -11.63 -49.22
CA SER A 214 -0.49 -11.50 -50.71
C SER A 214 -0.91 -10.07 -51.02
N VAL A 215 -0.90 -9.68 -52.30
CA VAL A 215 -1.29 -8.31 -52.71
C VAL A 215 -2.78 -8.15 -52.49
N GLN A 216 -3.58 -9.22 -52.66
CA GLN A 216 -5.04 -9.20 -52.48
C GLN A 216 -5.39 -9.13 -51.00
N GLU A 217 -4.66 -9.83 -50.12
CA GLU A 217 -4.89 -9.75 -48.66
C GLU A 217 -4.67 -8.30 -48.23
N LYS A 218 -3.62 -7.67 -48.73
CA LYS A 218 -3.28 -6.25 -48.43
C LYS A 218 -4.41 -5.34 -48.94
N GLN A 219 -4.84 -5.56 -50.17
CA GLN A 219 -5.88 -4.73 -50.80
C GLN A 219 -7.15 -4.81 -49.94
N GLN A 220 -7.50 -5.99 -49.42
CA GLN A 220 -8.73 -6.14 -48.59
C GLN A 220 -8.55 -5.43 -47.26
N LEU A 221 -7.48 -5.72 -46.52
CA LEU A 221 -7.13 -5.07 -45.23
C LEU A 221 -7.17 -3.55 -45.42
N LEU A 222 -6.52 -3.01 -46.44
CA LEU A 222 -6.40 -1.53 -46.55
C LEU A 222 -7.77 -0.93 -46.90
N ASN A 223 -8.55 -1.58 -47.77
CA ASN A 223 -9.93 -1.12 -48.08
C ASN A 223 -10.76 -1.11 -46.77
N ASN A 224 -10.67 -2.19 -45.97
CA ASN A 224 -11.41 -2.33 -44.70
C ASN A 224 -11.06 -1.14 -43.78
N LEU A 225 -9.80 -0.73 -43.74
CA LEU A 225 -9.37 0.29 -42.76
C LEU A 225 -9.63 1.71 -43.30
N LEU A 226 -9.55 1.92 -44.60
CA LEU A 226 -9.84 3.25 -45.21
C LEU A 226 -11.30 3.61 -44.93
N ASP A 227 -12.18 2.62 -44.85
CA ASP A 227 -13.63 2.87 -44.65
C ASP A 227 -13.85 3.68 -43.37
N ASN A 228 -13.09 3.45 -42.31
CA ASN A 228 -13.33 4.10 -40.99
C ASN A 228 -12.09 4.75 -40.39
N HIS A 229 -10.93 4.66 -41.03
CA HIS A 229 -9.63 5.06 -40.42
C HIS A 229 -8.72 5.74 -41.46
N ILE A 230 -7.50 6.07 -41.04
CA ILE A 230 -6.45 6.73 -41.88
C ILE A 230 -7.06 8.01 -42.43
N LYS A 231 -7.51 8.85 -41.51
CA LYS A 231 -8.10 10.18 -41.85
C LYS A 231 -7.21 11.31 -41.30
N GLU A 232 -6.69 11.12 -40.08
CA GLU A 232 -5.97 12.18 -39.36
C GLU A 232 -4.61 11.68 -38.84
N ASN A 233 -4.05 10.61 -39.41
CA ASN A 233 -2.70 10.10 -39.08
C ASN A 233 -2.55 9.98 -37.56
N LYS A 234 -3.36 9.13 -36.91
CA LYS A 234 -3.36 9.08 -35.42
C LYS A 234 -2.30 8.07 -34.97
N SER A 235 -1.83 8.25 -33.75
CA SER A 235 -0.87 7.39 -33.04
C SER A 235 -1.60 6.14 -32.53
N LEU A 236 -1.03 4.98 -32.80
CA LEU A 236 -1.61 3.65 -32.45
C LEU A 236 -0.65 2.96 -31.49
N THR A 237 -1.18 2.10 -30.63
CA THR A 237 -0.43 1.18 -29.78
C THR A 237 -0.85 -0.24 -30.15
N LYS A 238 -0.22 -1.23 -29.52
CA LYS A 238 -0.63 -2.64 -29.61
C LYS A 238 -2.14 -2.70 -29.38
N GLU A 239 -2.68 -2.03 -28.33
CA GLU A 239 -4.11 -2.17 -27.99
C GLU A 239 -5.00 -1.47 -29.03
N SER A 240 -4.73 -0.22 -29.41
CA SER A 240 -5.63 0.50 -30.37
C SER A 240 -5.49 -0.11 -31.77
N LEU A 241 -4.35 -0.70 -32.10
CA LEU A 241 -4.13 -1.28 -33.44
C LEU A 241 -4.86 -2.63 -33.49
N THR A 242 -4.81 -3.39 -32.38
CA THR A 242 -5.56 -4.66 -32.26
C THR A 242 -7.05 -4.38 -32.48
N ARG A 243 -7.62 -3.39 -31.79
CA ARG A 243 -9.06 -3.10 -31.88
C ARG A 243 -9.41 -2.65 -33.29
N MET A 244 -8.58 -1.82 -33.90
CA MET A 244 -8.82 -1.34 -35.29
C MET A 244 -8.78 -2.55 -36.25
N LEU A 245 -7.87 -3.49 -36.07
CA LEU A 245 -7.73 -4.68 -36.96
C LEU A 245 -8.88 -5.66 -36.71
N ALA A 246 -9.37 -5.78 -35.48
CA ALA A 246 -10.53 -6.63 -35.12
C ALA A 246 -11.82 -6.09 -35.74
N SER A 247 -11.84 -4.82 -36.16
CA SER A 247 -12.93 -4.16 -36.92
C SER A 247 -13.05 -4.73 -38.33
N THR A 248 -11.99 -5.34 -38.81
CA THR A 248 -11.73 -5.63 -40.25
C THR A 248 -12.43 -6.92 -40.69
N HIS A 249 -13.12 -6.91 -41.84
CA HIS A 249 -13.60 -8.15 -42.50
C HIS A 249 -12.40 -9.07 -42.72
N PHE A 250 -11.23 -8.52 -43.09
CA PHE A 250 -10.03 -9.31 -43.36
C PHE A 250 -9.69 -10.21 -42.15
N VAL A 251 -9.70 -9.66 -40.94
CA VAL A 251 -9.31 -10.39 -39.71
C VAL A 251 -10.45 -11.34 -39.32
N GLN A 252 -11.68 -10.90 -39.46
CA GLN A 252 -12.91 -11.67 -39.14
C GLN A 252 -12.96 -12.92 -40.06
N GLN A 253 -12.50 -12.82 -41.28
CA GLN A 253 -12.38 -14.00 -42.20
C GLN A 253 -11.29 -14.96 -41.71
N GLN A 254 -10.09 -14.47 -41.37
CA GLN A 254 -9.01 -15.37 -40.87
C GLN A 254 -9.55 -16.15 -39.69
N ALA A 255 -10.32 -15.49 -38.82
CA ALA A 255 -10.86 -16.10 -37.59
C ALA A 255 -11.90 -17.15 -38.00
N ASN A 256 -12.72 -16.83 -39.00
CA ASN A 256 -13.78 -17.74 -39.49
C ASN A 256 -13.21 -19.09 -39.92
N VAL A 257 -12.03 -19.13 -40.54
CA VAL A 257 -11.43 -20.41 -41.02
C VAL A 257 -10.91 -21.21 -39.81
N LEU A 258 -10.30 -20.54 -38.81
CA LEU A 258 -9.79 -21.22 -37.59
C LEU A 258 -10.93 -21.95 -36.89
N LEU A 259 -12.15 -21.42 -36.91
CA LEU A 259 -13.28 -21.93 -36.08
C LEU A 259 -14.06 -23.02 -36.85
N ASN A 260 -13.81 -23.24 -38.14
CA ASN A 260 -14.55 -24.25 -38.98
C ASN A 260 -13.55 -25.06 -39.82
N GLY B 3 -0.88 21.86 -15.67
CA GLY B 3 -0.56 21.12 -14.39
C GLY B 3 -1.83 20.60 -13.76
N MET B 4 -1.93 19.29 -13.56
CA MET B 4 -3.01 18.60 -12.76
C MET B 4 -2.38 17.32 -12.19
N GLN B 5 -2.75 16.98 -10.94
CA GLN B 5 -2.36 15.72 -10.28
C GLN B 5 -3.55 14.75 -10.37
N ILE B 6 -3.26 13.48 -10.59
CA ILE B 6 -4.19 12.36 -10.34
C ILE B 6 -3.47 11.29 -9.51
N PHE B 7 -4.22 10.38 -8.93
CA PHE B 7 -3.75 9.27 -8.07
C PHE B 7 -4.01 7.94 -8.77
N VAL B 8 -3.08 7.00 -8.62
CA VAL B 8 -3.24 5.61 -9.07
C VAL B 8 -3.03 4.68 -7.87
N LYS B 9 -4.04 3.88 -7.53
CA LYS B 9 -3.88 2.74 -6.60
C LYS B 9 -3.35 1.51 -7.37
N THR B 10 -2.22 0.95 -6.92
CA THR B 10 -1.47 -0.11 -7.62
C THR B 10 -1.86 -1.46 -7.04
N LEU B 11 -1.43 -2.56 -7.63
CA LEU B 11 -1.77 -3.93 -7.19
C LEU B 11 -1.20 -4.20 -5.79
N THR B 12 -0.10 -3.53 -5.39
CA THR B 12 0.51 -3.74 -4.04
C THR B 12 -0.28 -2.98 -2.97
N GLY B 13 -1.21 -2.13 -3.38
CA GLY B 13 -2.06 -1.34 -2.44
C GLY B 13 -1.51 0.06 -2.18
N LYS B 14 -0.38 0.38 -2.77
CA LYS B 14 0.29 1.70 -2.75
C LYS B 14 -0.49 2.68 -3.63
N THR B 15 -0.72 3.91 -3.20
CA THR B 15 -1.22 5.04 -4.01
C THR B 15 -0.05 5.91 -4.49
N ILE B 16 0.07 6.12 -5.78
CA ILE B 16 1.11 7.01 -6.39
C ILE B 16 0.38 8.23 -6.96
N THR B 17 1.11 9.34 -7.13
CA THR B 17 0.62 10.57 -7.76
C THR B 17 1.29 10.69 -9.15
N LEU B 18 0.50 11.13 -10.13
CA LEU B 18 0.96 11.41 -11.50
C LEU B 18 0.76 12.92 -11.79
N GLU B 19 1.69 13.51 -12.51
CA GLU B 19 1.55 14.83 -13.16
C GLU B 19 1.00 14.63 -14.57
N VAL B 20 -0.16 15.18 -14.88
CA VAL B 20 -0.87 14.94 -16.16
C VAL B 20 -1.55 16.21 -16.65
N GLU B 21 -2.04 16.18 -17.89
CA GLU B 21 -2.96 17.17 -18.48
C GLU B 21 -4.28 16.49 -18.83
N PRO B 22 -5.42 17.20 -18.81
CA PRO B 22 -6.69 16.61 -19.28
C PRO B 22 -6.59 15.98 -20.68
N SER B 23 -5.71 16.51 -21.51
CA SER B 23 -5.57 16.17 -22.94
C SER B 23 -4.57 15.02 -23.11
N ASP B 24 -3.97 14.53 -22.01
CA ASP B 24 -3.08 13.34 -22.04
C ASP B 24 -3.89 12.13 -22.52
N THR B 25 -3.30 11.34 -23.41
CA THR B 25 -3.86 10.05 -23.87
C THR B 25 -3.69 9.00 -22.77
N ILE B 26 -4.54 7.99 -22.80
CA ILE B 26 -4.50 6.86 -21.83
C ILE B 26 -3.14 6.19 -21.97
N GLU B 27 -2.64 6.00 -23.20
CA GLU B 27 -1.31 5.33 -23.41
C GLU B 27 -0.23 6.16 -22.72
N ASN B 28 -0.33 7.48 -22.74
CA ASN B 28 0.63 8.40 -22.08
C ASN B 28 0.59 8.17 -20.56
N VAL B 29 -0.60 7.98 -20.02
CA VAL B 29 -0.82 7.79 -18.54
C VAL B 29 -0.21 6.45 -18.14
N LYS B 30 -0.42 5.42 -18.95
CA LYS B 30 0.13 4.06 -18.67
C LYS B 30 1.65 4.13 -18.74
N ALA B 31 2.21 4.94 -19.65
CA ALA B 31 3.68 5.12 -19.81
C ALA B 31 4.24 5.83 -18.58
N LYS B 32 3.48 6.78 -18.01
CA LYS B 32 3.89 7.48 -16.75
C LYS B 32 3.87 6.50 -15.58
N ILE B 33 2.94 5.55 -15.59
CA ILE B 33 2.83 4.51 -14.53
C ILE B 33 4.04 3.58 -14.66
N GLN B 34 4.37 3.17 -15.89
CA GLN B 34 5.55 2.32 -16.17
C GLN B 34 6.81 3.07 -15.70
N ASP B 35 6.88 4.36 -15.99
CA ASP B 35 8.03 5.25 -15.63
C ASP B 35 8.25 5.17 -14.13
N LYS B 36 7.18 5.29 -13.34
CA LYS B 36 7.29 5.49 -11.87
C LYS B 36 7.33 4.14 -11.16
N GLU B 37 6.63 3.12 -11.67
CA GLU B 37 6.42 1.84 -10.94
C GLU B 37 7.00 0.65 -11.71
N GLY B 38 7.26 0.80 -13.01
CA GLY B 38 7.95 -0.23 -13.80
C GLY B 38 6.98 -1.25 -14.35
N ILE B 39 5.68 -1.04 -14.21
CA ILE B 39 4.63 -1.95 -14.74
C ILE B 39 4.39 -1.65 -16.22
N PRO B 40 4.60 -2.63 -17.12
CA PRO B 40 4.37 -2.42 -18.55
C PRO B 40 2.92 -2.12 -18.89
N PRO B 41 2.65 -1.18 -19.83
CA PRO B 41 1.29 -0.88 -20.26
C PRO B 41 0.39 -2.09 -20.54
N ASP B 42 0.93 -3.15 -21.14
CA ASP B 42 0.11 -4.31 -21.59
C ASP B 42 -0.26 -5.19 -20.39
N GLN B 43 0.29 -4.95 -19.20
CA GLN B 43 -0.05 -5.65 -17.94
C GLN B 43 -0.91 -4.78 -17.07
N GLN B 44 -1.31 -3.60 -17.57
CA GLN B 44 -2.08 -2.58 -16.77
C GLN B 44 -3.56 -2.74 -17.12
N ARG B 45 -4.34 -3.10 -16.08
CA ARG B 45 -5.83 -3.06 -16.18
C ARG B 45 -6.35 -1.85 -15.42
N LEU B 46 -6.43 -0.77 -16.18
CA LEU B 46 -6.50 0.63 -15.56
C LEU B 46 -7.95 1.06 -15.58
N ILE B 47 -8.52 1.33 -14.41
CA ILE B 47 -9.99 1.51 -14.20
C ILE B 47 -10.23 2.92 -13.67
N PHE B 48 -11.22 3.60 -14.28
CA PHE B 48 -11.83 4.79 -13.67
C PHE B 48 -13.34 4.55 -13.58
N ALA B 49 -13.91 4.65 -12.39
CA ALA B 49 -15.36 4.59 -12.18
C ALA B 49 -15.96 3.40 -12.98
N GLY B 50 -15.28 2.28 -12.96
CA GLY B 50 -15.81 0.97 -13.37
C GLY B 50 -15.51 0.68 -14.82
N LYS B 51 -14.81 1.57 -15.53
CA LYS B 51 -14.45 1.35 -16.95
C LYS B 51 -12.95 1.16 -17.09
N GLN B 52 -12.56 0.24 -17.94
CA GLN B 52 -11.16 0.09 -18.41
C GLN B 52 -10.87 1.21 -19.40
N LEU B 53 -9.81 1.98 -19.15
CA LEU B 53 -9.44 3.10 -20.04
C LEU B 53 -8.73 2.57 -21.29
N GLU B 54 -9.16 3.08 -22.46
CA GLU B 54 -8.70 2.57 -23.78
C GLU B 54 -7.66 3.52 -24.36
N ASP B 55 -6.59 2.94 -24.91
CA ASP B 55 -5.55 3.65 -25.68
C ASP B 55 -6.25 4.39 -26.82
N GLY B 56 -5.83 5.62 -27.10
CA GLY B 56 -6.41 6.44 -28.18
C GLY B 56 -7.48 7.35 -27.62
N ARG B 57 -7.89 7.19 -26.35
CA ARG B 57 -8.78 8.19 -25.68
C ARG B 57 -7.89 9.11 -24.84
N THR B 58 -8.44 10.21 -24.34
CA THR B 58 -7.81 11.14 -23.37
C THR B 58 -8.47 11.02 -22.01
N LEU B 59 -7.82 11.54 -20.98
CA LEU B 59 -8.36 11.64 -19.60
C LEU B 59 -9.71 12.37 -19.64
N SER B 60 -9.81 13.45 -20.39
CA SER B 60 -11.02 14.33 -20.41
C SER B 60 -12.17 13.61 -21.13
N ASP B 61 -11.85 12.68 -22.03
CA ASP B 61 -12.87 11.76 -22.63
C ASP B 61 -13.62 11.00 -21.53
N TYR B 62 -12.95 10.71 -20.41
CA TYR B 62 -13.51 9.94 -19.27
C TYR B 62 -13.89 10.88 -18.13
N ASN B 63 -13.88 12.18 -18.39
CA ASN B 63 -14.17 13.24 -17.40
C ASN B 63 -13.29 13.04 -16.16
N ILE B 64 -12.02 12.66 -16.36
CA ILE B 64 -11.03 12.52 -15.25
C ILE B 64 -10.43 13.90 -14.99
N GLN B 65 -10.58 14.40 -13.77
CA GLN B 65 -10.23 15.78 -13.37
C GLN B 65 -9.20 15.73 -12.27
N LYS B 66 -8.82 16.90 -11.76
CA LYS B 66 -7.80 17.07 -10.70
C LYS B 66 -8.17 16.13 -9.54
N GLU B 67 -7.22 15.33 -9.08
CA GLU B 67 -7.32 14.54 -7.82
C GLU B 67 -8.25 13.36 -7.98
N SER B 68 -8.61 12.99 -9.22
CA SER B 68 -9.27 11.70 -9.52
C SER B 68 -8.32 10.56 -9.14
N THR B 69 -8.87 9.42 -8.73
CA THR B 69 -8.13 8.20 -8.41
C THR B 69 -8.43 7.16 -9.49
N LEU B 70 -7.39 6.64 -10.13
CA LEU B 70 -7.51 5.45 -11.01
C LEU B 70 -7.05 4.22 -10.22
N HIS B 71 -7.54 3.05 -10.65
CA HIS B 71 -7.22 1.76 -9.99
C HIS B 71 -6.51 0.89 -11.01
N LEU B 72 -5.42 0.27 -10.61
CA LEU B 72 -4.80 -0.88 -11.32
C LEU B 72 -5.37 -2.16 -10.69
N VAL B 73 -5.89 -3.04 -11.54
CA VAL B 73 -6.86 -4.07 -11.06
C VAL B 73 -6.43 -5.44 -11.60
N LEU B 74 -6.86 -6.44 -10.87
CA LEU B 74 -6.90 -7.88 -11.16
C LEU B 74 -8.24 -8.17 -11.81
N ARG B 75 -8.26 -9.14 -12.73
CA ARG B 75 -9.45 -9.45 -13.54
C ARG B 75 -10.38 -10.24 -12.61
N LEU B 76 -11.67 -9.86 -12.57
CA LEU B 76 -12.64 -10.50 -11.65
C LEU B 76 -13.21 -11.67 -12.42
N ARG B 77 -13.68 -12.73 -11.74
CA ARG B 77 -14.48 -13.83 -12.34
C ARG B 77 -15.49 -14.34 -11.32
N GLY B 78 -16.48 -15.15 -11.68
CA GLY B 78 -17.38 -15.79 -10.70
C GLY B 78 -18.25 -16.88 -11.29
N GLY B 79 -18.90 -17.67 -10.41
CA GLY B 79 -20.05 -18.56 -10.68
C GLY B 79 -21.14 -18.40 -9.60
N MET C 4 6.28 20.40 -60.26
CA MET C 4 7.03 19.49 -59.44
C MET C 4 6.61 18.03 -59.72
N GLN C 5 7.46 17.10 -59.26
CA GLN C 5 7.24 15.65 -59.32
C GLN C 5 6.75 15.13 -57.96
N ILE C 6 5.79 14.21 -57.98
CA ILE C 6 5.43 13.36 -56.80
C ILE C 6 5.38 11.90 -57.23
N PHE C 7 5.45 10.99 -56.27
CA PHE C 7 5.44 9.52 -56.49
C PHE C 7 4.18 8.94 -55.86
N VAL C 8 3.64 7.90 -56.47
CA VAL C 8 2.47 7.12 -55.95
C VAL C 8 2.84 5.65 -55.93
N LYS C 9 2.84 5.04 -54.74
CA LYS C 9 3.14 3.61 -54.56
C LYS C 9 1.83 2.82 -54.62
N THR C 10 1.84 1.72 -55.38
CA THR C 10 0.67 0.82 -55.50
C THR C 10 1.04 -0.48 -54.78
N LEU C 11 0.02 -1.29 -54.49
CA LEU C 11 0.21 -2.58 -53.79
C LEU C 11 0.88 -3.59 -54.72
N THR C 12 0.81 -3.42 -56.03
CA THR C 12 1.47 -4.32 -57.01
C THR C 12 2.99 -4.06 -57.05
N GLY C 13 3.46 -2.99 -56.40
CA GLY C 13 4.89 -2.70 -56.25
C GLY C 13 5.35 -1.69 -57.29
N LYS C 14 4.43 -1.21 -58.12
CA LYS C 14 4.67 -0.10 -59.08
C LYS C 14 4.75 1.20 -58.27
N THR C 15 5.81 1.97 -58.46
CA THR C 15 5.83 3.43 -58.17
C THR C 15 5.57 4.18 -59.46
N ILE C 16 4.57 5.05 -59.47
CA ILE C 16 4.25 5.95 -60.64
C ILE C 16 4.71 7.36 -60.30
N THR C 17 5.32 8.05 -61.27
CA THR C 17 5.79 9.45 -61.01
C THR C 17 4.89 10.38 -61.79
N LEU C 18 4.43 11.44 -61.14
CA LEU C 18 3.41 12.39 -61.66
C LEU C 18 4.03 13.78 -61.75
N GLU C 19 3.72 14.48 -62.84
CA GLU C 19 3.96 15.94 -63.01
C GLU C 19 2.75 16.70 -62.47
N VAL C 20 2.95 17.54 -61.45
CA VAL C 20 1.84 18.22 -60.73
C VAL C 20 2.25 19.64 -60.33
N GLU C 21 1.29 20.42 -59.88
CA GLU C 21 1.48 21.75 -59.24
C GLU C 21 0.92 21.68 -57.83
N PRO C 22 1.46 22.45 -56.86
CA PRO C 22 0.88 22.54 -55.52
C PRO C 22 -0.63 22.82 -55.52
N SER C 23 -1.12 23.52 -56.54
CA SER C 23 -2.51 24.01 -56.64
C SER C 23 -3.42 22.95 -57.29
N ASP C 24 -2.84 21.83 -57.72
CA ASP C 24 -3.63 20.70 -58.30
C ASP C 24 -4.59 20.16 -57.24
N THR C 25 -5.86 19.93 -57.62
CA THR C 25 -6.88 19.28 -56.77
C THR C 25 -6.61 17.77 -56.74
N ILE C 26 -7.08 17.10 -55.69
CA ILE C 26 -6.97 15.62 -55.53
C ILE C 26 -7.65 14.96 -56.73
N GLU C 27 -8.82 15.47 -57.15
CA GLU C 27 -9.57 15.00 -58.33
C GLU C 27 -8.66 15.01 -59.56
N ASN C 28 -7.90 16.09 -59.71
CA ASN C 28 -6.96 16.31 -60.86
C ASN C 28 -5.87 15.24 -60.82
N VAL C 29 -5.39 14.92 -59.61
CA VAL C 29 -4.29 13.93 -59.42
C VAL C 29 -4.83 12.55 -59.80
N LYS C 30 -6.05 12.24 -59.42
CA LYS C 30 -6.69 10.93 -59.75
C LYS C 30 -6.89 10.84 -61.26
N ALA C 31 -7.20 11.96 -61.92
CA ALA C 31 -7.39 12.03 -63.39
C ALA C 31 -6.04 11.78 -64.08
N LYS C 32 -4.96 12.28 -63.51
CA LYS C 32 -3.58 12.06 -64.04
C LYS C 32 -3.20 10.58 -63.89
N ILE C 33 -3.65 9.94 -62.81
CA ILE C 33 -3.40 8.50 -62.57
C ILE C 33 -4.21 7.68 -63.58
N GLN C 34 -5.45 8.06 -63.84
CA GLN C 34 -6.29 7.42 -64.90
C GLN C 34 -5.57 7.56 -66.24
N ASP C 35 -5.05 8.76 -66.52
CA ASP C 35 -4.33 9.08 -67.78
C ASP C 35 -3.19 8.09 -67.99
N LYS C 36 -2.39 7.85 -66.96
CA LYS C 36 -1.09 7.16 -67.10
C LYS C 36 -1.26 5.66 -66.84
N GLU C 37 -2.23 5.24 -66.04
CA GLU C 37 -2.37 3.82 -65.59
C GLU C 37 -3.73 3.26 -66.05
N GLY C 38 -4.72 4.11 -66.36
CA GLY C 38 -6.02 3.67 -66.88
C GLY C 38 -6.99 3.30 -65.78
N ILE C 39 -6.64 3.59 -64.52
CA ILE C 39 -7.52 3.33 -63.35
C ILE C 39 -8.50 4.48 -63.19
N PRO C 40 -9.82 4.24 -63.25
CA PRO C 40 -10.82 5.28 -63.03
C PRO C 40 -10.76 5.93 -61.64
N PRO C 41 -10.89 7.29 -61.59
CA PRO C 41 -10.87 8.02 -60.32
C PRO C 41 -11.72 7.42 -59.20
N ASP C 42 -12.92 6.92 -59.51
CA ASP C 42 -13.90 6.49 -58.49
C ASP C 42 -13.46 5.14 -57.87
N GLN C 43 -12.40 4.52 -58.38
CA GLN C 43 -11.83 3.28 -57.80
C GLN C 43 -10.59 3.60 -56.95
N GLN C 44 -10.20 4.87 -56.88
CA GLN C 44 -8.89 5.30 -56.32
C GLN C 44 -9.10 5.90 -54.94
N ARG C 45 -8.38 5.40 -53.93
CA ARG C 45 -8.20 6.11 -52.62
C ARG C 45 -6.72 6.45 -52.46
N LEU C 46 -6.44 7.75 -52.33
CA LEU C 46 -5.07 8.26 -52.10
C LEU C 46 -4.87 8.55 -50.61
N ILE C 47 -3.68 8.21 -50.10
CA ILE C 47 -3.20 8.47 -48.72
C ILE C 47 -1.91 9.28 -48.81
N PHE C 48 -1.80 10.33 -48.00
CA PHE C 48 -0.49 10.96 -47.73
C PHE C 48 -0.24 10.93 -46.21
N ALA C 49 0.86 10.29 -45.82
CA ALA C 49 1.33 10.27 -44.43
C ALA C 49 0.16 10.02 -43.48
N GLY C 50 -0.70 9.07 -43.82
CA GLY C 50 -1.72 8.50 -42.92
C GLY C 50 -3.03 9.27 -42.96
N LYS C 51 -3.15 10.22 -43.88
CA LYS C 51 -4.42 10.95 -44.11
C LYS C 51 -4.96 10.65 -45.51
N GLN C 52 -6.22 10.30 -45.57
CA GLN C 52 -6.93 10.06 -46.86
C GLN C 52 -7.20 11.42 -47.51
N LEU C 53 -6.80 11.58 -48.77
CA LEU C 53 -6.94 12.84 -49.52
C LEU C 53 -8.37 12.94 -50.05
N GLU C 54 -8.99 14.11 -49.89
CA GLU C 54 -10.41 14.36 -50.27
C GLU C 54 -10.44 15.17 -51.58
N ASP C 55 -11.39 14.87 -52.46
CA ASP C 55 -11.40 15.25 -53.89
C ASP C 55 -11.28 16.77 -54.10
N GLY C 56 -11.91 17.60 -53.25
CA GLY C 56 -12.07 19.04 -53.51
C GLY C 56 -10.92 19.85 -52.95
N ARG C 57 -9.95 19.20 -52.31
CA ARG C 57 -8.77 19.84 -51.69
C ARG C 57 -7.60 19.82 -52.69
N THR C 58 -6.54 20.59 -52.39
CA THR C 58 -5.32 20.69 -53.21
C THR C 58 -4.16 19.96 -52.54
N LEU C 59 -3.12 19.67 -53.30
CA LEU C 59 -1.87 19.05 -52.79
C LEU C 59 -1.31 19.91 -51.65
N SER C 60 -1.31 21.23 -51.81
CA SER C 60 -0.69 22.19 -50.84
C SER C 60 -1.53 22.24 -49.56
N ASP C 61 -2.83 21.97 -49.66
CA ASP C 61 -3.70 21.80 -48.46
C ASP C 61 -3.13 20.74 -47.53
N TYR C 62 -2.48 19.71 -48.10
CA TYR C 62 -1.93 18.55 -47.35
C TYR C 62 -0.41 18.70 -47.19
N ASN C 63 0.12 19.86 -47.53
CA ASN C 63 1.58 20.15 -47.46
C ASN C 63 2.34 19.06 -48.24
N ILE C 64 1.80 18.65 -49.38
CA ILE C 64 2.47 17.70 -50.32
C ILE C 64 3.41 18.51 -51.22
N GLN C 65 4.70 18.22 -51.18
CA GLN C 65 5.75 19.01 -51.84
C GLN C 65 6.50 18.12 -52.83
N LYS C 66 7.52 18.68 -53.48
CA LYS C 66 8.33 17.98 -54.49
C LYS C 66 8.83 16.67 -53.86
N GLU C 67 8.67 15.55 -54.57
CA GLU C 67 9.26 14.24 -54.23
C GLU C 67 8.56 13.60 -53.03
N SER C 68 7.39 14.09 -52.64
CA SER C 68 6.48 13.38 -51.70
C SER C 68 6.02 12.07 -52.35
N THR C 69 5.80 11.05 -51.52
CA THR C 69 5.25 9.75 -51.94
C THR C 69 3.83 9.63 -51.39
N LEU C 70 2.86 9.37 -52.25
CA LEU C 70 1.49 9.03 -51.82
C LEU C 70 1.32 7.50 -51.88
N HIS C 71 0.25 6.99 -51.32
CA HIS C 71 -0.16 5.58 -51.42
C HIS C 71 -1.51 5.48 -52.15
N LEU C 72 -1.56 4.66 -53.18
CA LEU C 72 -2.81 4.37 -53.93
C LEU C 72 -3.35 3.04 -53.44
N VAL C 73 -4.62 3.00 -53.03
CA VAL C 73 -5.36 1.74 -52.80
C VAL C 73 -6.60 1.71 -53.69
N LEU C 74 -6.83 0.59 -54.39
CA LEU C 74 -7.98 0.46 -55.32
C LEU C 74 -9.12 -0.24 -54.61
N ARG C 75 -10.33 0.19 -54.87
CA ARG C 75 -11.57 -0.40 -54.32
C ARG C 75 -11.69 -1.84 -54.80
N LEU C 76 -12.37 -2.66 -54.01
CA LEU C 76 -12.63 -4.09 -54.32
C LEU C 76 -13.74 -4.14 -55.39
N ARG C 77 -13.79 -5.18 -56.23
CA ARG C 77 -14.97 -5.51 -57.08
C ARG C 77 -16.27 -5.55 -56.26
N GLY C 78 -16.20 -5.91 -54.97
CA GLY C 78 -17.30 -5.77 -53.99
C GLY C 78 -17.03 -4.78 -52.84
N GLY C 79 -16.30 -5.21 -51.80
CA GLY C 79 -16.12 -4.45 -50.55
C GLY C 79 -16.45 -5.28 -49.32
N MET D 4 -34.73 37.20 -14.17
CA MET D 4 -35.59 36.00 -14.18
C MET D 4 -35.08 34.98 -13.16
N GLN D 5 -35.92 33.99 -12.86
CA GLN D 5 -35.59 32.85 -11.97
C GLN D 5 -35.24 31.62 -12.80
N ILE D 6 -34.25 30.86 -12.36
CA ILE D 6 -34.00 29.46 -12.84
C ILE D 6 -33.83 28.56 -11.63
N PHE D 7 -33.96 27.26 -11.84
CA PHE D 7 -33.83 26.19 -10.81
C PHE D 7 -32.62 25.32 -11.14
N VAL D 8 -31.91 24.88 -10.10
CA VAL D 8 -30.73 23.98 -10.23
C VAL D 8 -30.93 22.78 -9.32
N LYS D 9 -31.02 21.60 -9.91
CA LYS D 9 -31.31 20.33 -9.17
C LYS D 9 -29.99 19.65 -8.91
N THR D 10 -29.77 19.13 -7.71
CA THR D 10 -28.59 18.33 -7.31
C THR D 10 -29.00 16.87 -7.24
N LEU D 11 -28.02 15.96 -7.19
CA LEU D 11 -28.29 14.49 -7.15
C LEU D 11 -28.88 14.11 -5.79
N THR D 12 -28.65 14.90 -4.74
CA THR D 12 -29.21 14.63 -3.39
C THR D 12 -30.69 15.02 -3.34
N GLY D 13 -31.20 15.68 -4.38
CA GLY D 13 -32.63 15.99 -4.53
C GLY D 13 -32.92 17.41 -4.09
N LYS D 14 -31.92 18.18 -3.71
CA LYS D 14 -32.04 19.63 -3.38
C LYS D 14 -32.24 20.41 -4.68
N THR D 15 -33.28 21.22 -4.77
CA THR D 15 -33.50 22.20 -5.85
C THR D 15 -33.16 23.58 -5.27
N ILE D 16 -32.26 24.33 -5.91
CA ILE D 16 -31.99 25.73 -5.49
C ILE D 16 -32.54 26.66 -6.57
N THR D 17 -33.05 27.82 -6.15
CA THR D 17 -33.65 28.82 -7.09
C THR D 17 -32.70 30.01 -7.16
N LEU D 18 -32.39 30.46 -8.36
CA LEU D 18 -31.36 31.51 -8.63
C LEU D 18 -32.05 32.70 -9.31
N GLU D 19 -31.63 33.91 -8.94
CA GLU D 19 -31.93 35.18 -9.66
C GLU D 19 -30.84 35.43 -10.69
N VAL D 20 -31.20 35.50 -11.97
CA VAL D 20 -30.20 35.60 -13.08
C VAL D 20 -30.72 36.52 -14.17
N GLU D 21 -29.83 36.87 -15.10
CA GLU D 21 -30.14 37.63 -16.36
C GLU D 21 -29.75 36.76 -17.54
N PRO D 22 -30.45 36.85 -18.69
CA PRO D 22 -30.06 36.12 -19.90
C PRO D 22 -28.57 36.29 -20.26
N SER D 23 -27.99 37.43 -19.90
CA SER D 23 -26.62 37.83 -20.30
C SER D 23 -25.59 37.32 -19.27
N ASP D 24 -26.05 36.69 -18.17
CA ASP D 24 -25.14 36.10 -17.16
C ASP D 24 -24.31 34.99 -17.81
N THR D 25 -23.00 34.97 -17.57
CA THR D 25 -22.09 33.88 -17.99
C THR D 25 -22.29 32.67 -17.08
N ILE D 26 -21.91 31.49 -17.58
CA ILE D 26 -21.95 30.20 -16.83
C ILE D 26 -21.11 30.35 -15.56
N GLU D 27 -19.93 30.96 -15.68
CA GLU D 27 -19.01 31.28 -14.56
C GLU D 27 -19.77 32.07 -13.48
N ASN D 28 -20.54 33.05 -13.91
CA ASN D 28 -21.34 33.95 -13.04
C ASN D 28 -22.39 33.12 -12.29
N VAL D 29 -23.01 32.17 -12.96
CA VAL D 29 -24.06 31.29 -12.38
C VAL D 29 -23.41 30.41 -11.31
N LYS D 30 -22.23 29.87 -11.59
CA LYS D 30 -21.47 29.05 -10.62
C LYS D 30 -21.08 29.89 -9.40
N ALA D 31 -20.76 31.16 -9.59
CA ALA D 31 -20.39 32.11 -8.51
C ALA D 31 -21.62 32.39 -7.64
N LYS D 32 -22.80 32.46 -8.25
CA LYS D 32 -24.09 32.65 -7.52
C LYS D 32 -24.39 31.40 -6.68
N ILE D 33 -24.03 30.23 -7.21
CA ILE D 33 -24.24 28.94 -6.50
C ILE D 33 -23.27 28.88 -5.31
N GLN D 34 -22.03 29.30 -5.49
CA GLN D 34 -21.03 29.40 -4.39
C GLN D 34 -21.57 30.37 -3.33
N ASP D 35 -22.12 31.50 -3.77
CA ASP D 35 -22.69 32.54 -2.87
C ASP D 35 -23.75 31.92 -1.95
N LYS D 36 -24.66 31.13 -2.52
CA LYS D 36 -25.90 30.72 -1.83
C LYS D 36 -25.69 29.36 -1.14
N GLU D 37 -24.80 28.52 -1.66
CA GLU D 37 -24.63 27.12 -1.17
C GLU D 37 -23.22 26.92 -0.62
N GLY D 38 -22.26 27.75 -1.00
CA GLY D 38 -20.87 27.66 -0.51
C GLY D 38 -20.06 26.64 -1.29
N ILE D 39 -20.60 26.12 -2.40
CA ILE D 39 -19.90 25.14 -3.29
C ILE D 39 -18.98 25.90 -4.23
N PRO D 40 -17.66 25.62 -4.19
CA PRO D 40 -16.72 26.26 -5.11
C PRO D 40 -16.97 25.93 -6.58
N PRO D 41 -16.87 26.94 -7.49
CA PRO D 41 -17.05 26.71 -8.91
C PRO D 41 -16.32 25.49 -9.49
N ASP D 42 -15.10 25.16 -9.03
CA ASP D 42 -14.28 24.08 -9.63
C ASP D 42 -14.85 22.69 -9.26
N GLN D 43 -15.86 22.63 -8.38
CA GLN D 43 -16.55 21.37 -8.02
C GLN D 43 -17.86 21.21 -8.81
N GLN D 44 -18.21 22.21 -9.61
CA GLN D 44 -19.55 22.36 -10.19
C GLN D 44 -19.51 22.06 -11.69
N ARG D 45 -20.32 21.09 -12.13
CA ARG D 45 -20.61 20.86 -13.57
C ARG D 45 -22.09 21.14 -13.81
N LEU D 46 -22.40 22.11 -14.66
CA LEU D 46 -23.78 22.47 -15.01
C LEU D 46 -24.20 21.82 -16.33
N ILE D 47 -25.38 21.21 -16.30
CA ILE D 47 -26.03 20.57 -17.49
C ILE D 47 -27.34 21.29 -17.77
N PHE D 48 -27.62 21.58 -19.03
CA PHE D 48 -28.98 21.98 -19.49
C PHE D 48 -29.41 21.05 -20.62
N ALA D 49 -30.51 20.33 -20.38
CA ALA D 49 -31.12 19.41 -21.36
C ALA D 49 -30.03 18.56 -22.03
N GLY D 50 -29.08 18.06 -21.24
CA GLY D 50 -28.15 17.00 -21.67
C GLY D 50 -26.87 17.56 -22.26
N LYS D 51 -26.70 18.87 -22.22
CA LYS D 51 -25.43 19.52 -22.68
C LYS D 51 -24.70 20.15 -21.48
N GLN D 52 -23.40 19.94 -21.43
CA GLN D 52 -22.53 20.58 -20.44
C GLN D 52 -22.35 22.05 -20.80
N LEU D 53 -22.65 22.95 -19.88
CA LEU D 53 -22.52 24.41 -20.07
C LEU D 53 -21.04 24.79 -19.87
N GLU D 54 -20.50 25.61 -20.76
CA GLU D 54 -19.07 26.03 -20.77
C GLU D 54 -18.96 27.44 -20.19
N ASP D 55 -17.88 27.69 -19.44
CA ASP D 55 -17.75 28.83 -18.50
C ASP D 55 -17.91 30.19 -19.20
N GLY D 56 -17.42 30.35 -20.43
CA GLY D 56 -17.29 31.66 -21.08
C GLY D 56 -18.54 32.03 -21.87
N ARG D 57 -19.56 31.17 -21.87
CA ARG D 57 -20.83 31.36 -22.60
C ARG D 57 -21.88 31.93 -21.65
N THR D 58 -23.00 32.42 -22.21
CA THR D 58 -24.11 33.04 -21.45
C THR D 58 -25.31 32.09 -21.43
N LEU D 59 -26.25 32.34 -20.51
CA LEU D 59 -27.52 31.57 -20.41
C LEU D 59 -28.24 31.62 -21.75
N SER D 60 -28.29 32.79 -22.39
CA SER D 60 -29.07 33.01 -23.64
C SER D 60 -28.39 32.29 -24.81
N ASP D 61 -27.07 32.08 -24.75
CA ASP D 61 -26.35 31.25 -25.74
C ASP D 61 -26.97 29.85 -25.79
N TYR D 62 -27.48 29.36 -24.65
CA TYR D 62 -28.04 27.99 -24.51
C TYR D 62 -29.57 28.04 -24.53
N ASN D 63 -30.14 29.21 -24.85
CA ASN D 63 -31.59 29.43 -24.87
C ASN D 63 -32.19 29.00 -23.52
N ILE D 64 -31.51 29.31 -22.43
CA ILE D 64 -32.02 29.08 -21.05
C ILE D 64 -32.88 30.28 -20.67
N GLN D 65 -34.15 30.05 -20.35
CA GLN D 65 -35.18 31.11 -20.14
C GLN D 65 -35.72 31.01 -18.72
N LYS D 66 -36.68 31.88 -18.39
CA LYS D 66 -37.32 31.94 -17.06
C LYS D 66 -37.84 30.52 -16.74
N GLU D 67 -37.55 30.04 -15.53
CA GLU D 67 -38.12 28.80 -14.95
C GLU D 67 -37.52 27.57 -15.60
N SER D 68 -36.41 27.71 -16.33
CA SER D 68 -35.60 26.55 -16.79
C SER D 68 -35.03 25.85 -15.56
N THR D 69 -34.87 24.53 -15.67
CA THR D 69 -34.16 23.69 -14.66
C THR D 69 -32.80 23.30 -15.21
N LEU D 70 -31.73 23.61 -14.49
CA LEU D 70 -30.39 23.05 -14.78
C LEU D 70 -30.14 21.88 -13.84
N HIS D 71 -29.14 21.08 -14.17
CA HIS D 71 -28.68 19.96 -13.33
C HIS D 71 -27.24 20.24 -12.89
N LEU D 72 -27.03 20.23 -11.58
CA LEU D 72 -25.70 20.44 -10.96
C LEU D 72 -25.12 19.07 -10.62
N VAL D 73 -24.00 18.76 -11.18
CA VAL D 73 -23.22 17.52 -10.90
C VAL D 73 -21.97 17.93 -10.14
N LEU D 74 -21.90 17.46 -8.91
CA LEU D 74 -20.87 17.90 -7.94
C LEU D 74 -19.78 16.84 -7.95
N ARG D 75 -18.54 17.28 -7.80
CA ARG D 75 -17.38 16.38 -7.57
C ARG D 75 -17.58 15.60 -6.26
N LEU D 76 -17.08 14.39 -6.25
CA LEU D 76 -17.28 13.38 -5.20
C LEU D 76 -16.45 13.74 -3.94
N ARG D 77 -17.00 13.53 -2.77
CA ARG D 77 -16.29 13.11 -1.50
C ARG D 77 -16.13 14.26 -0.51
N GLY D 78 -16.35 15.50 -0.88
CA GLY D 78 -16.08 16.66 0.01
C GLY D 78 -16.18 17.98 -0.74
N GLY D 79 -15.37 19.01 -0.42
CA GLY D 79 -15.02 20.10 -1.36
C GLY D 79 -15.80 21.41 -1.18
N ALA E 3 45.15 -10.50 31.84
CA ALA E 3 45.85 -9.30 32.46
C ALA E 3 44.79 -8.31 33.00
N ASN E 4 43.69 -8.12 32.28
CA ASN E 4 42.63 -7.10 32.59
C ASN E 4 42.09 -7.37 34.01
N ASP E 5 42.09 -6.31 34.83
CA ASP E 5 41.58 -6.31 36.24
C ASP E 5 40.03 -6.30 36.23
N GLN E 6 39.43 -7.29 36.91
CA GLN E 6 38.01 -7.68 36.65
C GLN E 6 37.07 -7.07 37.72
N ASP E 7 37.57 -6.19 38.60
CA ASP E 7 36.77 -5.70 39.73
C ASP E 7 35.76 -4.66 39.22
N LEU E 8 34.59 -4.64 39.82
CA LEU E 8 33.55 -3.56 39.70
C LEU E 8 34.17 -2.18 39.87
N SER E 9 35.15 -2.06 40.77
CA SER E 9 35.90 -0.82 41.07
C SER E 9 36.64 -0.28 39.88
N ASN E 10 37.10 -1.11 38.97
CA ASN E 10 37.87 -0.62 37.81
C ASN E 10 36.95 0.28 36.97
N PRO E 11 37.42 1.50 36.60
CA PRO E 11 36.60 2.37 35.79
C PRO E 11 36.32 1.81 34.39
N GLU E 12 37.03 0.76 34.00
CA GLU E 12 36.93 0.15 32.64
C GLU E 12 36.08 -1.13 32.70
N TYR E 13 35.56 -1.48 33.88
CA TYR E 13 34.74 -2.69 34.07
C TYR E 13 33.61 -2.74 33.01
N LEU E 14 33.53 -3.87 32.31
CA LEU E 14 32.56 -4.09 31.22
C LEU E 14 31.31 -4.74 31.78
N TYR E 15 30.15 -4.10 31.62
CA TYR E 15 28.87 -4.59 32.16
C TYR E 15 28.56 -5.94 31.54
N THR E 16 28.05 -6.87 32.36
CA THR E 16 27.54 -8.17 31.85
C THR E 16 26.03 -8.08 31.76
N GLU E 17 25.36 -9.08 31.21
CA GLU E 17 23.87 -9.10 31.16
C GLU E 17 23.33 -9.23 32.58
N ASP E 18 24.12 -9.81 33.51
CA ASP E 18 23.65 -9.91 34.93
C ASP E 18 23.68 -8.52 35.56
N ASP E 19 24.72 -7.73 35.32
CA ASP E 19 24.85 -6.40 35.92
C ASP E 19 23.62 -5.57 35.49
N ILE E 20 23.32 -5.60 34.19
CA ILE E 20 22.25 -4.77 33.64
C ILE E 20 20.89 -5.26 34.14
N ASN E 21 20.66 -6.56 34.17
CA ASN E 21 19.40 -7.14 34.71
C ASN E 21 19.20 -6.75 36.19
N GLN E 22 20.25 -6.73 37.02
CA GLN E 22 20.07 -6.37 38.46
C GLN E 22 19.73 -4.91 38.59
N LEU E 23 20.33 -4.06 37.76
CA LEU E 23 20.10 -2.59 37.79
C LEU E 23 18.68 -2.27 37.34
N LEU E 24 18.20 -2.89 36.25
CA LEU E 24 16.87 -2.61 35.70
C LEU E 24 15.82 -3.12 36.67
N LYS E 25 15.98 -4.33 37.17
CA LYS E 25 15.07 -4.94 38.18
C LYS E 25 15.03 -4.06 39.44
N HIS E 26 16.18 -3.49 39.85
CA HIS E 26 16.24 -2.61 41.03
C HIS E 26 15.44 -1.34 40.76
N TYR E 27 15.63 -0.69 39.62
CA TYR E 27 14.99 0.63 39.38
C TYR E 27 13.59 0.46 38.80
N LEU E 28 13.22 -0.70 38.25
CA LEU E 28 11.91 -0.85 37.50
C LEU E 28 11.11 -2.06 37.98
N GLY E 29 11.73 -3.04 38.66
CA GLY E 29 11.14 -4.37 38.83
C GLY E 29 9.85 -4.37 39.65
N LEU E 30 9.53 -3.28 40.37
CA LEU E 30 8.30 -3.20 41.22
C LEU E 30 7.05 -3.03 40.36
N ASP E 31 7.18 -2.48 39.15
CA ASP E 31 6.07 -2.40 38.16
C ASP E 31 6.06 -3.67 37.31
N ASP E 32 5.08 -4.57 37.46
CA ASP E 32 5.06 -5.88 36.75
C ASP E 32 4.42 -5.72 35.36
N ARG E 33 4.09 -4.50 34.97
CA ARG E 33 3.55 -4.17 33.63
C ARG E 33 4.71 -3.86 32.70
N ILE E 34 5.94 -3.88 33.22
CA ILE E 34 7.18 -3.61 32.46
C ILE E 34 7.93 -4.93 32.29
N SER E 35 8.12 -5.34 31.02
CA SER E 35 8.85 -6.56 30.67
C SER E 35 10.35 -6.26 30.57
N ILE E 36 11.17 -6.94 31.36
CA ILE E 36 12.62 -6.70 31.40
C ILE E 36 13.32 -7.88 30.71
N ILE E 37 13.94 -7.61 29.54
CA ILE E 37 14.70 -8.62 28.78
C ILE E 37 16.15 -8.60 29.27
N GLN E 38 16.77 -9.78 29.33
CA GLN E 38 18.11 -10.00 29.87
C GLN E 38 19.07 -10.30 28.73
N HIS E 39 18.76 -11.33 27.90
CA HIS E 39 19.76 -11.92 26.96
C HIS E 39 19.21 -11.97 25.54
N VAL E 40 19.66 -11.03 24.71
CA VAL E 40 19.33 -11.07 23.27
C VAL E 40 20.34 -10.23 22.52
N ALA E 41 20.93 -10.83 21.50
CA ALA E 41 22.00 -10.31 20.62
C ALA E 41 21.50 -10.38 19.19
N LEU E 42 21.87 -9.35 18.39
CA LEU E 42 21.50 -9.20 16.94
C LEU E 42 21.93 -10.42 16.14
N ASN E 43 22.92 -11.22 16.60
CA ASN E 43 23.43 -12.29 15.67
C ASN E 43 22.91 -13.65 16.12
N GLU E 44 22.03 -13.70 17.12
CA GLU E 44 21.21 -14.91 17.45
C GLU E 44 19.82 -14.74 16.76
N SER E 45 19.63 -15.24 15.54
CA SER E 45 18.47 -14.90 14.68
C SER E 45 17.16 -15.47 15.25
N LEU E 46 17.12 -16.73 15.64
CA LEU E 46 15.97 -17.39 16.30
C LEU E 46 15.67 -16.69 17.63
N LEU E 47 16.66 -16.42 18.50
CA LEU E 47 16.36 -15.87 19.82
C LEU E 47 15.87 -14.44 19.65
N LEU E 48 16.47 -13.67 18.73
CA LEU E 48 16.04 -12.30 18.47
C LEU E 48 14.57 -12.25 18.01
N LYS E 49 14.20 -13.14 17.10
CA LYS E 49 12.84 -13.20 16.52
C LYS E 49 11.88 -13.60 17.64
N GLN E 50 12.24 -14.66 18.39
CA GLN E 50 11.53 -15.12 19.61
C GLN E 50 11.27 -13.93 20.55
N THR E 51 12.32 -13.18 20.88
CA THR E 51 12.25 -12.11 21.88
C THR E 51 11.28 -11.03 21.39
N LEU E 52 11.46 -10.56 20.17
CA LEU E 52 10.64 -9.45 19.62
C LEU E 52 9.18 -9.92 19.52
N HIS E 53 8.98 -11.20 19.19
CA HIS E 53 7.62 -11.75 19.03
C HIS E 53 6.90 -11.72 20.38
N GLN E 54 7.57 -12.18 21.43
CA GLN E 54 6.99 -12.20 22.80
C GLN E 54 6.63 -10.77 23.22
N VAL E 55 7.55 -9.84 23.07
CA VAL E 55 7.41 -8.46 23.60
C VAL E 55 6.33 -7.75 22.79
N LEU E 56 6.43 -7.77 21.47
CA LEU E 56 5.45 -7.07 20.59
C LEU E 56 4.07 -7.67 20.80
N SER E 57 3.99 -9.01 20.96
CA SER E 57 2.68 -9.68 21.17
C SER E 57 2.09 -9.20 22.51
N ASP E 58 2.90 -9.18 23.58
CA ASP E 58 2.48 -8.77 24.93
C ASP E 58 2.01 -7.32 24.91
N ILE E 59 2.70 -6.44 24.18
CA ILE E 59 2.40 -4.99 24.30
C ILE E 59 1.17 -4.68 23.43
N PHE E 60 1.10 -5.24 22.23
CA PHE E 60 -0.06 -4.98 21.35
C PHE E 60 -1.36 -5.50 22.02
N SER E 61 -1.27 -6.58 22.78
CA SER E 61 -2.43 -7.28 23.39
C SER E 61 -2.72 -6.76 24.79
N GLY E 62 -1.88 -5.89 25.34
CA GLY E 62 -2.11 -5.28 26.67
C GLY E 62 -1.73 -6.20 27.83
N MET E 63 -0.92 -7.25 27.61
CA MET E 63 -0.49 -8.15 28.70
C MET E 63 0.64 -7.49 29.49
N GLN E 64 1.48 -6.73 28.80
CA GLN E 64 2.43 -5.75 29.37
C GLN E 64 2.10 -4.38 28.83
N GLU E 65 2.54 -3.31 29.50
CA GLU E 65 2.43 -1.90 29.02
C GLU E 65 3.69 -1.52 28.24
N LYS E 66 4.86 -1.96 28.70
CA LYS E 66 6.14 -1.55 28.08
C LYS E 66 7.22 -2.60 28.29
N ALA E 67 8.32 -2.45 27.62
CA ALA E 67 9.47 -3.37 27.66
C ALA E 67 10.75 -2.56 27.57
N VAL E 68 11.76 -3.00 28.29
CA VAL E 68 13.14 -2.43 28.21
C VAL E 68 14.03 -3.61 27.75
N ILE E 69 14.86 -3.32 26.73
CA ILE E 69 15.71 -4.33 26.04
C ILE E 69 17.11 -3.77 25.96
N PRO E 70 18.02 -4.30 26.80
CA PRO E 70 19.46 -4.14 26.58
C PRO E 70 19.81 -5.07 25.42
N LEU E 71 20.07 -4.51 24.25
CA LEU E 71 20.37 -5.31 23.02
C LEU E 71 21.87 -5.37 22.82
N HIS E 72 22.43 -6.57 22.79
CA HIS E 72 23.84 -6.84 22.46
C HIS E 72 23.99 -6.89 20.92
N THR E 73 25.01 -6.23 20.37
CA THR E 73 25.17 -6.05 18.92
C THR E 73 25.87 -7.27 18.32
N GLY E 74 26.28 -8.22 19.16
CA GLY E 74 27.16 -9.34 18.80
C GLY E 74 28.58 -8.87 18.63
N ASN E 75 28.88 -7.62 19.03
CA ASN E 75 30.19 -7.00 18.81
C ASN E 75 30.67 -6.29 20.09
N ASN E 76 30.53 -6.97 21.22
CA ASN E 76 31.09 -6.53 22.52
C ASN E 76 30.51 -5.17 22.87
N HIS E 77 29.22 -4.94 22.63
CA HIS E 77 28.60 -3.60 22.69
C HIS E 77 27.12 -3.75 23.00
N TRP E 78 26.61 -2.88 23.88
CA TRP E 78 25.19 -2.71 24.25
C TRP E 78 24.57 -1.48 23.60
N VAL E 79 23.33 -1.60 23.16
CA VAL E 79 22.41 -0.45 22.84
C VAL E 79 21.09 -0.59 23.59
N ALA E 80 20.31 0.46 23.65
CA ALA E 80 19.04 0.56 24.40
C ALA E 80 17.84 0.57 23.45
N MET E 81 16.93 -0.38 23.61
CA MET E 81 15.62 -0.44 22.89
C MET E 81 14.50 -0.56 23.93
N ALA E 82 13.51 0.31 23.85
CA ALA E 82 12.29 0.28 24.68
C ALA E 82 11.05 0.37 23.76
N ILE E 83 9.98 -0.33 24.16
CA ILE E 83 8.77 -0.53 23.35
C ILE E 83 7.56 -0.18 24.20
N LYS E 84 6.62 0.61 23.62
CA LYS E 84 5.34 0.95 24.28
C LYS E 84 4.20 1.00 23.27
N LYS E 85 2.97 1.06 23.75
CA LYS E 85 1.80 1.56 22.97
C LYS E 85 1.96 3.07 22.78
N GLY E 86 1.88 3.55 21.54
CA GLY E 86 1.81 5.00 21.24
C GLY E 86 0.39 5.47 21.44
N MET E 87 0.04 6.63 20.88
CA MET E 87 -1.26 7.30 21.13
C MET E 87 -2.23 7.03 19.96
N ASN E 88 -1.94 6.07 19.09
CA ASN E 88 -2.84 5.74 17.97
C ASN E 88 -3.02 4.24 17.86
N ASP E 89 -3.15 3.55 18.98
CA ASP E 89 -3.43 2.08 19.01
C ASP E 89 -2.29 1.41 18.20
N ASP E 90 -1.11 1.95 18.39
CA ASP E 90 0.09 1.65 17.58
C ASP E 90 1.23 1.32 18.57
N ILE E 91 2.25 0.67 18.05
CA ILE E 91 3.54 0.40 18.70
C ILE E 91 4.56 1.47 18.36
N VAL E 92 5.26 1.94 19.40
CA VAL E 92 6.38 2.90 19.27
C VAL E 92 7.61 2.26 19.87
N ILE E 93 8.59 1.96 19.04
CA ILE E 93 9.90 1.43 19.47
C ILE E 93 10.86 2.60 19.48
N SER E 94 11.48 2.89 20.64
CA SER E 94 12.53 3.90 20.83
C SER E 94 13.88 3.19 20.95
N TYR E 95 14.94 3.81 20.44
CA TYR E 95 16.28 3.18 20.36
C TYR E 95 17.41 4.20 20.58
N ASN E 96 18.45 3.86 21.36
CA ASN E 96 19.69 4.65 21.33
C ASN E 96 20.91 3.78 21.53
N ASP E 97 21.86 3.93 20.59
CA ASP E 97 23.25 3.44 20.68
C ASP E 97 24.10 4.55 21.26
N PRO E 98 24.64 4.38 22.47
CA PRO E 98 25.39 5.45 23.13
C PRO E 98 26.65 5.83 22.35
N MET E 99 27.00 5.08 21.32
CA MET E 99 28.11 5.44 20.38
C MET E 99 27.63 6.44 19.33
N GLY E 100 26.32 6.67 19.27
CA GLY E 100 25.67 7.54 18.28
C GLY E 100 25.47 6.88 16.93
N VAL E 101 25.72 5.60 16.83
CA VAL E 101 25.61 4.88 15.53
C VAL E 101 24.14 4.55 15.29
N SER E 102 23.69 4.68 14.06
CA SER E 102 22.29 4.63 13.61
C SER E 102 21.79 3.22 13.57
N ILE E 103 20.46 3.05 13.77
CA ILE E 103 19.77 1.76 13.87
C ILE E 103 19.79 1.09 12.47
N ASP E 104 19.99 1.89 11.43
CA ASP E 104 19.76 1.52 10.01
C ASP E 104 20.68 0.35 9.65
N ASP E 105 21.93 0.38 10.14
CA ASP E 105 22.87 -0.72 9.85
C ASP E 105 22.43 -2.01 10.55
N LYS E 106 21.50 -1.93 11.51
CA LYS E 106 21.06 -3.12 12.28
C LYS E 106 19.91 -3.86 11.59
N VAL E 107 20.29 -4.57 10.53
CA VAL E 107 19.35 -5.03 9.48
C VAL E 107 18.53 -6.18 10.03
N THR E 108 19.15 -7.03 10.85
CA THR E 108 18.41 -8.16 11.50
C THR E 108 17.36 -7.57 12.39
N LEU E 109 17.65 -6.51 13.13
CA LEU E 109 16.64 -5.92 14.07
C LEU E 109 15.50 -5.32 13.22
N ILE E 110 15.83 -4.48 12.27
CA ILE E 110 14.83 -3.75 11.43
C ILE E 110 13.94 -4.75 10.67
N ASN E 111 14.54 -5.78 10.09
CA ASN E 111 13.79 -6.73 9.21
C ASN E 111 12.91 -7.59 10.10
N CYS E 112 13.40 -7.90 11.32
CA CYS E 112 12.59 -8.71 12.28
C CYS E 112 11.36 -7.93 12.74
N ILE E 113 11.53 -6.65 13.03
CA ILE E 113 10.40 -5.72 13.38
C ILE E 113 9.42 -5.63 12.23
N LYS E 114 9.88 -5.43 11.00
CA LYS E 114 8.99 -5.23 9.82
C LYS E 114 8.15 -6.50 9.63
N GLU E 115 8.77 -7.66 9.81
CA GLU E 115 8.08 -8.96 9.68
C GLU E 115 6.91 -9.06 10.69
N LEU E 116 7.19 -8.72 11.93
CA LEU E 116 6.27 -9.02 13.07
C LEU E 116 5.24 -7.93 13.08
N CYS E 117 5.66 -6.69 12.87
CA CYS E 117 4.79 -5.49 13.06
C CYS E 117 5.17 -4.41 12.07
N PRO E 118 4.76 -4.48 10.79
CA PRO E 118 5.27 -3.57 9.78
C PRO E 118 4.82 -2.13 10.06
N GLY E 119 3.76 -1.93 10.84
CA GLY E 119 3.26 -0.58 11.16
C GLY E 119 3.91 0.05 12.41
N ALA E 120 4.82 -0.65 13.05
CA ALA E 120 5.48 -0.15 14.27
C ALA E 120 6.27 1.12 13.93
N LYS E 121 6.15 2.15 14.74
CA LYS E 121 7.00 3.35 14.64
C LYS E 121 8.35 3.06 15.30
N ILE E 122 9.41 3.49 14.64
CA ILE E 122 10.80 3.37 15.18
C ILE E 122 11.35 4.76 15.38
N ASN E 123 11.77 5.11 16.61
CA ASN E 123 12.48 6.41 16.85
C ASN E 123 13.88 6.11 17.30
N ASP E 124 14.84 6.22 16.38
CA ASP E 124 16.29 6.33 16.67
C ASP E 124 16.63 7.71 17.22
N LEU E 125 16.98 7.79 18.50
CA LEU E 125 17.35 9.03 19.18
C LEU E 125 18.79 9.40 18.80
N GLN E 126 19.52 8.46 18.21
CA GLN E 126 20.90 8.65 17.68
C GLN E 126 21.62 9.76 18.42
N THR E 127 21.88 9.54 19.70
CA THR E 127 22.55 10.52 20.59
C THR E 127 23.84 9.90 21.09
N VAL E 128 24.96 10.52 20.75
CA VAL E 128 26.31 10.10 21.18
C VAL E 128 26.40 10.39 22.68
N GLN E 129 26.90 9.45 23.49
CA GLN E 129 26.87 9.54 24.95
C GLN E 129 28.23 9.13 25.51
N GLN E 130 28.70 7.92 25.18
CA GLN E 130 29.98 7.43 25.75
C GLN E 130 31.13 8.15 25.07
N THR E 131 32.17 8.47 25.84
CA THR E 131 33.42 9.15 25.42
C THR E 131 34.60 8.21 25.59
N ASN E 132 34.37 6.91 25.49
CA ASN E 132 35.39 5.85 25.72
C ASN E 132 34.73 4.52 25.32
N VAL E 133 35.48 3.40 25.36
CA VAL E 133 34.98 2.13 24.77
C VAL E 133 34.47 1.23 25.91
N TYR E 134 34.18 1.78 27.09
CA TYR E 134 33.77 1.00 28.29
C TYR E 134 32.32 1.29 28.67
N ASP E 135 31.76 2.44 28.33
CA ASP E 135 30.66 3.03 29.11
C ASP E 135 29.28 2.78 28.46
N CYS E 136 29.16 1.83 27.53
CA CYS E 136 27.84 1.57 26.90
C CYS E 136 26.89 0.97 27.94
N GLY E 137 27.40 0.13 28.85
CA GLY E 137 26.58 -0.50 29.90
C GLY E 137 25.86 0.54 30.76
N PRO E 138 26.60 1.44 31.37
CA PRO E 138 26.02 2.52 32.17
C PRO E 138 25.00 3.36 31.42
N PHE E 139 25.25 3.70 30.15
CA PHE E 139 24.35 4.61 29.39
C PHE E 139 23.10 3.84 28.98
N VAL E 140 23.24 2.56 28.73
CA VAL E 140 22.10 1.73 28.29
C VAL E 140 21.17 1.55 29.47
N VAL E 141 21.69 1.29 30.66
CA VAL E 141 20.84 1.21 31.90
C VAL E 141 20.11 2.52 32.10
N ASP E 142 20.81 3.64 32.04
CA ASP E 142 20.22 4.97 32.33
C ASP E 142 19.18 5.30 31.23
N ASN E 143 19.52 4.99 29.98
CA ASN E 143 18.62 5.25 28.83
C ASN E 143 17.31 4.49 29.02
N LEU E 144 17.39 3.20 29.35
CA LEU E 144 16.19 2.35 29.44
C LEU E 144 15.28 2.81 30.55
N ILE E 145 15.84 3.22 31.70
CA ILE E 145 15.05 3.69 32.88
C ILE E 145 14.26 4.91 32.41
N LYS E 146 14.96 5.88 31.82
CA LYS E 146 14.39 7.16 31.37
C LYS E 146 13.37 6.92 30.25
N MET E 147 13.70 6.06 29.29
CA MET E 147 12.81 5.76 28.13
C MET E 147 11.55 5.12 28.69
N SER E 148 11.68 4.19 29.64
CA SER E 148 10.51 3.54 30.30
C SER E 148 9.64 4.58 31.01
N GLN E 149 10.24 5.68 31.51
CA GLN E 149 9.48 6.70 32.30
C GLN E 149 8.99 7.82 31.38
N GLY E 150 9.26 7.76 30.08
CA GLY E 150 8.88 8.81 29.11
C GLY E 150 9.72 10.06 29.30
N GLN E 151 10.90 9.93 29.88
CA GLN E 151 11.81 11.06 30.20
C GLN E 151 12.88 11.11 29.12
N PRO E 152 13.39 12.30 28.78
CA PRO E 152 14.46 12.39 27.79
C PRO E 152 15.75 11.72 28.32
N ILE E 153 16.45 11.07 27.42
CA ILE E 153 17.79 10.48 27.68
C ILE E 153 18.80 11.59 27.76
N LEU E 154 19.96 11.32 28.32
CA LEU E 154 21.01 12.34 28.44
C LEU E 154 21.44 12.80 27.07
N SER E 155 21.56 14.11 26.87
CA SER E 155 22.21 14.73 25.69
C SER E 155 23.68 14.38 25.69
N THR E 156 24.31 14.62 24.54
CA THR E 156 25.77 14.42 24.37
C THR E 156 26.51 15.11 25.50
N GLU E 157 26.17 16.37 25.77
CA GLU E 157 26.87 17.23 26.74
C GLU E 157 26.60 16.76 28.16
N GLU E 158 25.33 16.49 28.47
CA GLU E 158 24.94 15.98 29.81
C GLU E 158 25.69 14.66 30.03
N ALA E 159 25.81 13.85 28.97
CA ALA E 159 26.45 12.52 29.08
C ALA E 159 27.95 12.70 29.33
N LYS E 160 28.57 13.63 28.64
CA LYS E 160 30.01 13.85 28.88
C LYS E 160 30.20 14.26 30.34
N GLN E 161 29.26 15.02 30.91
CA GLN E 161 29.39 15.58 32.28
C GLN E 161 29.08 14.54 33.34
N GLN E 162 28.16 13.62 33.08
CA GLN E 162 27.58 12.74 34.14
C GLN E 162 28.02 11.27 33.99
N ALA E 163 28.93 10.96 33.06
CA ALA E 163 29.39 9.59 32.75
C ALA E 163 29.91 8.92 34.04
N GLN E 164 30.90 9.54 34.68
CA GLN E 164 31.54 9.02 35.90
C GLN E 164 30.48 8.88 37.01
N ASN E 165 29.55 9.83 37.13
CA ASN E 165 28.53 9.84 38.21
C ASN E 165 27.59 8.65 38.03
N ILE E 166 27.18 8.34 36.80
CA ILE E 166 26.17 7.25 36.60
C ILE E 166 26.85 5.90 36.76
N ARG E 167 28.06 5.70 36.26
CA ARG E 167 28.85 4.45 36.52
C ARG E 167 29.03 4.28 38.03
N GLN E 168 29.52 5.32 38.71
CA GLN E 168 29.80 5.28 40.17
C GLN E 168 28.52 4.86 40.93
N SER E 169 27.44 5.54 40.65
CA SER E 169 26.15 5.33 41.28
C SER E 169 25.69 3.88 41.09
N GLN E 170 25.79 3.38 39.86
CA GLN E 170 25.32 2.05 39.45
C GLN E 170 26.27 1.02 40.05
N VAL E 171 27.56 1.22 40.00
CA VAL E 171 28.56 0.28 40.53
C VAL E 171 28.39 0.16 42.06
N ASN E 172 27.93 1.21 42.73
CA ASN E 172 27.63 1.17 44.18
C ASN E 172 26.48 0.20 44.42
N PHE E 173 25.40 0.30 43.66
CA PHE E 173 24.26 -0.66 43.83
C PHE E 173 24.78 -2.09 43.51
N LEU E 174 25.59 -2.24 42.47
CA LEU E 174 26.07 -3.58 42.06
C LEU E 174 26.97 -4.19 43.14
N SER E 175 27.86 -3.43 43.78
CA SER E 175 28.73 -3.92 44.88
C SER E 175 27.89 -4.48 46.02
N GLU E 176 26.85 -3.74 46.38
CA GLU E 176 25.99 -4.08 47.54
C GLU E 176 25.19 -5.33 47.16
N ASN E 177 24.64 -5.38 45.93
CA ASN E 177 23.77 -6.47 45.44
C ASN E 177 24.60 -7.76 45.44
N ARG E 178 25.87 -7.68 44.99
CA ARG E 178 26.78 -8.85 44.98
C ARG E 178 26.97 -9.41 46.39
N MET E 179 27.06 -8.54 47.38
CA MET E 179 27.33 -8.97 48.78
C MET E 179 26.02 -9.51 49.39
N ILE E 180 24.84 -9.03 48.97
CA ILE E 180 23.53 -9.56 49.44
C ILE E 180 23.37 -10.99 48.92
N THR E 181 23.67 -11.19 47.62
CA THR E 181 23.66 -12.52 46.97
C THR E 181 24.67 -13.49 47.64
N SER E 182 25.93 -13.11 47.85
CA SER E 182 26.90 -13.92 48.62
C SER E 182 26.33 -14.39 49.96
N ALA E 183 25.83 -13.43 50.73
CA ALA E 183 25.39 -13.67 52.13
C ALA E 183 24.19 -14.63 52.03
N ALA E 184 23.31 -14.44 51.08
CA ALA E 184 22.15 -15.31 50.85
C ALA E 184 22.60 -16.72 50.44
N ALA E 185 23.55 -16.86 49.54
CA ALA E 185 24.02 -18.18 49.09
C ALA E 185 24.62 -18.97 50.24
N ALA E 186 25.46 -18.32 51.06
CA ALA E 186 26.15 -18.95 52.21
C ALA E 186 25.09 -19.41 53.21
N LEU E 187 24.08 -18.58 53.44
CA LEU E 187 22.98 -18.89 54.36
C LEU E 187 22.20 -20.06 53.77
N ALA E 188 21.81 -19.98 52.50
CA ALA E 188 21.13 -21.10 51.81
C ALA E 188 21.90 -22.40 52.06
N ASP E 189 23.22 -22.40 51.89
CA ASP E 189 24.05 -23.61 52.13
C ASP E 189 23.94 -24.12 53.58
N THR E 190 23.98 -23.25 54.60
CA THR E 190 23.94 -23.69 56.03
C THR E 190 22.62 -24.41 56.27
N LEU E 191 21.56 -24.03 55.56
CA LEU E 191 20.18 -24.57 55.77
C LEU E 191 19.93 -25.78 54.88
N LEU E 192 20.50 -25.83 53.66
CA LEU E 192 20.35 -27.01 52.78
C LEU E 192 21.14 -28.17 53.39
N LYS E 193 22.28 -27.86 53.97
CA LYS E 193 23.30 -28.89 54.34
C LYS E 193 23.53 -29.71 53.08
N ASN E 194 23.38 -31.03 53.11
CA ASN E 194 23.75 -31.78 51.87
C ASN E 194 22.45 -32.27 51.21
N ASN E 195 21.35 -31.51 51.32
CA ASN E 195 20.13 -31.73 50.48
C ASN E 195 20.25 -30.80 49.27
N ASN E 196 20.05 -31.34 48.08
CA ASN E 196 19.99 -30.68 46.77
C ASN E 196 18.69 -29.87 46.68
N ARG E 197 17.70 -30.32 47.42
CA ARG E 197 16.35 -29.70 47.49
C ARG E 197 15.77 -29.87 48.88
N ILE E 198 14.99 -28.89 49.34
CA ILE E 198 14.14 -28.97 50.58
C ILE E 198 12.81 -28.26 50.31
N THR E 199 11.76 -28.66 51.01
CA THR E 199 10.44 -27.95 51.04
C THR E 199 10.57 -26.72 51.92
N GLU E 200 9.65 -25.78 51.78
CA GLU E 200 9.54 -24.62 52.69
C GLU E 200 9.31 -25.09 54.13
N GLY E 201 8.75 -26.29 54.32
CA GLY E 201 8.45 -26.87 55.63
C GLY E 201 9.74 -27.32 56.32
N VAL E 202 10.65 -27.91 55.54
CA VAL E 202 11.99 -28.31 56.05
C VAL E 202 12.83 -27.05 56.26
N LEU E 203 12.68 -26.03 55.44
CA LEU E 203 13.33 -24.71 55.69
C LEU E 203 12.98 -24.21 57.08
N VAL E 204 11.69 -24.08 57.37
CA VAL E 204 11.20 -23.49 58.63
C VAL E 204 11.84 -24.27 59.79
N ASP E 205 11.85 -25.58 59.65
CA ASP E 205 12.35 -26.48 60.71
C ASP E 205 13.88 -26.36 60.81
N ARG E 206 14.59 -26.14 59.69
CA ARG E 206 16.06 -26.02 59.69
C ARG E 206 16.50 -24.72 60.38
N ILE E 207 15.71 -23.66 60.20
CA ILE E 207 15.95 -22.35 60.86
C ILE E 207 15.71 -22.52 62.37
N PHE E 208 14.65 -23.24 62.78
CA PHE E 208 14.37 -23.52 64.20
C PHE E 208 15.56 -24.25 64.80
N ASP E 209 16.12 -25.24 64.10
CA ASP E 209 17.19 -26.13 64.67
C ASP E 209 18.59 -25.52 64.41
N ASN E 210 18.69 -24.42 63.66
CA ASN E 210 19.99 -23.83 63.30
C ASN E 210 20.79 -23.45 64.55
N LYS E 211 22.09 -23.66 64.52
CA LYS E 211 22.96 -23.58 65.74
C LYS E 211 23.76 -22.28 65.73
N ILE E 212 23.48 -21.39 64.78
CA ILE E 212 24.36 -20.24 64.46
C ILE E 212 23.58 -18.94 64.75
N LEU E 213 22.34 -18.83 64.28
CA LEU E 213 21.54 -17.58 64.40
C LEU E 213 21.04 -17.51 65.85
N SER E 214 21.11 -16.33 66.47
CA SER E 214 20.41 -16.01 67.74
C SER E 214 18.91 -16.21 67.53
N VAL E 215 18.12 -16.21 68.62
CA VAL E 215 16.64 -16.37 68.56
C VAL E 215 16.05 -15.17 67.82
N GLN E 216 16.61 -13.98 68.04
CA GLN E 216 16.08 -12.72 67.45
C GLN E 216 16.45 -12.67 65.96
N GLU E 217 17.59 -13.17 65.55
CA GLU E 217 17.97 -13.23 64.13
C GLU E 217 16.99 -14.17 63.44
N LYS E 218 16.67 -15.32 64.07
CA LYS E 218 15.68 -16.27 63.52
C LYS E 218 14.32 -15.58 63.41
N GLN E 219 13.89 -14.89 64.47
CA GLN E 219 12.59 -14.19 64.48
C GLN E 219 12.55 -13.24 63.27
N GLN E 220 13.64 -12.52 62.97
CA GLN E 220 13.64 -11.50 61.91
C GLN E 220 13.58 -12.19 60.55
N LEU E 221 14.49 -13.14 60.29
CA LEU E 221 14.49 -13.95 59.05
C LEU E 221 13.10 -14.56 58.82
N LEU E 222 12.49 -15.17 59.83
CA LEU E 222 11.22 -15.89 59.61
C LEU E 222 10.07 -14.91 59.35
N ASN E 223 10.04 -13.76 60.03
CA ASN E 223 9.02 -12.72 59.77
C ASN E 223 9.18 -12.23 58.33
N ASN E 224 10.43 -11.95 57.90
CA ASN E 224 10.73 -11.48 56.53
C ASN E 224 10.19 -12.48 55.51
N LEU E 225 10.38 -13.78 55.74
CA LEU E 225 10.00 -14.86 54.79
C LEU E 225 8.49 -15.07 54.80
N LEU E 226 7.86 -15.07 55.98
CA LEU E 226 6.41 -15.30 56.10
C LEU E 226 5.66 -14.26 55.24
N ASP E 227 6.18 -13.05 55.15
CA ASP E 227 5.47 -11.94 54.47
C ASP E 227 5.17 -12.32 53.04
N ASN E 228 6.05 -13.04 52.34
CA ASN E 228 5.90 -13.28 50.87
C ASN E 228 6.00 -14.75 50.51
N HIS E 229 6.30 -15.62 51.49
CA HIS E 229 6.57 -17.05 51.17
C HIS E 229 5.86 -17.94 52.20
N ILE E 230 6.14 -19.24 52.14
CA ILE E 230 5.71 -20.23 53.17
C ILE E 230 4.19 -20.24 53.17
N LYS E 231 3.58 -20.42 52.00
CA LYS E 231 2.11 -20.45 51.89
C LYS E 231 1.64 -21.81 51.36
N GLU E 232 2.46 -22.42 50.51
CA GLU E 232 2.10 -23.66 49.78
C GLU E 232 3.17 -24.76 49.88
N ASN E 233 4.08 -24.67 50.83
CA ASN E 233 5.13 -25.71 51.03
C ASN E 233 5.81 -26.05 49.71
N LYS E 234 6.45 -25.10 49.03
CA LYS E 234 7.04 -25.34 47.68
C LYS E 234 8.41 -26.00 47.82
N SER E 235 8.82 -26.77 46.80
CA SER E 235 10.17 -27.35 46.67
C SER E 235 11.15 -26.23 46.27
N LEU E 236 12.28 -26.14 46.98
CA LEU E 236 13.30 -25.10 46.77
C LEU E 236 14.60 -25.76 46.33
N THR E 237 15.42 -25.03 45.59
CA THR E 237 16.79 -25.45 45.20
C THR E 237 17.76 -24.45 45.82
N LYS E 238 19.07 -24.70 45.67
CA LYS E 238 20.10 -23.70 46.02
C LYS E 238 19.71 -22.35 45.41
N GLU E 239 19.33 -22.31 44.12
CA GLU E 239 19.07 -21.05 43.39
C GLU E 239 17.78 -20.39 43.87
N SER E 240 16.66 -21.10 44.00
CA SER E 240 15.38 -20.47 44.44
C SER E 240 15.46 -20.11 45.94
N LEU E 241 16.26 -20.82 46.72
CA LEU E 241 16.39 -20.52 48.18
C LEU E 241 17.27 -19.27 48.33
N THR E 242 18.32 -19.16 47.50
CA THR E 242 19.22 -17.98 47.48
C THR E 242 18.40 -16.75 47.14
N ARG E 243 17.59 -16.81 46.08
CA ARG E 243 16.76 -15.66 45.65
C ARG E 243 15.79 -15.27 46.75
N MET E 244 15.13 -16.22 47.37
CA MET E 244 14.13 -15.95 48.44
C MET E 244 14.84 -15.33 49.66
N LEU E 245 16.06 -15.76 49.98
CA LEU E 245 16.81 -15.20 51.16
C LEU E 245 17.33 -13.79 50.86
N ALA E 246 17.73 -13.55 49.61
CA ALA E 246 18.18 -12.24 49.10
C ALA E 246 17.05 -11.22 49.13
N SER E 247 15.79 -11.68 49.21
CA SER E 247 14.58 -10.80 49.26
C SER E 247 14.40 -10.25 50.64
N THR E 248 15.08 -10.81 51.63
CA THR E 248 14.84 -10.61 53.08
C THR E 248 15.60 -9.37 53.57
N HIS E 249 14.99 -8.55 54.40
CA HIS E 249 15.65 -7.46 55.12
C HIS E 249 16.80 -8.04 55.94
N PHE E 250 16.64 -9.23 56.49
CA PHE E 250 17.63 -9.89 57.35
C PHE E 250 18.97 -9.98 56.61
N VAL E 251 18.93 -10.48 55.34
CA VAL E 251 20.16 -10.76 54.56
C VAL E 251 20.72 -9.44 54.05
N GLN E 252 19.82 -8.58 53.55
CA GLN E 252 20.12 -7.27 52.93
C GLN E 252 20.82 -6.38 53.97
N GLN E 253 20.46 -6.50 55.25
CA GLN E 253 21.16 -5.79 56.34
C GLN E 253 22.62 -6.28 56.47
N GLN E 254 22.80 -7.61 56.56
CA GLN E 254 24.15 -8.20 56.75
C GLN E 254 25.07 -7.61 55.68
N ALA E 255 24.60 -7.43 54.46
CA ALA E 255 25.46 -7.08 53.32
C ALA E 255 25.93 -5.63 53.51
N ASN E 256 25.02 -4.76 53.94
CA ASN E 256 25.31 -3.31 54.06
C ASN E 256 26.48 -3.11 55.05
N VAL E 257 26.54 -3.90 56.10
CA VAL E 257 27.55 -3.69 57.18
C VAL E 257 28.90 -4.20 56.68
N LEU E 258 28.92 -5.26 55.91
CA LEU E 258 30.17 -5.87 55.32
C LEU E 258 30.92 -4.80 54.53
N LEU E 259 30.24 -3.88 53.81
CA LEU E 259 31.01 -3.00 52.88
C LEU E 259 31.59 -1.76 53.57
N ASN E 260 31.10 -1.33 54.73
CA ASN E 260 31.55 -0.06 55.35
C ASN E 260 32.43 -0.33 56.58
N GLY F 3 1.08 -33.70 28.37
CA GLY F 3 2.45 -34.05 27.82
C GLY F 3 2.72 -33.36 26.50
N MET F 4 3.90 -32.78 26.32
CA MET F 4 4.32 -32.11 25.07
C MET F 4 5.83 -32.22 24.93
N GLN F 5 6.33 -31.92 23.73
CA GLN F 5 7.77 -31.80 23.39
C GLN F 5 8.15 -30.34 23.39
N ILE F 6 9.36 -30.02 23.85
CA ILE F 6 10.05 -28.72 23.60
C ILE F 6 11.47 -29.05 23.15
N PHE F 7 12.16 -28.06 22.58
CA PHE F 7 13.52 -28.17 22.05
C PHE F 7 14.44 -27.28 22.86
N VAL F 8 15.70 -27.73 23.02
CA VAL F 8 16.78 -26.92 23.63
C VAL F 8 17.96 -26.90 22.66
N LYS F 9 18.38 -25.70 22.24
CA LYS F 9 19.69 -25.50 21.57
C LYS F 9 20.80 -25.39 22.63
N THR F 10 21.85 -26.17 22.47
CA THR F 10 23.02 -26.22 23.38
C THR F 10 24.09 -25.25 22.90
N LEU F 11 25.17 -25.06 23.62
CA LEU F 11 26.31 -24.20 23.25
C LEU F 11 26.96 -24.66 21.93
N THR F 12 26.93 -25.95 21.62
CA THR F 12 27.56 -26.52 20.39
C THR F 12 26.66 -26.26 19.19
N GLY F 13 25.41 -25.85 19.40
CA GLY F 13 24.41 -25.65 18.34
C GLY F 13 23.57 -26.91 18.03
N LYS F 14 23.78 -27.94 18.84
CA LYS F 14 22.99 -29.19 18.84
C LYS F 14 21.59 -28.90 19.43
N THR F 15 20.54 -29.37 18.79
CA THR F 15 19.14 -29.31 19.31
C THR F 15 18.75 -30.64 19.96
N ILE F 16 18.34 -30.61 21.21
CA ILE F 16 17.78 -31.81 21.92
C ILE F 16 16.29 -31.61 22.14
N THR F 17 15.53 -32.68 22.23
CA THR F 17 14.09 -32.67 22.48
C THR F 17 13.85 -33.20 23.90
N LEU F 18 12.91 -32.55 24.61
CA LEU F 18 12.52 -32.91 25.99
C LEU F 18 11.03 -33.28 25.99
N GLU F 19 10.66 -34.29 26.79
CA GLU F 19 9.27 -34.61 27.17
C GLU F 19 8.91 -33.84 28.45
N VAL F 20 7.89 -32.99 28.39
CA VAL F 20 7.56 -32.06 29.50
C VAL F 20 6.04 -31.88 29.60
N GLU F 21 5.60 -31.27 30.71
CA GLU F 21 4.24 -30.74 30.90
C GLU F 21 4.35 -29.22 31.10
N PRO F 22 3.33 -28.43 30.73
CA PRO F 22 3.31 -27.00 31.05
C PRO F 22 3.58 -26.70 32.53
N SER F 23 3.24 -27.63 33.43
CA SER F 23 3.33 -27.45 34.91
C SER F 23 4.74 -27.82 35.42
N ASP F 24 5.63 -28.27 34.54
CA ASP F 24 7.02 -28.62 34.93
C ASP F 24 7.73 -27.37 35.46
N THR F 25 8.45 -27.49 36.56
CA THR F 25 9.30 -26.42 37.12
C THR F 25 10.59 -26.30 36.28
N ILE F 26 11.21 -25.12 36.33
CA ILE F 26 12.46 -24.86 35.57
C ILE F 26 13.54 -25.81 36.08
N GLU F 27 13.61 -26.04 37.37
CA GLU F 27 14.64 -26.96 37.97
C GLU F 27 14.45 -28.35 37.37
N ASN F 28 13.19 -28.78 37.20
CA ASN F 28 12.90 -30.11 36.60
C ASN F 28 13.35 -30.14 35.15
N VAL F 29 13.19 -29.04 34.42
CA VAL F 29 13.61 -28.93 32.99
C VAL F 29 15.12 -29.04 32.91
N LYS F 30 15.85 -28.37 33.81
CA LYS F 30 17.33 -28.40 33.83
C LYS F 30 17.80 -29.84 34.13
N ALA F 31 17.06 -30.54 34.99
CA ALA F 31 17.38 -31.94 35.37
C ALA F 31 17.17 -32.85 34.16
N LYS F 32 16.13 -32.61 33.39
CA LYS F 32 15.82 -33.37 32.15
C LYS F 32 16.88 -33.11 31.10
N ILE F 33 17.42 -31.89 31.03
CA ILE F 33 18.50 -31.53 30.05
C ILE F 33 19.76 -32.30 30.45
N GLN F 34 20.08 -32.32 31.77
CA GLN F 34 21.23 -33.11 32.25
C GLN F 34 21.02 -34.59 31.90
N ASP F 35 19.81 -35.07 32.12
CA ASP F 35 19.44 -36.49 31.85
C ASP F 35 19.75 -36.85 30.39
N LYS F 36 19.37 -36.00 29.45
CA LYS F 36 19.35 -36.37 28.01
C LYS F 36 20.67 -35.97 27.35
N GLU F 37 21.33 -34.92 27.83
CA GLU F 37 22.56 -34.40 27.18
C GLU F 37 23.77 -34.47 28.09
N GLY F 38 23.56 -34.58 29.41
CA GLY F 38 24.68 -34.64 30.37
C GLY F 38 25.19 -33.27 30.73
N ILE F 39 24.47 -32.20 30.37
CA ILE F 39 24.83 -30.81 30.78
C ILE F 39 24.37 -30.56 32.21
N PRO F 40 25.30 -30.29 33.14
CA PRO F 40 24.94 -30.00 34.54
C PRO F 40 24.09 -28.77 34.73
N PRO F 41 23.07 -28.79 35.61
CA PRO F 41 22.26 -27.60 35.89
C PRO F 41 23.04 -26.31 36.13
N ASP F 42 24.14 -26.39 36.88
CA ASP F 42 24.89 -25.16 37.28
C ASP F 42 25.73 -24.64 36.10
N GLN F 43 25.79 -25.37 34.98
CA GLN F 43 26.48 -24.96 33.73
C GLN F 43 25.40 -24.58 32.70
N GLN F 44 24.13 -24.42 33.10
CA GLN F 44 22.99 -24.11 32.20
C GLN F 44 22.57 -22.68 32.39
N ARG F 45 22.68 -21.81 31.39
CA ARG F 45 22.04 -20.48 31.37
C ARG F 45 20.95 -20.50 30.31
N LEU F 46 19.73 -20.69 30.81
CA LEU F 46 18.61 -21.26 29.98
C LEU F 46 17.66 -20.08 29.71
N ILE F 47 17.48 -19.77 28.42
CA ILE F 47 16.79 -18.54 27.94
C ILE F 47 15.56 -18.95 27.15
N PHE F 48 14.46 -18.27 27.42
CA PHE F 48 13.31 -18.23 26.49
C PHE F 48 12.98 -16.79 26.17
N ALA F 49 13.00 -16.44 24.86
CA ALA F 49 12.52 -15.12 24.41
C ALA F 49 13.18 -14.02 25.27
N GLY F 50 14.45 -14.18 25.58
CA GLY F 50 15.33 -13.12 26.10
C GLY F 50 15.34 -13.10 27.62
N LYS F 51 14.63 -14.02 28.28
CA LYS F 51 14.63 -14.11 29.75
C LYS F 51 15.33 -15.39 30.21
N GLN F 52 16.17 -15.26 31.22
CA GLN F 52 16.73 -16.41 31.97
C GLN F 52 15.61 -17.03 32.80
N LEU F 53 15.38 -18.34 32.63
CA LEU F 53 14.32 -19.05 33.37
C LEU F 53 14.76 -19.31 34.82
N GLU F 54 13.89 -19.05 35.77
CA GLU F 54 14.24 -19.07 37.21
C GLU F 54 13.68 -20.33 37.87
N ASP F 55 14.49 -21.01 38.69
CA ASP F 55 14.03 -22.17 39.51
C ASP F 55 12.85 -21.69 40.37
N GLY F 56 11.82 -22.53 40.52
CA GLY F 56 10.61 -22.19 41.28
C GLY F 56 9.52 -21.65 40.38
N ARG F 57 9.81 -21.31 39.12
CA ARG F 57 8.75 -21.01 38.12
C ARG F 57 8.45 -22.27 37.30
N THR F 58 7.35 -22.25 36.55
CA THR F 58 6.95 -23.32 35.60
C THR F 58 7.12 -22.85 34.16
N LEU F 59 7.09 -23.80 33.22
CA LEU F 59 7.12 -23.52 31.77
C LEU F 59 5.96 -22.57 31.41
N SER F 60 4.78 -22.82 31.95
CA SER F 60 3.54 -22.06 31.60
C SER F 60 3.62 -20.64 32.18
N ASP F 61 4.37 -20.44 33.25
CA ASP F 61 4.68 -19.07 33.78
C ASP F 61 5.33 -18.22 32.67
N TYR F 62 6.09 -18.85 31.78
CA TYR F 62 6.83 -18.15 30.68
C TYR F 62 6.09 -18.33 29.35
N ASN F 63 4.86 -18.85 29.40
CA ASN F 63 4.04 -19.17 28.21
C ASN F 63 4.84 -20.02 27.22
N ILE F 64 5.61 -20.97 27.72
CA ILE F 64 6.35 -21.95 26.87
C ILE F 64 5.40 -23.10 26.51
N GLN F 65 5.18 -23.32 25.22
CA GLN F 65 4.15 -24.28 24.72
C GLN F 65 4.82 -25.33 23.86
N LYS F 66 4.01 -26.21 23.27
CA LYS F 66 4.45 -27.33 22.38
C LYS F 66 5.44 -26.79 21.37
N GLU F 67 6.63 -27.40 21.24
CA GLU F 67 7.57 -27.15 20.11
C GLU F 67 8.25 -25.78 20.24
N SER F 68 8.16 -25.13 21.40
CA SER F 68 9.01 -23.96 21.72
C SER F 68 10.47 -24.40 21.76
N THR F 69 11.38 -23.51 21.40
CA THR F 69 12.86 -23.73 21.48
C THR F 69 13.41 -22.86 22.62
N LEU F 70 14.10 -23.47 23.57
CA LEU F 70 14.89 -22.73 24.60
C LEU F 70 16.36 -22.74 24.17
N HIS F 71 17.11 -21.79 24.69
CA HIS F 71 18.54 -21.59 24.30
C HIS F 71 19.40 -21.75 25.54
N LEU F 72 20.49 -22.48 25.41
CA LEU F 72 21.59 -22.56 26.41
C LEU F 72 22.69 -21.63 25.92
N VAL F 73 23.10 -20.70 26.75
CA VAL F 73 23.71 -19.44 26.28
C VAL F 73 24.97 -19.16 27.11
N LEU F 74 25.86 -18.37 26.54
CA LEU F 74 27.02 -17.75 27.22
C LEU F 74 26.56 -16.37 27.71
N ARG F 75 27.16 -15.93 28.80
CA ARG F 75 26.83 -14.65 29.43
C ARG F 75 27.34 -13.52 28.54
N LEU F 76 26.50 -12.51 28.27
CA LEU F 76 26.89 -11.44 27.29
C LEU F 76 27.66 -10.39 28.09
N ARG F 77 28.67 -9.75 27.52
CA ARG F 77 29.40 -8.59 28.10
C ARG F 77 29.71 -7.60 26.95
N GLY F 78 29.86 -6.30 27.24
CA GLY F 78 30.18 -5.29 26.24
C GLY F 78 30.65 -3.99 26.87
N GLY F 79 31.25 -3.13 26.07
CA GLY F 79 31.60 -1.74 26.44
C GLY F 79 30.98 -0.76 25.48
N MET G 4 -8.29 -34.07 70.61
CA MET G 4 -6.92 -34.48 70.34
C MET G 4 -5.92 -33.43 70.87
N GLN G 5 -4.66 -33.87 70.97
CA GLN G 5 -3.49 -33.04 71.32
C GLN G 5 -2.73 -32.67 70.05
N ILE G 6 -2.25 -31.42 69.97
CA ILE G 6 -1.21 -30.98 68.99
C ILE G 6 -0.12 -30.23 69.74
N PHE G 7 1.04 -30.06 69.12
CA PHE G 7 2.24 -29.39 69.67
C PHE G 7 2.52 -28.13 68.86
N VAL G 8 2.99 -27.08 69.53
CA VAL G 8 3.44 -25.81 68.88
C VAL G 8 4.85 -25.51 69.35
N LYS G 9 5.80 -25.44 68.41
CA LYS G 9 7.21 -25.12 68.68
C LYS G 9 7.40 -23.62 68.54
N THR G 10 8.10 -23.01 69.51
CA THR G 10 8.44 -21.57 69.52
C THR G 10 9.93 -21.46 69.28
N LEU G 11 10.38 -20.25 68.93
CA LEU G 11 11.79 -19.97 68.63
C LEU G 11 12.65 -20.07 69.89
N THR G 12 12.08 -19.89 71.08
CA THR G 12 12.84 -19.99 72.37
C THR G 12 13.11 -21.47 72.71
N GLY G 13 12.51 -22.39 71.97
CA GLY G 13 12.79 -23.84 72.13
C GLY G 13 11.73 -24.52 72.98
N LYS G 14 10.75 -23.73 73.43
CA LYS G 14 9.56 -24.24 74.17
C LYS G 14 8.64 -24.93 73.16
N THR G 15 8.26 -26.16 73.47
CA THR G 15 7.10 -26.84 72.83
C THR G 15 5.89 -26.70 73.77
N ILE G 16 4.78 -26.17 73.29
CA ILE G 16 3.53 -26.14 74.11
C ILE G 16 2.54 -27.15 73.51
N THR G 17 1.77 -27.78 74.38
CA THR G 17 0.80 -28.84 73.94
C THR G 17 -0.60 -28.27 74.14
N LEU G 18 -1.43 -28.42 73.12
CA LEU G 18 -2.78 -27.82 73.03
C LEU G 18 -3.83 -28.92 72.95
N GLU G 19 -4.93 -28.75 73.68
CA GLU G 19 -6.16 -29.57 73.55
C GLU G 19 -7.08 -28.94 72.49
N VAL G 20 -7.37 -29.66 71.42
CA VAL G 20 -8.09 -29.11 70.25
C VAL G 20 -9.01 -30.16 69.64
N GLU G 21 -9.90 -29.70 68.75
CA GLU G 21 -10.75 -30.56 67.89
C GLU G 21 -10.39 -30.28 66.44
N PRO G 22 -10.52 -31.28 65.52
CA PRO G 22 -10.32 -31.05 64.09
C PRO G 22 -11.09 -29.83 63.54
N SER G 23 -12.22 -29.52 64.16
CA SER G 23 -13.17 -28.47 63.68
C SER G 23 -12.80 -27.10 64.27
N ASP G 24 -11.78 -27.03 65.13
CA ASP G 24 -11.30 -25.75 65.70
C ASP G 24 -10.80 -24.85 64.57
N THR G 25 -11.17 -23.57 64.58
CA THR G 25 -10.64 -22.55 63.64
C THR G 25 -9.22 -22.15 64.08
N ILE G 26 -8.43 -21.64 63.14
CA ILE G 26 -7.05 -21.13 63.40
C ILE G 26 -7.12 -20.03 64.46
N GLU G 27 -8.11 -19.13 64.34
CA GLU G 27 -8.38 -18.05 65.32
C GLU G 27 -8.53 -18.65 66.73
N ASN G 28 -9.26 -19.74 66.82
CA ASN G 28 -9.54 -20.46 68.10
C ASN G 28 -8.21 -20.98 68.67
N VAL G 29 -7.35 -21.50 67.81
CA VAL G 29 -6.03 -22.08 68.22
C VAL G 29 -5.15 -20.96 68.76
N LYS G 30 -5.17 -19.80 68.10
CA LYS G 30 -4.38 -18.63 68.54
C LYS G 30 -4.91 -18.13 69.90
N ALA G 31 -6.23 -18.21 70.11
CA ALA G 31 -6.88 -17.82 71.38
C ALA G 31 -6.45 -18.78 72.51
N LYS G 32 -6.31 -20.07 72.19
CA LYS G 32 -5.84 -21.09 73.16
C LYS G 32 -4.36 -20.81 73.52
N ILE G 33 -3.57 -20.35 72.55
CA ILE G 33 -2.16 -19.98 72.77
C ILE G 33 -2.10 -18.76 73.68
N GLN G 34 -2.95 -17.76 73.43
CA GLN G 34 -3.05 -16.55 74.30
C GLN G 34 -3.41 -17.01 75.71
N ASP G 35 -4.37 -17.92 75.82
CA ASP G 35 -4.86 -18.46 77.12
C ASP G 35 -3.68 -19.01 77.92
N LYS G 36 -2.83 -19.82 77.30
CA LYS G 36 -1.84 -20.66 78.00
C LYS G 36 -0.50 -19.91 78.10
N GLU G 37 -0.19 -19.01 77.16
CA GLU G 37 1.15 -18.36 77.08
C GLU G 37 1.01 -16.83 77.23
N GLY G 38 -0.16 -16.27 76.98
CA GLY G 38 -0.42 -14.83 77.16
C GLY G 38 -0.02 -14.03 75.94
N ILE G 39 0.29 -14.69 74.82
CA ILE G 39 0.64 -14.02 73.53
C ILE G 39 -0.64 -13.66 72.79
N PRO G 40 -0.88 -12.36 72.50
CA PRO G 40 -2.05 -11.96 71.72
C PRO G 40 -2.10 -12.53 70.31
N PRO G 41 -3.29 -12.99 69.86
CA PRO G 41 -3.47 -13.53 68.51
C PRO G 41 -2.84 -12.71 67.37
N ASP G 42 -2.90 -11.40 67.44
CA ASP G 42 -2.48 -10.50 66.32
C ASP G 42 -0.95 -10.43 66.26
N GLN G 43 -0.23 -11.05 67.20
CA GLN G 43 1.25 -11.15 67.17
C GLN G 43 1.68 -12.55 66.66
N GLN G 44 0.72 -13.41 66.37
CA GLN G 44 0.97 -14.87 66.16
C GLN G 44 0.87 -15.21 64.67
N ARG G 45 1.90 -15.83 64.11
CA ARG G 45 1.81 -16.52 62.79
C ARG G 45 2.09 -18.01 63.00
N LEU G 46 1.13 -18.85 62.63
CA LEU G 46 1.22 -20.32 62.72
C LEU G 46 1.56 -20.90 61.34
N ILE G 47 2.45 -21.90 61.33
CA ILE G 47 2.89 -22.68 60.15
C ILE G 47 2.60 -24.15 60.39
N PHE G 48 2.01 -24.81 59.41
CA PHE G 48 2.00 -26.30 59.38
C PHE G 48 2.64 -26.76 58.07
N ALA G 49 3.71 -27.55 58.19
CA ALA G 49 4.32 -28.23 57.02
C ALA G 49 4.52 -27.23 55.89
N GLY G 50 4.96 -26.01 56.22
CA GLY G 50 5.44 -25.02 55.24
C GLY G 50 4.33 -24.17 54.69
N LYS G 51 3.13 -24.26 55.26
CA LYS G 51 1.99 -23.40 54.89
C LYS G 51 1.56 -22.57 56.07
N GLN G 52 1.39 -21.28 55.85
CA GLN G 52 0.88 -20.32 56.88
C GLN G 52 -0.62 -20.57 57.04
N LEU G 53 -1.07 -20.78 58.28
CA LEU G 53 -2.48 -21.07 58.60
C LEU G 53 -3.25 -19.75 58.64
N GLU G 54 -4.43 -19.73 58.00
CA GLU G 54 -5.27 -18.52 57.83
C GLU G 54 -6.44 -18.59 58.80
N ASP G 55 -6.83 -17.45 59.38
CA ASP G 55 -7.66 -17.34 60.61
C ASP G 55 -9.01 -18.05 60.46
N GLY G 56 -9.65 -18.00 59.27
CA GLY G 56 -11.05 -18.43 59.09
C GLY G 56 -11.15 -19.90 58.74
N ARG G 57 -10.03 -20.60 58.64
CA ARG G 57 -9.96 -22.04 58.28
C ARG G 57 -9.91 -22.88 59.55
N THR G 58 -10.09 -24.20 59.41
CA THR G 58 -10.05 -25.18 60.52
C THR G 58 -8.78 -26.01 60.43
N LEU G 59 -8.42 -26.67 61.53
CA LEU G 59 -7.28 -27.62 61.59
C LEU G 59 -7.43 -28.69 60.50
N SER G 60 -8.65 -29.21 60.31
CA SER G 60 -8.92 -30.34 59.39
C SER G 60 -8.81 -29.85 57.94
N ASP G 61 -9.04 -28.56 57.69
CA ASP G 61 -8.79 -27.94 56.37
C ASP G 61 -7.33 -28.17 55.95
N TYR G 62 -6.42 -28.21 56.92
CA TYR G 62 -4.96 -28.34 56.69
C TYR G 62 -4.51 -29.79 56.97
N ASN G 63 -5.46 -30.68 57.17
CA ASN G 63 -5.19 -32.11 57.49
C ASN G 63 -4.26 -32.19 58.70
N ILE G 64 -4.48 -31.33 59.70
CA ILE G 64 -3.73 -31.35 60.98
C ILE G 64 -4.42 -32.36 61.90
N GLN G 65 -3.69 -33.40 62.32
CA GLN G 65 -4.26 -34.55 63.07
C GLN G 65 -3.58 -34.64 64.44
N LYS G 66 -3.95 -35.66 65.21
CA LYS G 66 -3.42 -35.88 66.58
C LYS G 66 -1.89 -35.89 66.50
N GLU G 67 -1.24 -35.13 67.37
CA GLU G 67 0.24 -35.17 67.59
C GLU G 67 0.98 -34.49 66.44
N SER G 68 0.28 -33.74 65.59
CA SER G 68 0.92 -32.80 64.63
C SER G 68 1.68 -31.73 65.42
N THR G 69 2.78 -31.24 64.84
CA THR G 69 3.58 -30.12 65.38
C THR G 69 3.37 -28.91 64.46
N LEU G 70 2.94 -27.78 65.03
CA LEU G 70 2.92 -26.49 64.32
C LEU G 70 4.17 -25.70 64.70
N HIS G 71 4.44 -24.62 63.96
CA HIS G 71 5.49 -23.63 64.29
C HIS G 71 4.83 -22.28 64.56
N LEU G 72 5.13 -21.71 65.72
CA LEU G 72 4.70 -20.33 66.07
C LEU G 72 5.85 -19.38 65.78
N VAL G 73 5.60 -18.30 65.05
CA VAL G 73 6.52 -17.14 64.94
C VAL G 73 5.80 -15.88 65.38
N LEU G 74 6.41 -15.07 66.24
CA LEU G 74 5.85 -13.80 66.74
C LEU G 74 6.33 -12.65 65.88
N ARG G 75 5.43 -11.72 65.59
CA ARG G 75 5.69 -10.55 64.74
C ARG G 75 6.76 -9.69 65.43
N LEU G 76 7.48 -8.93 64.64
CA LEU G 76 8.51 -7.97 65.08
C LEU G 76 7.78 -6.74 65.68
N ARG G 77 8.42 -5.98 66.60
CA ARG G 77 7.83 -4.74 67.15
C ARG G 77 7.83 -3.68 66.05
N GLY G 78 6.66 -3.42 65.45
CA GLY G 78 6.30 -2.10 64.88
C GLY G 78 5.48 -2.17 63.61
N GLY H 3 -27.84 -9.19 15.65
CA GLY H 3 -27.24 -9.66 16.94
C GLY H 3 -25.78 -9.25 17.06
N MET H 4 -24.85 -10.18 17.21
CA MET H 4 -23.52 -9.86 17.86
C MET H 4 -22.23 -10.02 16.99
N GLN H 5 -21.63 -8.86 16.70
CA GLN H 5 -20.33 -8.72 16.06
C GLN H 5 -19.23 -8.50 17.12
N ILE H 6 -18.10 -9.17 16.96
CA ILE H 6 -16.84 -8.80 17.65
C ILE H 6 -15.73 -8.61 16.63
N PHE H 7 -14.68 -7.91 17.06
CA PHE H 7 -13.47 -7.61 16.23
C PHE H 7 -12.27 -8.32 16.86
N VAL H 8 -11.39 -8.86 16.02
CA VAL H 8 -10.15 -9.55 16.45
C VAL H 8 -8.97 -8.90 15.73
N LYS H 9 -8.10 -8.27 16.50
CA LYS H 9 -6.93 -7.52 15.96
C LYS H 9 -5.75 -8.48 16.03
N THR H 10 -4.96 -8.54 14.97
CA THR H 10 -3.64 -9.24 14.91
C THR H 10 -2.54 -8.21 15.05
N LEU H 11 -1.32 -8.68 15.34
CA LEU H 11 -0.13 -7.80 15.53
C LEU H 11 0.24 -7.11 14.21
N THR H 12 -0.10 -7.71 13.06
CA THR H 12 0.23 -7.11 11.73
C THR H 12 -0.75 -5.97 11.41
N GLY H 13 -1.78 -5.79 12.22
CA GLY H 13 -2.71 -4.65 12.09
C GLY H 13 -3.96 -5.04 11.32
N LYS H 14 -4.07 -6.31 10.93
CA LYS H 14 -5.32 -6.88 10.35
C LYS H 14 -6.39 -7.01 11.45
N THR H 15 -7.52 -6.40 11.23
CA THR H 15 -8.75 -6.56 12.08
C THR H 15 -9.70 -7.47 11.32
N ILE H 16 -10.15 -8.57 11.92
CA ILE H 16 -11.24 -9.40 11.32
C ILE H 16 -12.50 -9.25 12.17
N THR H 17 -13.66 -9.29 11.53
CA THR H 17 -14.97 -9.14 12.22
C THR H 17 -15.66 -10.52 12.20
N LEU H 18 -16.19 -10.92 13.34
CA LEU H 18 -16.81 -12.25 13.55
C LEU H 18 -18.27 -12.07 13.93
N GLU H 19 -19.14 -12.95 13.43
CA GLU H 19 -20.54 -13.14 13.90
C GLU H 19 -20.54 -14.19 15.01
N VAL H 20 -20.96 -13.83 16.21
CA VAL H 20 -20.90 -14.73 17.40
C VAL H 20 -22.16 -14.55 18.27
N GLU H 21 -22.30 -15.48 19.23
CA GLU H 21 -23.36 -15.46 20.28
C GLU H 21 -22.68 -15.38 21.64
N PRO H 22 -23.30 -14.76 22.66
CA PRO H 22 -22.75 -14.74 24.01
C PRO H 22 -22.35 -16.13 24.53
N SER H 23 -23.06 -17.18 24.05
CA SER H 23 -22.93 -18.56 24.55
C SER H 23 -21.83 -19.31 23.78
N ASP H 24 -21.23 -18.67 22.77
CA ASP H 24 -20.13 -19.28 21.98
C ASP H 24 -18.93 -19.53 22.92
N THR H 25 -18.33 -20.73 22.84
CA THR H 25 -17.10 -21.09 23.57
C THR H 25 -15.90 -20.44 22.87
N ILE H 26 -14.80 -20.25 23.60
CA ILE H 26 -13.52 -19.71 23.08
C ILE H 26 -13.05 -20.61 21.92
N GLU H 27 -13.14 -21.94 22.11
CA GLU H 27 -12.82 -22.97 21.10
C GLU H 27 -13.61 -22.69 19.82
N ASN H 28 -14.88 -22.37 19.96
CA ASN H 28 -15.82 -22.11 18.84
C ASN H 28 -15.33 -20.87 18.07
N VAL H 29 -14.88 -19.85 18.80
CA VAL H 29 -14.41 -18.57 18.22
C VAL H 29 -13.13 -18.86 17.42
N LYS H 30 -12.24 -19.67 17.97
CA LYS H 30 -10.98 -20.06 17.28
C LYS H 30 -11.30 -20.85 16.00
N ALA H 31 -12.34 -21.68 16.04
CA ALA H 31 -12.80 -22.50 14.88
C ALA H 31 -13.36 -21.58 13.79
N LYS H 32 -14.05 -20.50 14.19
CA LYS H 32 -14.58 -19.49 13.25
C LYS H 32 -13.42 -18.74 12.61
N ILE H 33 -12.34 -18.49 13.36
CA ILE H 33 -11.13 -17.80 12.84
C ILE H 33 -10.42 -18.73 11.85
N GLN H 34 -10.31 -20.01 12.16
CA GLN H 34 -9.75 -21.02 11.22
C GLN H 34 -10.60 -21.02 9.94
N ASP H 35 -11.92 -21.00 10.10
CA ASP H 35 -12.89 -21.00 8.96
C ASP H 35 -12.58 -19.85 8.01
N LYS H 36 -12.39 -18.65 8.54
CA LYS H 36 -12.39 -17.40 7.76
C LYS H 36 -10.95 -17.04 7.34
N GLU H 37 -9.95 -17.43 8.11
CA GLU H 37 -8.54 -17.00 7.90
C GLU H 37 -7.64 -18.20 7.62
N GLY H 38 -8.06 -19.41 8.02
CA GLY H 38 -7.29 -20.65 7.78
C GLY H 38 -6.22 -20.86 8.83
N ILE H 39 -6.24 -20.09 9.92
CA ILE H 39 -5.28 -20.25 11.05
C ILE H 39 -5.79 -21.35 11.97
N PRO H 40 -5.01 -22.44 12.18
CA PRO H 40 -5.38 -23.49 13.11
C PRO H 40 -5.53 -23.03 14.55
N PRO H 41 -6.59 -23.51 15.27
CA PRO H 41 -6.78 -23.13 16.67
C PRO H 41 -5.55 -23.21 17.57
N ASP H 42 -4.67 -24.19 17.38
CA ASP H 42 -3.51 -24.44 18.30
C ASP H 42 -2.42 -23.39 18.06
N GLN H 43 -2.56 -22.51 17.07
CA GLN H 43 -1.62 -21.39 16.83
C GLN H 43 -2.17 -20.07 17.43
N GLN H 44 -3.40 -20.12 17.95
CA GLN H 44 -4.19 -18.93 18.31
C GLN H 44 -4.21 -18.75 19.82
N ARG H 45 -3.78 -17.61 20.30
CA ARG H 45 -3.97 -17.16 21.72
C ARG H 45 -4.86 -15.91 21.69
N LEU H 46 -6.05 -15.98 22.31
CA LEU H 46 -7.00 -14.86 22.37
C LEU H 46 -6.87 -14.13 23.69
N ILE H 47 -6.80 -12.80 23.62
CA ILE H 47 -6.73 -11.89 24.80
C ILE H 47 -7.97 -10.99 24.77
N PHE H 48 -8.60 -10.80 25.92
CA PHE H 48 -9.61 -9.74 26.13
C PHE H 48 -9.22 -8.92 27.36
N ALA H 49 -9.03 -7.62 27.15
CA ALA H 49 -8.71 -6.65 28.22
C ALA H 49 -7.59 -7.23 29.11
N GLY H 50 -6.59 -7.88 28.49
CA GLY H 50 -5.33 -8.23 29.18
C GLY H 50 -5.38 -9.60 29.81
N LYS H 51 -6.46 -10.35 29.60
CA LYS H 51 -6.58 -11.74 30.12
C LYS H 51 -6.62 -12.72 28.95
N GLN H 52 -5.88 -13.82 29.08
CA GLN H 52 -5.91 -14.93 28.11
C GLN H 52 -7.22 -15.69 28.26
N LEU H 53 -7.97 -15.84 27.17
CA LEU H 53 -9.26 -16.58 27.15
C LEU H 53 -8.95 -18.08 27.09
N GLU H 54 -9.64 -18.86 27.92
CA GLU H 54 -9.44 -20.33 28.05
C GLU H 54 -10.53 -21.06 27.24
N ASP H 55 -10.14 -22.17 26.61
CA ASP H 55 -10.91 -22.84 25.53
C ASP H 55 -12.32 -23.23 25.96
N GLY H 56 -12.53 -23.65 27.21
CA GLY H 56 -13.81 -24.28 27.64
C GLY H 56 -14.80 -23.27 28.15
N ARG H 57 -14.44 -21.99 28.15
CA ARG H 57 -15.29 -20.88 28.66
C ARG H 57 -16.04 -20.24 27.49
N THR H 58 -17.03 -19.39 27.81
CA THR H 58 -17.87 -18.68 26.81
C THR H 58 -17.52 -17.21 26.78
N LEU H 59 -17.95 -16.52 25.73
CA LEU H 59 -17.78 -15.04 25.57
C LEU H 59 -18.39 -14.33 26.80
N SER H 60 -19.56 -14.77 27.23
CA SER H 60 -20.33 -14.09 28.32
C SER H 60 -19.65 -14.34 29.67
N ASP H 61 -18.92 -15.44 29.80
CA ASP H 61 -18.06 -15.70 30.99
C ASP H 61 -17.08 -14.54 31.19
N TYR H 62 -16.63 -13.93 30.09
CA TYR H 62 -15.60 -12.86 30.11
C TYR H 62 -16.27 -11.50 29.91
N ASN H 63 -17.61 -11.46 29.96
CA ASN H 63 -18.40 -10.23 29.74
C ASN H 63 -17.97 -9.57 28.42
N ILE H 64 -17.75 -10.40 27.39
CA ILE H 64 -17.46 -9.91 26.01
C ILE H 64 -18.81 -9.66 25.32
N GLN H 65 -19.03 -8.44 24.87
CA GLN H 65 -20.35 -7.98 24.35
C GLN H 65 -20.20 -7.51 22.90
N LYS H 66 -21.29 -7.00 22.33
CA LYS H 66 -21.34 -6.46 20.96
C LYS H 66 -20.20 -5.46 20.81
N GLU H 67 -19.42 -5.59 19.74
CA GLU H 67 -18.41 -4.60 19.28
C GLU H 67 -17.20 -4.60 20.20
N SER H 68 -17.03 -5.62 21.04
CA SER H 68 -15.76 -5.84 21.78
C SER H 68 -14.65 -6.12 20.76
N THR H 69 -13.43 -5.71 21.12
CA THR H 69 -12.20 -6.04 20.35
C THR H 69 -11.41 -7.07 21.16
N LEU H 70 -11.10 -8.22 20.55
CA LEU H 70 -10.13 -9.17 21.13
C LEU H 70 -8.77 -8.94 20.45
N HIS H 71 -7.72 -9.46 21.06
CA HIS H 71 -6.36 -9.48 20.47
C HIS H 71 -5.95 -10.93 20.19
N LEU H 72 -5.59 -11.20 18.95
CA LEU H 72 -5.13 -12.54 18.49
C LEU H 72 -3.60 -12.49 18.45
N VAL H 73 -2.99 -13.38 19.20
CA VAL H 73 -1.52 -13.57 19.24
C VAL H 73 -1.22 -14.92 18.59
N LEU H 74 -0.51 -14.85 17.48
CA LEU H 74 -0.26 -16.05 16.63
C LEU H 74 1.13 -16.56 16.99
N ARG H 75 1.30 -17.87 17.07
CA ARG H 75 2.61 -18.51 17.33
C ARG H 75 3.58 -18.18 16.19
N LEU H 76 4.85 -18.02 16.49
CA LEU H 76 5.85 -17.55 15.47
C LEU H 76 6.23 -18.74 14.61
N ARG H 77 6.47 -18.56 13.32
CA ARG H 77 6.99 -19.59 12.39
C ARG H 77 8.30 -20.18 12.99
N GLY H 78 8.22 -21.45 13.44
CA GLY H 78 9.27 -22.11 14.23
C GLY H 78 9.46 -23.55 13.78
N ALA I 3 22.84 37.62 5.83
CA ALA I 3 21.98 37.86 4.67
C ALA I 3 21.20 36.59 4.28
N ASN I 4 21.88 35.41 4.33
CA ASN I 4 21.51 34.25 3.47
C ASN I 4 20.11 33.82 3.91
N ASP I 5 19.91 33.75 5.24
CA ASP I 5 18.62 33.28 5.82
C ASP I 5 17.45 34.13 5.31
N GLN I 6 17.74 35.32 4.75
CA GLN I 6 16.72 36.27 4.31
C GLN I 6 16.48 36.21 2.79
N ASP I 7 17.35 35.59 2.03
CA ASP I 7 17.22 35.62 0.54
C ASP I 7 16.54 34.35 -0.03
N LEU I 8 15.39 34.53 -0.69
CA LEU I 8 14.49 33.44 -1.13
C LEU I 8 15.25 32.37 -1.91
N SER I 9 16.15 32.80 -2.80
CA SER I 9 16.91 31.90 -3.72
C SER I 9 17.93 31.07 -2.97
N ASN I 10 18.41 31.59 -1.84
CA ASN I 10 19.50 30.96 -1.07
C ASN I 10 19.00 29.63 -0.50
N PRO I 11 19.75 28.53 -0.65
CA PRO I 11 19.39 27.28 0.01
C PRO I 11 19.25 27.36 1.55
N GLU I 12 19.72 28.43 2.19
CA GLU I 12 19.64 28.59 3.67
C GLU I 12 18.45 29.47 4.06
N TYR I 13 17.65 29.90 3.08
CA TYR I 13 16.43 30.69 3.32
C TYR I 13 15.50 29.93 4.26
N LEU I 14 15.08 30.59 5.35
CA LEU I 14 14.16 30.05 6.37
C LEU I 14 12.74 30.47 6.02
N TYR I 15 11.84 29.51 5.83
CA TYR I 15 10.43 29.78 5.47
C TYR I 15 9.81 30.59 6.63
N THR I 16 9.04 31.61 6.28
CA THR I 16 8.19 32.35 7.23
C THR I 16 6.78 31.77 7.23
N GLU I 17 5.90 32.22 8.10
CA GLU I 17 4.47 31.82 8.12
C GLU I 17 3.82 32.30 6.81
N ASP I 18 4.31 33.38 6.20
CA ASP I 18 3.70 33.85 4.94
C ASP I 18 4.07 32.91 3.81
N ASP I 19 5.32 32.47 3.73
CA ASP I 19 5.75 31.49 2.71
C ASP I 19 4.87 30.25 2.79
N ILE I 20 4.70 29.70 4.00
CA ILE I 20 3.96 28.44 4.22
C ILE I 20 2.51 28.66 3.86
N ASN I 21 1.91 29.78 4.31
CA ASN I 21 0.50 30.13 4.00
C ASN I 21 0.30 30.27 2.48
N GLN I 22 1.21 30.91 1.73
CA GLN I 22 0.99 31.17 0.28
C GLN I 22 1.03 29.82 -0.44
N LEU I 23 1.93 28.92 -0.01
CA LEU I 23 2.09 27.57 -0.57
C LEU I 23 0.88 26.69 -0.29
N LEU I 24 0.37 26.73 0.93
CA LEU I 24 -0.76 25.84 1.30
C LEU I 24 -2.02 26.34 0.58
N LYS I 25 -2.24 27.64 0.52
CA LYS I 25 -3.40 28.27 -0.20
C LYS I 25 -3.30 27.98 -1.69
N HIS I 26 -2.10 27.94 -2.25
CA HIS I 26 -1.89 27.61 -3.68
C HIS I 26 -2.27 26.15 -3.92
N TYR I 27 -1.81 25.22 -3.09
CA TYR I 27 -2.08 23.77 -3.37
C TYR I 27 -3.44 23.35 -2.81
N LEU I 28 -4.05 24.07 -1.86
CA LEU I 28 -5.27 23.59 -1.14
C LEU I 28 -6.43 24.59 -1.13
N GLY I 29 -6.16 25.88 -1.32
CA GLY I 29 -7.09 26.97 -0.93
C GLY I 29 -8.41 26.96 -1.69
N LEU I 30 -8.52 26.25 -2.83
CA LEU I 30 -9.78 26.21 -3.63
C LEU I 30 -10.83 25.30 -2.99
N ASP I 31 -10.44 24.35 -2.15
CA ASP I 31 -11.37 23.51 -1.34
C ASP I 31 -11.67 24.24 0.00
N ASP I 32 -12.89 24.72 0.21
CA ASP I 32 -13.32 25.51 1.40
C ASP I 32 -13.52 24.62 2.62
N ARG I 33 -13.54 23.30 2.43
CA ARG I 33 -13.78 22.31 3.50
C ARG I 33 -12.46 22.04 4.23
N ILE I 34 -11.39 22.68 3.77
CA ILE I 34 -10.04 22.59 4.40
C ILE I 34 -9.72 23.90 5.10
N SER I 35 -9.55 23.82 6.43
CA SER I 35 -9.11 24.94 7.26
C SER I 35 -7.57 25.03 7.25
N ILE I 36 -7.03 26.18 6.85
CA ILE I 36 -5.60 26.44 6.76
C ILE I 36 -5.24 27.43 7.88
N ILE I 37 -4.50 26.94 8.88
CA ILE I 37 -3.94 27.73 9.98
C ILE I 37 -2.59 28.35 9.54
N GLN I 38 -2.36 29.61 9.90
CA GLN I 38 -1.16 30.39 9.51
C GLN I 38 -0.21 30.48 10.70
N HIS I 39 -0.69 30.95 11.84
CA HIS I 39 0.17 31.41 12.98
C HIS I 39 -0.25 30.77 14.29
N VAL I 40 0.50 29.77 14.75
CA VAL I 40 0.30 29.19 16.12
C VAL I 40 1.57 28.46 16.53
N ALA I 41 2.05 28.75 17.74
CA ALA I 41 3.34 28.31 18.31
C ALA I 41 3.09 27.70 19.67
N LEU I 42 3.92 26.74 20.08
CA LEU I 42 3.71 25.99 21.34
C LEU I 42 3.88 26.91 22.54
N ASN I 43 4.52 28.09 22.36
CA ASN I 43 4.83 28.99 23.50
C ASN I 43 3.74 30.04 23.64
N GLU I 44 2.70 30.04 22.79
CA GLU I 44 1.53 30.94 22.89
C GLU I 44 0.33 30.11 23.45
N SER I 45 0.14 30.06 24.77
CA SER I 45 -0.71 29.00 25.41
C SER I 45 -2.18 29.23 25.07
N LEU I 46 -2.65 30.45 25.13
CA LEU I 46 -4.08 30.81 24.85
C LEU I 46 -4.32 30.68 23.35
N LEU I 47 -3.40 31.17 22.52
CA LEU I 47 -3.56 31.08 21.06
C LEU I 47 -3.57 29.62 20.61
N LEU I 48 -2.71 28.77 21.16
CA LEU I 48 -2.68 27.33 20.83
C LEU I 48 -4.01 26.69 21.23
N LYS I 49 -4.54 27.04 22.38
CA LYS I 49 -5.80 26.41 22.86
C LYS I 49 -6.95 26.90 21.99
N GLN I 50 -7.01 28.20 21.76
CA GLN I 50 -7.95 28.84 20.81
C GLN I 50 -7.93 28.12 19.46
N THR I 51 -6.75 27.92 18.91
CA THR I 51 -6.58 27.34 17.55
C THR I 51 -7.14 25.91 17.55
N LEU I 52 -6.69 25.07 18.48
CA LEU I 52 -7.09 23.65 18.53
C LEU I 52 -8.58 23.57 18.79
N HIS I 53 -9.14 24.45 19.61
CA HIS I 53 -10.57 24.44 19.96
C HIS I 53 -11.39 24.71 18.70
N GLN I 54 -11.04 25.74 17.93
CA GLN I 54 -11.74 26.07 16.68
C GLN I 54 -11.71 24.87 15.73
N VAL I 55 -10.55 24.28 15.54
CA VAL I 55 -10.32 23.26 14.49
C VAL I 55 -11.02 21.98 14.91
N LEU I 56 -10.77 21.54 16.16
CA LEU I 56 -11.35 20.28 16.69
C LEU I 56 -12.88 20.41 16.68
N SER I 57 -13.41 21.58 17.07
CA SER I 57 -14.87 21.85 17.06
C SER I 57 -15.40 21.71 15.64
N ASP I 58 -14.72 22.29 14.67
CA ASP I 58 -15.18 22.32 13.26
C ASP I 58 -15.17 20.91 12.68
N ILE I 59 -14.14 20.12 13.01
CA ILE I 59 -13.98 18.78 12.37
C ILE I 59 -14.95 17.81 13.05
N PHE I 60 -15.13 17.91 14.36
CA PHE I 60 -15.98 16.97 15.11
C PHE I 60 -17.43 17.19 14.67
N SER I 61 -17.82 18.43 14.38
CA SER I 61 -19.20 18.84 14.02
C SER I 61 -19.44 18.78 12.51
N GLY I 62 -18.37 18.57 11.71
CA GLY I 62 -18.45 18.47 10.26
C GLY I 62 -18.68 19.80 9.57
N MET I 63 -18.24 20.92 10.18
CA MET I 63 -18.25 22.26 9.53
C MET I 63 -17.05 22.35 8.58
N GLN I 64 -15.93 21.72 8.93
CA GLN I 64 -14.78 21.49 8.04
C GLN I 64 -14.54 19.98 7.98
N GLU I 65 -13.95 19.50 6.89
CA GLU I 65 -13.55 18.09 6.67
C GLU I 65 -12.15 17.88 7.25
N LYS I 66 -11.25 18.84 7.02
CA LYS I 66 -9.86 18.69 7.50
C LYS I 66 -9.22 20.03 7.83
N ALA I 67 -8.05 19.97 8.47
CA ALA I 67 -7.26 21.16 8.84
C ALA I 67 -5.78 20.81 8.72
N VAL I 68 -5.01 21.78 8.24
CA VAL I 68 -3.54 21.66 8.13
C VAL I 68 -2.97 22.77 8.99
N ILE I 69 -2.05 22.39 9.86
CA ILE I 69 -1.46 23.32 10.88
C ILE I 69 0.05 23.20 10.76
N PRO I 70 0.67 24.23 10.15
CA PRO I 70 2.10 24.48 10.35
C PRO I 70 2.29 25.00 11.78
N LEU I 71 2.77 24.13 12.66
CA LEU I 71 2.89 24.38 14.12
C LEU I 71 4.33 24.79 14.42
N HIS I 72 4.53 26.00 14.93
CA HIS I 72 5.84 26.54 15.33
C HIS I 72 6.17 26.04 16.75
N THR I 73 7.39 25.56 16.95
CA THR I 73 7.83 24.96 18.24
C THR I 73 8.20 26.06 19.25
N GLY I 74 8.19 27.32 18.84
CA GLY I 74 8.76 28.43 19.61
C GLY I 74 10.28 28.45 19.52
N ASN I 75 10.87 27.59 18.70
CA ASN I 75 12.34 27.41 18.65
C ASN I 75 12.83 27.39 17.21
N ASN I 76 12.40 28.37 16.41
CA ASN I 76 12.91 28.59 15.03
C ASN I 76 12.75 27.29 14.24
N HIS I 77 11.59 26.64 14.38
CA HIS I 77 11.38 25.29 13.82
C HIS I 77 9.90 25.08 13.62
N TRP I 78 9.57 24.46 12.48
CA TRP I 78 8.22 24.04 12.06
C TRP I 78 8.05 22.55 12.23
N VAL I 79 6.85 22.13 12.65
CA VAL I 79 6.35 20.72 12.52
C VAL I 79 4.99 20.74 11.83
N ALA I 80 4.55 19.60 11.31
CA ALA I 80 3.31 19.43 10.53
C ALA I 80 2.26 18.69 11.34
N MET I 81 1.10 19.32 11.56
CA MET I 81 -0.05 18.72 12.25
C MET I 81 -1.29 18.89 11.37
N ALA I 82 -2.04 17.80 11.18
CA ALA I 82 -3.24 17.78 10.31
C ALA I 82 -4.30 16.92 10.99
N ILE I 83 -5.57 17.30 10.87
CA ILE I 83 -6.67 16.78 11.70
C ILE I 83 -7.83 16.52 10.75
N LYS I 84 -8.33 15.28 10.76
CA LYS I 84 -9.53 14.83 10.01
C LYS I 84 -10.28 13.82 10.89
N LYS I 85 -11.52 13.52 10.54
CA LYS I 85 -12.29 12.41 11.14
C LYS I 85 -11.70 11.12 10.58
N GLY I 86 -11.39 10.18 11.46
CA GLY I 86 -11.08 8.77 11.11
C GLY I 86 -12.36 8.04 10.81
N MET I 87 -12.30 6.70 10.83
CA MET I 87 -13.31 5.78 10.24
C MET I 87 -14.34 5.34 11.30
N ASN I 88 -14.38 6.00 12.45
CA ASN I 88 -15.02 5.51 13.70
C ASN I 88 -15.84 6.64 14.35
N ASP I 89 -16.28 7.66 13.59
CA ASP I 89 -16.69 8.97 14.14
C ASP I 89 -15.63 9.45 15.14
N ASP I 90 -14.38 9.28 14.70
CA ASP I 90 -13.13 9.34 15.48
C ASP I 90 -12.32 10.55 14.97
N ILE I 91 -11.65 11.29 15.84
CA ILE I 91 -10.74 12.37 15.36
C ILE I 91 -9.32 11.80 15.28
N VAL I 92 -8.63 12.00 14.17
CA VAL I 92 -7.20 11.53 14.04
C VAL I 92 -6.31 12.74 13.78
N ILE I 93 -5.47 13.03 14.75
CA ILE I 93 -4.47 14.14 14.62
C ILE I 93 -3.16 13.50 14.19
N SER I 94 -2.78 13.73 12.94
CA SER I 94 -1.51 13.29 12.31
C SER I 94 -0.45 14.37 12.56
N TYR I 95 0.77 13.92 12.88
CA TYR I 95 1.88 14.80 13.29
C TYR I 95 3.17 14.28 12.70
N ASN I 96 3.97 15.14 12.09
CA ASN I 96 5.40 14.79 11.88
C ASN I 96 6.27 16.03 12.06
N ASP I 97 7.33 15.87 12.83
CA ASP I 97 8.49 16.78 12.94
C ASP I 97 9.57 16.29 11.97
N PRO I 98 9.90 17.07 10.92
CA PRO I 98 10.83 16.63 9.90
C PRO I 98 12.23 16.38 10.47
N MET I 99 12.47 16.71 11.71
CA MET I 99 13.72 16.36 12.44
C MET I 99 13.65 14.94 12.99
N GLY I 100 12.47 14.32 12.92
CA GLY I 100 12.20 12.98 13.49
C GLY I 100 11.96 13.02 15.01
N VAL I 101 11.89 14.18 15.62
CA VAL I 101 11.64 14.31 17.08
C VAL I 101 10.16 14.06 17.33
N SER I 102 9.90 13.28 18.37
CA SER I 102 8.54 12.78 18.68
C SER I 102 7.77 13.88 19.42
N ILE I 103 6.44 13.75 19.47
CA ILE I 103 5.49 14.71 20.06
C ILE I 103 5.55 14.62 21.60
N ASP I 104 6.13 13.53 22.12
CA ASP I 104 5.93 13.12 23.53
C ASP I 104 6.42 14.18 24.52
N ASP I 105 7.51 14.86 24.23
CA ASP I 105 8.06 15.96 25.05
C ASP I 105 7.15 17.17 24.97
N LYS I 106 6.20 17.22 24.03
CA LYS I 106 5.34 18.42 23.88
C LYS I 106 4.08 18.28 24.75
N VAL I 107 4.27 18.38 26.06
CA VAL I 107 3.27 17.99 27.08
C VAL I 107 2.14 19.02 27.05
N THR I 108 2.51 20.28 26.82
CA THR I 108 1.50 21.37 26.69
C THR I 108 0.55 21.02 25.55
N LEU I 109 1.09 20.60 24.42
CA LEU I 109 0.29 20.29 23.22
C LEU I 109 -0.64 19.12 23.55
N ILE I 110 -0.07 18.02 24.08
CA ILE I 110 -0.81 16.75 24.29
C ILE I 110 -1.97 17.02 25.26
N ASN I 111 -1.67 17.74 26.35
CA ASN I 111 -2.61 17.96 27.47
C ASN I 111 -3.77 18.84 26.95
N CYS I 112 -3.44 19.79 26.11
CA CYS I 112 -4.42 20.73 25.52
C CYS I 112 -5.37 19.96 24.60
N ILE I 113 -4.84 18.99 23.85
CA ILE I 113 -5.64 18.07 23.01
C ILE I 113 -6.54 17.21 23.89
N LYS I 114 -5.98 16.59 24.93
CA LYS I 114 -6.72 15.65 25.79
C LYS I 114 -7.86 16.37 26.49
N GLU I 115 -7.63 17.59 26.96
CA GLU I 115 -8.68 18.44 27.61
C GLU I 115 -9.83 18.68 26.62
N LEU I 116 -9.51 19.09 25.39
CA LEU I 116 -10.54 19.50 24.40
C LEU I 116 -11.26 18.25 23.93
N CYS I 117 -10.50 17.18 23.71
CA CYS I 117 -10.97 15.97 22.99
C CYS I 117 -10.22 14.75 23.49
N PRO I 118 -10.67 14.15 24.61
CA PRO I 118 -9.93 13.05 25.22
C PRO I 118 -9.90 11.81 24.33
N GLY I 119 -10.84 11.71 23.40
CA GLY I 119 -10.99 10.55 22.50
C GLY I 119 -10.15 10.68 21.24
N ALA I 120 -9.55 11.83 20.98
CA ALA I 120 -8.74 12.09 19.77
C ALA I 120 -7.61 11.07 19.67
N LYS I 121 -7.36 10.49 18.50
CA LYS I 121 -6.13 9.70 18.24
C LYS I 121 -5.03 10.68 17.83
N ILE I 122 -3.80 10.41 18.24
CA ILE I 122 -2.62 11.16 17.70
C ILE I 122 -1.72 10.15 16.99
N ASN I 123 -1.45 10.35 15.70
CA ASN I 123 -0.47 9.51 14.95
C ASN I 123 0.77 10.34 14.63
N ASP I 124 1.77 10.16 15.48
CA ASP I 124 3.10 10.73 15.45
C ASP I 124 3.93 9.79 14.55
N LEU I 125 4.17 10.29 13.35
CA LEU I 125 4.90 9.51 12.30
C LEU I 125 6.37 9.49 12.63
N GLN I 126 6.87 10.39 13.45
CA GLN I 126 8.26 10.39 13.94
C GLN I 126 9.23 9.96 12.83
N THR I 127 9.20 10.65 11.70
CA THR I 127 10.02 10.29 10.52
C THR I 127 11.02 11.42 10.24
N VAL I 128 12.31 11.10 10.29
CA VAL I 128 13.39 12.07 9.94
C VAL I 128 13.29 12.38 8.44
N GLN I 129 13.41 13.65 8.06
CA GLN I 129 13.23 14.11 6.67
C GLN I 129 14.34 15.08 6.30
N GLN I 130 14.50 16.16 7.05
CA GLN I 130 15.49 17.20 6.72
C GLN I 130 16.88 16.65 7.01
N THR I 131 17.84 17.01 6.14
CA THR I 131 19.24 16.61 6.26
C THR I 131 20.10 17.84 6.52
N ASN I 132 19.50 18.87 7.12
CA ASN I 132 20.18 20.17 7.44
C ASN I 132 19.24 20.99 8.34
N VAL I 133 19.69 22.16 8.78
CA VAL I 133 18.95 23.00 9.77
C VAL I 133 18.10 24.05 9.06
N TYR I 134 17.85 23.91 7.74
CA TYR I 134 17.08 24.92 6.95
C TYR I 134 15.74 24.39 6.48
N ASP I 135 15.54 23.09 6.32
CA ASP I 135 14.55 22.51 5.39
C ASP I 135 13.25 22.08 6.09
N CYS I 136 12.98 22.57 7.29
CA CYS I 136 11.71 22.18 7.99
C CYS I 136 10.53 22.80 7.24
N GLY I 137 10.69 24.01 6.69
CA GLY I 137 9.57 24.69 5.99
C GLY I 137 9.11 23.88 4.79
N PRO I 138 10.04 23.58 3.86
CA PRO I 138 9.71 22.72 2.70
C PRO I 138 9.06 21.38 3.04
N PHE I 139 9.50 20.71 4.10
CA PHE I 139 8.97 19.36 4.44
C PHE I 139 7.65 19.50 5.19
N VAL I 140 7.44 20.62 5.90
CA VAL I 140 6.14 20.82 6.59
C VAL I 140 5.06 21.07 5.52
N VAL I 141 5.37 21.90 4.53
CA VAL I 141 4.43 22.18 3.42
C VAL I 141 4.10 20.88 2.68
N ASP I 142 5.12 20.10 2.36
CA ASP I 142 4.95 18.83 1.62
C ASP I 142 4.13 17.83 2.46
N ASN I 143 4.46 17.72 3.76
CA ASN I 143 3.80 16.80 4.70
C ASN I 143 2.30 17.13 4.79
N LEU I 144 1.99 18.40 4.95
CA LEU I 144 0.57 18.85 5.12
C LEU I 144 -0.23 18.56 3.87
N ILE I 145 0.32 18.80 2.70
CA ILE I 145 -0.37 18.53 1.39
C ILE I 145 -0.67 17.05 1.33
N LYS I 146 0.31 16.20 1.60
CA LYS I 146 0.19 14.71 1.52
C LYS I 146 -0.80 14.22 2.57
N MET I 147 -0.71 14.73 3.80
CA MET I 147 -1.62 14.36 4.90
C MET I 147 -3.04 14.74 4.51
N SER I 148 -3.27 15.94 3.95
CA SER I 148 -4.60 16.41 3.48
C SER I 148 -5.12 15.48 2.38
N GLN I 149 -4.24 14.84 1.60
CA GLN I 149 -4.65 13.98 0.44
C GLN I 149 -4.77 12.52 0.88
N GLY I 150 -4.50 12.20 2.14
CA GLY I 150 -4.51 10.83 2.68
C GLY I 150 -3.34 10.02 2.12
N GLN I 151 -2.29 10.68 1.65
CA GLN I 151 -1.07 10.02 1.12
C GLN I 151 -0.05 9.92 2.26
N PRO I 152 0.80 8.87 2.29
CA PRO I 152 1.92 8.82 3.24
C PRO I 152 2.91 9.96 2.95
N ILE I 153 3.56 10.42 3.99
CA ILE I 153 4.57 11.52 3.87
C ILE I 153 5.83 10.89 3.31
N LEU I 154 6.75 11.73 2.83
CA LEU I 154 8.03 11.24 2.33
C LEU I 154 8.79 10.50 3.44
N SER I 155 9.31 9.33 3.11
CA SER I 155 10.22 8.53 3.97
C SER I 155 11.55 9.26 4.12
N THR I 156 12.33 8.87 5.09
CA THR I 156 13.72 9.37 5.24
C THR I 156 14.44 9.34 3.89
N GLU I 157 14.41 8.20 3.20
CA GLU I 157 15.13 8.00 1.93
C GLU I 157 14.59 8.94 0.84
N GLU I 158 13.27 8.92 0.66
CA GLU I 158 12.60 9.76 -0.36
C GLU I 158 12.93 11.21 -0.06
N ALA I 159 12.93 11.57 1.24
CA ALA I 159 13.15 12.96 1.66
C ALA I 159 14.59 13.36 1.36
N LYS I 160 15.51 12.46 1.65
CA LYS I 160 16.93 12.79 1.36
C LYS I 160 17.05 13.07 -0.14
N GLN I 161 16.29 12.33 -0.96
CA GLN I 161 16.43 12.35 -2.44
C GLN I 161 15.69 13.56 -3.02
N GLN I 162 14.60 14.02 -2.39
CA GLN I 162 13.69 14.98 -3.03
C GLN I 162 13.81 16.39 -2.43
N ALA I 163 14.63 16.59 -1.40
CA ALA I 163 14.73 17.82 -0.59
C ALA I 163 14.93 19.05 -1.51
N GLN I 164 15.99 19.04 -2.30
CA GLN I 164 16.35 20.16 -3.19
C GLN I 164 15.23 20.43 -4.19
N ASN I 165 14.57 19.39 -4.68
CA ASN I 165 13.52 19.52 -5.73
C ASN I 165 12.30 20.16 -5.10
N ILE I 166 11.92 19.77 -3.87
CA ILE I 166 10.64 20.29 -3.30
C ILE I 166 10.87 21.76 -2.89
N ARG I 167 12.02 22.11 -2.35
CA ARG I 167 12.38 23.53 -2.09
C ARG I 167 12.36 24.31 -3.40
N GLN I 168 13.06 23.83 -4.42
CA GLN I 168 13.17 24.53 -5.72
C GLN I 168 11.76 24.77 -6.26
N SER I 169 10.95 23.74 -6.28
CA SER I 169 9.56 23.82 -6.79
C SER I 169 8.78 24.91 -6.03
N GLN I 170 8.89 24.88 -4.71
CA GLN I 170 8.10 25.72 -3.80
C GLN I 170 8.64 27.15 -3.93
N VAL I 171 9.94 27.30 -4.05
CA VAL I 171 10.57 28.65 -4.15
C VAL I 171 10.27 29.26 -5.53
N ASN I 172 10.02 28.45 -6.54
CA ASN I 172 9.58 28.93 -7.87
C ASN I 172 8.19 29.58 -7.74
N PHE I 173 7.24 28.90 -7.10
CA PHE I 173 5.90 29.52 -6.90
C PHE I 173 6.05 30.76 -6.03
N LEU I 174 6.88 30.72 -4.98
CA LEU I 174 6.99 31.86 -4.05
C LEU I 174 7.54 33.07 -4.79
N SER I 175 8.56 32.90 -5.63
CA SER I 175 9.17 34.04 -6.38
C SER I 175 8.11 34.74 -7.22
N GLU I 176 7.33 33.94 -7.94
CA GLU I 176 6.32 34.44 -8.89
C GLU I 176 5.24 35.17 -8.07
N ASN I 177 4.77 34.53 -6.99
CA ASN I 177 3.67 35.05 -6.14
C ASN I 177 4.11 36.40 -5.57
N ARG I 178 5.35 36.51 -5.11
CA ARG I 178 5.89 37.76 -4.49
C ARG I 178 5.83 38.90 -5.51
N MET I 179 6.12 38.60 -6.78
CA MET I 179 6.19 39.64 -7.84
C MET I 179 4.78 40.11 -8.18
N ILE I 180 3.79 39.23 -8.14
CA ILE I 180 2.37 39.56 -8.44
C ILE I 180 1.82 40.47 -7.34
N THR I 181 2.11 40.12 -6.09
CA THR I 181 1.78 40.91 -4.88
C THR I 181 2.46 42.29 -4.94
N SER I 182 3.75 42.41 -5.17
CA SER I 182 4.41 43.75 -5.17
C SER I 182 3.91 44.63 -6.34
N ALA I 183 3.64 44.06 -7.51
CA ALA I 183 3.09 44.83 -8.65
C ALA I 183 1.67 45.31 -8.28
N ALA I 184 0.89 44.45 -7.66
CA ALA I 184 -0.49 44.76 -7.25
C ALA I 184 -0.47 45.84 -6.18
N ALA I 185 0.49 45.76 -5.26
CA ALA I 185 0.56 46.70 -4.13
C ALA I 185 0.89 48.08 -4.68
N ALA I 186 1.84 48.14 -5.61
CA ALA I 186 2.31 49.42 -6.17
C ALA I 186 1.17 50.06 -7.00
N LEU I 187 0.41 49.23 -7.69
CA LEU I 187 -0.73 49.72 -8.46
C LEU I 187 -1.79 50.23 -7.48
N ALA I 188 -2.15 49.42 -6.47
CA ALA I 188 -3.07 49.84 -5.41
C ALA I 188 -2.65 51.20 -4.86
N ASP I 189 -1.36 51.43 -4.59
CA ASP I 189 -0.89 52.75 -4.08
C ASP I 189 -1.17 53.89 -5.07
N THR I 190 -0.93 53.75 -6.38
CA THR I 190 -1.14 54.84 -7.35
C THR I 190 -2.61 55.24 -7.32
N LEU I 191 -3.50 54.31 -7.02
CA LEU I 191 -4.97 54.50 -7.09
C LEU I 191 -5.54 54.98 -5.75
N LEU I 192 -4.99 54.54 -4.60
CA LEU I 192 -5.42 55.01 -3.26
C LEU I 192 -4.97 56.46 -3.10
N LYS I 193 -3.81 56.83 -3.68
CA LYS I 193 -3.18 58.14 -3.36
C LYS I 193 -3.16 58.28 -1.84
N ASN I 194 -3.68 59.33 -1.19
CA ASN I 194 -3.49 59.35 0.30
C ASN I 194 -4.83 59.03 0.98
N ASN I 195 -5.66 58.19 0.36
CA ASN I 195 -6.87 57.64 1.03
C ASN I 195 -6.53 56.24 1.58
N ASN I 196 -6.93 55.92 2.80
CA ASN I 196 -6.84 54.58 3.38
C ASN I 196 -8.08 53.74 3.04
N ARG I 197 -9.10 54.42 2.49
CA ARG I 197 -10.31 53.75 1.96
C ARG I 197 -10.70 54.36 0.63
N ILE I 198 -11.13 53.53 -0.32
CA ILE I 198 -11.97 53.95 -1.48
C ILE I 198 -13.07 52.91 -1.73
N THR I 199 -14.19 53.31 -2.30
CA THR I 199 -15.25 52.42 -2.83
C THR I 199 -14.81 51.88 -4.18
N GLU I 200 -15.45 50.81 -4.63
CA GLU I 200 -15.23 50.26 -6.01
C GLU I 200 -15.58 51.35 -7.04
N GLY I 201 -16.43 52.32 -6.68
CA GLY I 201 -16.88 53.40 -7.56
C GLY I 201 -15.81 54.45 -7.74
N VAL I 202 -15.14 54.84 -6.65
CA VAL I 202 -13.95 55.73 -6.70
C VAL I 202 -12.78 55.01 -7.40
N LEU I 203 -12.63 53.71 -7.20
CA LEU I 203 -11.63 52.92 -7.96
C LEU I 203 -11.85 53.09 -9.46
N VAL I 204 -13.05 52.77 -9.95
CA VAL I 204 -13.38 52.80 -11.40
C VAL I 204 -12.98 54.18 -11.92
N ASP I 205 -13.33 55.21 -11.17
CA ASP I 205 -13.09 56.62 -11.59
C ASP I 205 -11.59 56.96 -11.52
N ARG I 206 -10.85 56.40 -10.57
CA ARG I 206 -9.39 56.71 -10.45
C ARG I 206 -8.64 56.06 -11.60
N ILE I 207 -9.06 54.86 -12.00
CA ILE I 207 -8.49 54.17 -13.19
C ILE I 207 -8.76 55.01 -14.44
N PHE I 208 -9.96 55.56 -14.59
CA PHE I 208 -10.37 56.37 -15.77
C PHE I 208 -9.45 57.60 -15.82
N ASP I 209 -9.23 58.27 -14.67
CA ASP I 209 -8.48 59.56 -14.61
C ASP I 209 -6.96 59.30 -14.46
N ASN I 210 -6.52 58.04 -14.31
CA ASN I 210 -5.08 57.72 -14.10
C ASN I 210 -4.24 58.28 -15.23
N LYS I 211 -3.05 58.78 -14.94
CA LYS I 211 -2.21 59.63 -15.83
C LYS I 211 -1.12 58.77 -16.50
N ILE I 212 -1.01 57.50 -16.09
CA ILE I 212 0.21 56.67 -16.31
C ILE I 212 -0.11 55.49 -17.24
N LEU I 213 -1.17 54.76 -16.97
CA LEU I 213 -1.60 53.58 -17.77
C LEU I 213 -2.11 54.11 -19.11
N SER I 214 -1.77 53.40 -20.20
CA SER I 214 -2.34 53.61 -21.56
C SER I 214 -3.82 53.30 -21.49
N VAL I 215 -4.58 53.62 -22.55
CA VAL I 215 -6.04 53.38 -22.60
C VAL I 215 -6.26 51.86 -22.64
N GLN I 216 -5.39 51.12 -23.31
CA GLN I 216 -5.52 49.65 -23.45
C GLN I 216 -5.16 48.95 -22.15
N GLU I 217 -4.17 49.43 -21.40
CA GLU I 217 -3.83 48.87 -20.06
C GLU I 217 -5.07 49.03 -19.16
N LYS I 218 -5.69 50.20 -19.18
CA LYS I 218 -6.92 50.50 -18.39
C LYS I 218 -8.04 49.55 -18.82
N GLN I 219 -8.26 49.42 -20.13
CA GLN I 219 -9.37 48.58 -20.68
C GLN I 219 -9.16 47.16 -20.15
N GLN I 220 -7.93 46.65 -20.15
CA GLN I 220 -7.67 45.25 -19.70
C GLN I 220 -7.95 45.12 -18.21
N LEU I 221 -7.35 46.01 -17.41
CA LEU I 221 -7.54 46.04 -15.94
C LEU I 221 -9.04 46.10 -15.64
N LEU I 222 -9.79 46.97 -16.28
CA LEU I 222 -11.21 47.18 -15.90
C LEU I 222 -12.04 45.98 -16.36
N ASN I 223 -11.75 45.38 -17.54
CA ASN I 223 -12.44 44.14 -17.97
C ASN I 223 -12.16 43.05 -16.93
N ASN I 224 -10.90 42.89 -16.53
CA ASN I 224 -10.48 41.85 -15.55
C ASN I 224 -11.29 41.97 -14.27
N LEU I 225 -11.48 43.18 -13.77
CA LEU I 225 -12.17 43.44 -12.48
C LEU I 225 -13.69 43.38 -12.64
N LEU I 226 -14.21 43.80 -13.79
CA LEU I 226 -15.69 43.73 -14.04
C LEU I 226 -16.14 42.27 -13.96
N ASP I 227 -15.27 41.33 -14.30
CA ASP I 227 -15.66 39.90 -14.41
C ASP I 227 -16.09 39.39 -13.05
N ASN I 228 -15.45 39.83 -11.97
CA ASN I 228 -15.71 39.27 -10.60
C ASN I 228 -16.03 40.34 -9.57
N HIS I 229 -16.01 41.63 -9.92
CA HIS I 229 -16.11 42.71 -8.90
C HIS I 229 -17.00 43.83 -9.44
N ILE I 230 -17.04 44.95 -8.72
CA ILE I 230 -17.82 46.17 -9.07
C ILE I 230 -19.27 45.77 -9.28
N LYS I 231 -19.85 45.09 -8.29
CA LYS I 231 -21.26 44.68 -8.32
C LYS I 231 -22.06 45.45 -7.26
N GLU I 232 -21.46 45.73 -6.12
CA GLU I 232 -22.16 46.28 -4.94
C GLU I 232 -21.43 47.50 -4.36
N ASN I 233 -20.55 48.13 -5.14
CA ASN I 233 -19.81 49.34 -4.68
C ASN I 233 -19.22 49.12 -3.28
N LYS I 234 -18.38 48.13 -3.09
CA LYS I 234 -17.86 47.77 -1.74
C LYS I 234 -16.63 48.65 -1.40
N SER I 235 -16.46 48.91 -0.13
CA SER I 235 -15.32 49.61 0.48
C SER I 235 -14.05 48.74 0.41
N LEU I 236 -12.97 49.33 -0.07
CA LEU I 236 -11.65 48.67 -0.26
C LEU I 236 -10.60 49.35 0.61
N THR I 237 -9.58 48.61 0.98
CA THR I 237 -8.39 49.11 1.74
C THR I 237 -7.16 48.79 0.92
N LYS I 238 -6.00 49.25 1.31
CA LYS I 238 -4.71 48.83 0.71
C LYS I 238 -4.71 47.31 0.56
N GLU I 239 -5.07 46.58 1.62
CA GLU I 239 -4.93 45.08 1.62
C GLU I 239 -5.99 44.44 0.71
N SER I 240 -7.29 44.79 0.84
CA SER I 240 -8.33 44.19 -0.02
C SER I 240 -8.17 44.63 -1.48
N LEU I 241 -7.60 45.81 -1.73
CA LEU I 241 -7.43 46.29 -3.13
C LEU I 241 -6.24 45.56 -3.75
N THR I 242 -5.17 45.37 -2.97
CA THR I 242 -3.98 44.59 -3.42
C THR I 242 -4.44 43.19 -3.85
N ARG I 243 -5.24 42.52 -3.03
CA ARG I 243 -5.64 41.12 -3.27
C ARG I 243 -6.52 41.09 -4.55
N MET I 244 -7.45 42.03 -4.66
CA MET I 244 -8.35 42.11 -5.82
C MET I 244 -7.51 42.37 -7.09
N LEU I 245 -6.49 43.24 -7.04
CA LEU I 245 -5.63 43.55 -8.21
C LEU I 245 -4.71 42.36 -8.53
N ALA I 246 -4.28 41.61 -7.52
CA ALA I 246 -3.43 40.40 -7.70
C ALA I 246 -4.23 39.29 -8.38
N SER I 247 -5.56 39.40 -8.40
CA SER I 247 -6.51 38.50 -9.12
C SER I 247 -6.43 38.69 -10.63
N THR I 248 -5.91 39.83 -11.05
CA THR I 248 -6.04 40.39 -12.42
C THR I 248 -5.00 39.77 -13.38
N HIS I 249 -5.41 39.37 -14.58
CA HIS I 249 -4.48 39.01 -15.68
C HIS I 249 -3.56 40.23 -15.93
N PHE I 250 -4.11 41.45 -15.81
CA PHE I 250 -3.33 42.67 -16.10
C PHE I 250 -2.07 42.71 -15.22
N VAL I 251 -2.21 42.46 -13.92
CA VAL I 251 -1.08 42.54 -12.94
C VAL I 251 -0.18 41.29 -13.11
N GLN I 252 -0.78 40.12 -13.31
CA GLN I 252 -0.05 38.84 -13.51
C GLN I 252 0.85 38.95 -14.77
N GLN I 253 0.43 39.66 -15.80
CA GLN I 253 1.28 39.97 -16.97
C GLN I 253 2.46 40.88 -16.60
N GLN I 254 2.23 41.98 -15.89
CA GLN I 254 3.33 42.89 -15.50
C GLN I 254 4.42 42.10 -14.75
N ALA I 255 3.98 41.18 -13.91
CA ALA I 255 4.88 40.37 -13.05
C ALA I 255 5.62 39.36 -13.95
N ASN I 256 4.95 38.83 -14.96
CA ASN I 256 5.55 37.87 -15.91
C ASN I 256 6.80 38.49 -16.60
N VAL I 257 6.78 39.77 -16.95
CA VAL I 257 7.91 40.41 -17.66
C VAL I 257 9.07 40.64 -16.67
N LEU I 258 8.76 41.02 -15.44
CA LEU I 258 9.75 41.21 -14.37
C LEU I 258 10.55 39.92 -14.14
N LEU I 259 9.92 38.75 -14.29
CA LEU I 259 10.55 37.45 -13.97
C LEU I 259 11.38 36.91 -15.16
N ASN I 260 11.00 37.17 -16.41
CA ASN I 260 11.55 36.39 -17.56
C ASN I 260 12.44 37.30 -18.41
N GLY J 3 -23.81 44.87 20.39
CA GLY J 3 -22.64 45.64 20.93
C GLY J 3 -21.95 44.83 22.02
N MET J 4 -20.63 44.61 21.88
CA MET J 4 -19.89 43.65 22.71
C MET J 4 -18.44 44.10 22.87
N GLN J 5 -17.77 43.52 23.84
CA GLN J 5 -16.32 43.69 24.13
C GLN J 5 -15.53 42.53 23.54
N ILE J 6 -14.38 42.83 22.94
CA ILE J 6 -13.32 41.81 22.64
C ILE J 6 -11.99 42.36 23.17
N PHE J 7 -11.01 41.47 23.30
CA PHE J 7 -9.66 41.75 23.86
C PHE J 7 -8.63 41.57 22.75
N VAL J 8 -7.60 42.42 22.77
CA VAL J 8 -6.42 42.29 21.88
C VAL J 8 -5.18 42.27 22.75
N LYS J 9 -4.40 41.18 22.67
CA LYS J 9 -3.02 41.13 23.22
C LYS J 9 -2.05 41.78 22.21
N THR J 10 -1.29 42.77 22.64
CA THR J 10 -0.44 43.64 21.78
C THR J 10 0.98 43.10 21.83
N LEU J 11 1.89 43.62 21.02
CA LEU J 11 3.32 43.16 20.98
C LEU J 11 4.02 43.49 22.30
N THR J 12 3.57 44.49 23.06
CA THR J 12 4.21 44.84 24.37
C THR J 12 3.75 43.86 25.44
N GLY J 13 2.74 43.04 25.17
CA GLY J 13 2.19 42.06 26.14
C GLY J 13 1.00 42.61 26.93
N LYS J 14 0.62 43.84 26.63
CA LYS J 14 -0.56 44.55 27.18
C LYS J 14 -1.82 43.93 26.53
N THR J 15 -2.86 43.65 27.28
CA THR J 15 -4.22 43.34 26.76
C THR J 15 -5.10 44.60 26.80
N ILE J 16 -5.65 44.97 25.65
CA ILE J 16 -6.59 46.13 25.52
C ILE J 16 -7.99 45.59 25.20
N THR J 17 -9.02 46.34 25.59
CA THR J 17 -10.43 45.98 25.32
C THR J 17 -10.95 46.92 24.23
N LEU J 18 -11.74 46.38 23.31
CA LEU J 18 -12.38 47.11 22.18
C LEU J 18 -13.89 46.99 22.34
N GLU J 19 -14.61 48.08 22.05
CA GLU J 19 -16.09 48.06 21.84
C GLU J 19 -16.37 47.78 20.36
N VAL J 20 -17.09 46.71 20.05
CA VAL J 20 -17.31 46.26 18.65
C VAL J 20 -18.73 45.70 18.48
N GLU J 21 -19.10 45.47 17.22
CA GLU J 21 -20.33 44.74 16.81
C GLU J 21 -19.89 43.53 16.00
N PRO J 22 -20.66 42.40 16.01
CA PRO J 22 -20.34 41.25 15.15
C PRO J 22 -20.14 41.63 13.67
N SER J 23 -20.83 42.70 13.23
CA SER J 23 -20.90 43.14 11.81
C SER J 23 -19.74 44.11 11.52
N ASP J 24 -18.91 44.44 12.51
CA ASP J 24 -17.69 45.26 12.30
C ASP J 24 -16.77 44.56 11.30
N THR J 25 -16.23 45.34 10.36
CA THR J 25 -15.22 44.84 9.38
C THR J 25 -13.88 44.77 10.10
N ILE J 26 -12.99 43.91 9.60
CA ILE J 26 -11.62 43.73 10.16
C ILE J 26 -10.91 45.07 10.07
N GLU J 27 -11.06 45.81 8.95
CA GLU J 27 -10.36 47.12 8.78
C GLU J 27 -10.85 48.07 9.90
N ASN J 28 -12.12 48.02 10.26
CA ASN J 28 -12.70 48.83 11.35
C ASN J 28 -12.03 48.49 12.69
N VAL J 29 -11.79 47.20 12.93
CA VAL J 29 -11.19 46.69 14.20
C VAL J 29 -9.75 47.16 14.27
N LYS J 30 -9.03 47.10 13.13
CA LYS J 30 -7.62 47.54 13.07
C LYS J 30 -7.56 49.06 13.32
N ALA J 31 -8.55 49.81 12.84
CA ALA J 31 -8.65 51.28 13.02
C ALA J 31 -8.91 51.59 14.50
N LYS J 32 -9.69 50.76 15.18
CA LYS J 32 -9.95 50.91 16.65
C LYS J 32 -8.67 50.62 17.43
N ILE J 33 -7.85 49.68 16.95
CA ILE J 33 -6.56 49.34 17.60
C ILE J 33 -5.60 50.53 17.40
N GLN J 34 -5.56 51.10 16.20
CA GLN J 34 -4.73 52.29 15.90
C GLN J 34 -5.20 53.43 16.83
N ASP J 35 -6.53 53.59 16.96
CA ASP J 35 -7.13 54.66 17.80
C ASP J 35 -6.61 54.56 19.22
N LYS J 36 -6.57 53.37 19.80
CA LYS J 36 -6.34 53.18 21.25
C LYS J 36 -4.83 53.02 21.51
N GLU J 37 -4.07 52.42 20.57
CA GLU J 37 -2.67 52.04 20.82
C GLU J 37 -1.71 52.76 19.85
N GLY J 38 -2.21 53.28 18.75
CA GLY J 38 -1.41 54.13 17.82
C GLY J 38 -0.68 53.27 16.79
N ILE J 39 -0.96 51.98 16.74
CA ILE J 39 -0.30 51.05 15.77
C ILE J 39 -1.09 51.10 14.46
N PRO J 40 -0.41 51.49 13.34
CA PRO J 40 -1.07 51.54 12.04
C PRO J 40 -1.55 50.19 11.54
N PRO J 41 -2.74 50.14 10.91
CA PRO J 41 -3.27 48.91 10.32
C PRO J 41 -2.26 48.06 9.52
N ASP J 42 -1.38 48.69 8.74
CA ASP J 42 -0.46 47.97 7.81
C ASP J 42 0.69 47.32 8.61
N GLN J 43 0.83 47.62 9.90
CA GLN J 43 1.85 47.05 10.81
C GLN J 43 1.16 46.08 11.76
N GLN J 44 -0.12 45.76 11.53
CA GLN J 44 -0.90 44.87 12.44
C GLN J 44 -0.98 43.49 11.80
N ARG J 45 -0.48 42.47 12.48
CA ARG J 45 -0.66 41.04 12.08
C ARG J 45 -1.63 40.46 13.10
N LEU J 46 -2.93 40.54 12.76
CA LEU J 46 -4.03 40.36 13.72
C LEU J 46 -4.56 38.94 13.55
N ILE J 47 -4.50 38.14 14.61
CA ILE J 47 -4.73 36.67 14.60
C ILE J 47 -5.92 36.35 15.48
N PHE J 48 -6.82 35.52 14.97
CA PHE J 48 -7.80 34.80 15.81
C PHE J 48 -7.67 33.31 15.50
N ALA J 49 -7.45 32.51 16.53
CA ALA J 49 -7.42 31.04 16.43
C ALA J 49 -6.59 30.61 15.21
N GLY J 50 -5.45 31.26 15.01
CA GLY J 50 -4.40 30.81 14.10
C GLY J 50 -4.56 31.39 12.70
N LYS J 51 -5.58 32.22 12.48
CA LYS J 51 -5.80 32.87 11.17
C LYS J 51 -5.53 34.36 11.25
N GLN J 52 -4.88 34.88 10.20
CA GLN J 52 -4.75 36.35 10.01
C GLN J 52 -6.10 36.86 9.49
N LEU J 53 -6.66 37.87 10.16
CA LEU J 53 -7.96 38.45 9.77
C LEU J 53 -7.78 39.38 8.55
N GLU J 54 -8.63 39.23 7.54
CA GLU J 54 -8.50 39.91 6.24
C GLU J 54 -9.50 41.07 6.17
N ASP J 55 -9.03 42.22 5.67
CA ASP J 55 -9.85 43.39 5.35
C ASP J 55 -10.97 42.94 4.41
N GLY J 56 -12.17 43.47 4.62
CA GLY J 56 -13.34 43.12 3.78
C GLY J 56 -14.12 41.98 4.38
N ARG J 57 -13.60 41.29 5.42
CA ARG J 57 -14.41 40.33 6.22
C ARG J 57 -14.94 41.04 7.47
N THR J 58 -15.86 40.43 8.17
CA THR J 58 -16.43 40.89 9.46
C THR J 58 -15.97 39.95 10.57
N LEU J 59 -16.09 40.40 11.82
CA LEU J 59 -15.83 39.59 13.04
C LEU J 59 -16.64 38.30 12.97
N SER J 60 -17.92 38.37 12.59
CA SER J 60 -18.86 37.22 12.61
C SER J 60 -18.48 36.23 11.50
N ASP J 61 -17.83 36.69 10.44
CA ASP J 61 -17.26 35.80 9.40
C ASP J 61 -16.27 34.83 10.05
N TYR J 62 -15.57 35.25 11.11
CA TYR J 62 -14.55 34.44 11.82
C TYR J 62 -15.12 33.85 13.11
N ASN J 63 -16.45 33.97 13.29
CA ASN J 63 -17.16 33.48 14.48
C ASN J 63 -16.51 34.08 15.73
N ILE J 64 -16.11 35.33 15.67
CA ILE J 64 -15.53 36.08 16.85
C ILE J 64 -16.70 36.64 17.65
N GLN J 65 -16.80 36.23 18.92
CA GLN J 65 -17.97 36.52 19.78
C GLN J 65 -17.51 37.32 21.00
N LYS J 66 -18.44 37.65 21.90
CA LYS J 66 -18.17 38.50 23.07
C LYS J 66 -17.00 37.88 23.84
N GLU J 67 -16.01 38.69 24.20
CA GLU J 67 -14.93 38.29 25.15
C GLU J 67 -13.92 37.36 24.46
N SER J 68 -13.97 37.25 23.13
CA SER J 68 -12.86 36.64 22.35
C SER J 68 -11.60 37.49 22.51
N THR J 69 -10.45 36.83 22.47
CA THR J 69 -9.11 37.46 22.51
C THR J 69 -8.49 37.34 21.12
N LEU J 70 -8.10 38.46 20.52
CA LEU J 70 -7.25 38.47 19.31
C LEU J 70 -5.82 38.75 19.73
N HIS J 71 -4.88 38.35 18.87
CA HIS J 71 -3.43 38.51 19.11
C HIS J 71 -2.86 39.41 18.03
N LEU J 72 -2.07 40.40 18.41
CA LEU J 72 -1.13 41.11 17.50
C LEU J 72 0.23 40.38 17.57
N VAL J 73 0.77 40.02 16.42
CA VAL J 73 1.80 38.96 16.34
C VAL J 73 3.02 39.42 15.52
N LEU J 74 4.14 38.83 15.84
CA LEU J 74 5.40 38.86 15.05
C LEU J 74 5.38 37.65 14.09
N ARG J 75 5.90 37.81 12.91
CA ARG J 75 5.85 36.77 11.86
C ARG J 75 6.84 35.67 12.23
N LEU J 76 6.39 34.43 12.29
CA LEU J 76 7.22 33.26 12.67
C LEU J 76 8.02 32.84 11.45
N ARG J 77 9.18 32.24 11.65
CA ARG J 77 10.04 31.63 10.60
C ARG J 77 10.78 30.44 11.17
N GLY J 78 11.29 29.48 10.35
CA GLY J 78 11.98 28.32 10.92
C GLY J 78 12.80 27.55 9.92
N GLY J 79 13.68 26.69 10.41
CA GLY J 79 14.57 25.87 9.57
C GLY J 79 14.65 24.42 10.03
N GLY K 3 -37.83 64.00 -20.65
CA GLY K 3 -37.08 63.23 -19.64
C GLY K 3 -35.91 64.01 -19.09
N MET K 4 -34.69 63.48 -19.19
CA MET K 4 -33.48 64.01 -18.53
C MET K 4 -32.22 63.65 -19.32
N GLN K 5 -31.14 64.33 -19.00
CA GLN K 5 -29.77 64.08 -19.56
C GLN K 5 -28.96 63.28 -18.55
N ILE K 6 -28.18 62.31 -19.03
CA ILE K 6 -27.09 61.64 -18.26
C ILE K 6 -25.82 61.65 -19.12
N PHE K 7 -24.68 61.42 -18.47
CA PHE K 7 -23.34 61.41 -19.09
C PHE K 7 -22.76 60.00 -19.01
N VAL K 8 -22.02 59.59 -20.03
CA VAL K 8 -21.25 58.31 -20.05
C VAL K 8 -19.79 58.62 -20.37
N LYS K 9 -18.90 58.29 -19.46
CA LYS K 9 -17.44 58.47 -19.63
C LYS K 9 -16.85 57.20 -20.24
N THR K 10 -16.01 57.38 -21.27
CA THR K 10 -15.32 56.26 -21.96
C THR K 10 -13.85 56.34 -21.61
N LEU K 11 -13.13 55.25 -21.87
CA LEU K 11 -11.68 55.15 -21.57
C LEU K 11 -10.89 56.06 -22.49
N THR K 12 -11.40 56.43 -23.66
CA THR K 12 -10.69 57.33 -24.63
C THR K 12 -10.78 58.78 -24.13
N GLY K 13 -11.57 59.05 -23.10
CA GLY K 13 -11.63 60.37 -22.45
C GLY K 13 -12.83 61.16 -22.95
N LYS K 14 -13.60 60.57 -23.87
CA LYS K 14 -14.85 61.14 -24.40
C LYS K 14 -15.91 60.99 -23.30
N THR K 15 -16.59 62.08 -22.98
CA THR K 15 -17.91 62.07 -22.29
C THR K 15 -19.00 62.21 -23.35
N ILE K 16 -19.95 61.27 -23.39
CA ILE K 16 -21.13 61.40 -24.30
C ILE K 16 -22.38 61.66 -23.44
N THR K 17 -23.27 62.49 -23.97
CA THR K 17 -24.48 62.92 -23.23
C THR K 17 -25.68 62.25 -23.90
N LEU K 18 -26.56 61.65 -23.08
CA LEU K 18 -27.71 60.84 -23.53
C LEU K 18 -29.00 61.52 -23.07
N GLU K 19 -30.02 61.50 -23.95
CA GLU K 19 -31.43 61.83 -23.61
C GLU K 19 -32.13 60.55 -23.17
N VAL K 20 -32.63 60.53 -21.93
CA VAL K 20 -33.20 59.29 -21.32
C VAL K 20 -34.39 59.64 -20.44
N GLU K 21 -35.12 58.61 -20.01
CA GLU K 21 -36.20 58.70 -18.99
C GLU K 21 -35.80 57.80 -17.84
N PRO K 22 -36.22 58.11 -16.58
CA PRO K 22 -35.98 57.21 -15.45
C PRO K 22 -36.42 55.77 -15.70
N SER K 23 -37.41 55.57 -16.56
CA SER K 23 -38.06 54.25 -16.82
C SER K 23 -37.32 53.51 -17.94
N ASP K 24 -36.32 54.13 -18.55
CA ASP K 24 -35.51 53.48 -19.61
C ASP K 24 -34.79 52.25 -19.02
N THR K 25 -34.81 51.13 -19.73
CA THR K 25 -34.04 49.90 -19.36
C THR K 25 -32.57 50.11 -19.71
N ILE K 26 -31.69 49.37 -19.03
CA ILE K 26 -30.22 49.38 -19.28
C ILE K 26 -29.97 49.01 -20.75
N GLU K 27 -30.69 48.00 -21.26
CA GLU K 27 -30.64 47.55 -22.67
C GLU K 27 -30.92 48.73 -23.60
N ASN K 28 -31.91 49.54 -23.26
CA ASN K 28 -32.35 50.73 -24.04
C ASN K 28 -31.19 51.74 -24.06
N VAL K 29 -30.51 51.91 -22.94
CA VAL K 29 -29.39 52.89 -22.80
C VAL K 29 -28.23 52.42 -23.68
N LYS K 30 -27.95 51.12 -23.69
CA LYS K 30 -26.87 50.54 -24.52
C LYS K 30 -27.22 50.72 -26.00
N ALA K 31 -28.51 50.61 -26.36
CA ALA K 31 -29.01 50.79 -27.75
C ALA K 31 -28.82 52.25 -28.16
N LYS K 32 -29.03 53.19 -27.24
CA LYS K 32 -28.82 54.64 -27.50
C LYS K 32 -27.32 54.91 -27.71
N ILE K 33 -26.46 54.20 -26.99
CA ILE K 33 -24.99 54.33 -27.13
C ILE K 33 -24.59 53.79 -28.50
N GLN K 34 -25.13 52.64 -28.92
CA GLN K 34 -24.89 52.08 -30.26
C GLN K 34 -25.33 53.10 -31.31
N ASP K 35 -26.51 53.71 -31.10
CA ASP K 35 -27.09 54.71 -32.02
C ASP K 35 -26.09 55.85 -32.26
N LYS K 36 -25.50 56.37 -31.19
CA LYS K 36 -24.75 57.65 -31.23
C LYS K 36 -23.26 57.36 -31.49
N GLU K 37 -22.75 56.23 -31.07
CA GLU K 37 -21.28 55.93 -31.10
C GLU K 37 -20.99 54.71 -31.99
N GLY K 38 -21.98 53.85 -32.25
CA GLY K 38 -21.84 52.69 -33.15
C GLY K 38 -21.26 51.48 -32.43
N ILE K 39 -21.15 51.53 -31.10
CA ILE K 39 -20.67 50.39 -30.28
C ILE K 39 -21.82 49.43 -30.02
N PRO K 40 -21.71 48.16 -30.44
CA PRO K 40 -22.76 47.16 -30.17
C PRO K 40 -23.01 46.89 -28.69
N PRO K 41 -24.30 46.79 -28.27
CA PRO K 41 -24.64 46.51 -26.87
C PRO K 41 -23.84 45.37 -26.21
N ASP K 42 -23.55 44.30 -26.93
CA ASP K 42 -22.94 43.07 -26.35
C ASP K 42 -21.44 43.31 -26.09
N GLN K 43 -20.90 44.46 -26.48
CA GLN K 43 -19.49 44.84 -26.16
C GLN K 43 -19.45 45.81 -24.98
N GLN K 44 -20.62 46.20 -24.44
CA GLN K 44 -20.75 47.34 -23.50
C GLN K 44 -20.97 46.81 -22.09
N ARG K 45 -20.15 47.25 -21.13
CA ARG K 45 -20.46 47.11 -19.67
C ARG K 45 -20.60 48.51 -19.08
N LEU K 46 -21.75 48.81 -18.50
CA LEU K 46 -22.05 50.09 -17.84
C LEU K 46 -21.89 49.95 -16.32
N ILE K 47 -21.27 50.95 -15.71
CA ILE K 47 -21.10 51.06 -14.21
C ILE K 47 -21.76 52.34 -13.76
N PHE K 48 -22.50 52.32 -12.65
CA PHE K 48 -22.89 53.53 -11.88
C PHE K 48 -22.42 53.38 -10.44
N ALA K 49 -21.60 54.32 -9.98
CA ALA K 49 -21.12 54.40 -8.58
C ALA K 49 -20.73 52.99 -8.08
N GLY K 50 -20.02 52.24 -8.92
CA GLY K 50 -19.32 51.01 -8.51
C GLY K 50 -20.18 49.77 -8.66
N LYS K 51 -21.36 49.91 -9.24
CA LYS K 51 -22.27 48.76 -9.49
C LYS K 51 -22.42 48.56 -11.00
N GLN K 52 -22.28 47.33 -11.46
CA GLN K 52 -22.52 46.96 -12.88
C GLN K 52 -24.02 46.98 -13.15
N LEU K 53 -24.46 47.72 -14.16
CA LEU K 53 -25.90 47.83 -14.54
C LEU K 53 -26.30 46.58 -15.33
N GLU K 54 -27.42 45.98 -14.97
CA GLU K 54 -27.93 44.70 -15.56
C GLU K 54 -29.06 45.01 -16.54
N ASP K 55 -29.11 44.31 -17.66
CA ASP K 55 -29.87 44.67 -18.87
C ASP K 55 -31.37 44.88 -18.60
N GLY K 56 -31.99 44.08 -17.74
CA GLY K 56 -33.46 44.05 -17.60
C GLY K 56 -33.96 45.04 -16.55
N ARG K 57 -33.07 45.81 -15.95
CA ARG K 57 -33.39 46.82 -14.91
C ARG K 57 -33.53 48.19 -15.58
N THR K 58 -34.07 49.17 -14.83
CA THR K 58 -34.25 50.57 -15.29
C THR K 58 -33.24 51.48 -14.60
N LEU K 59 -33.04 52.68 -15.15
CA LEU K 59 -32.19 53.74 -14.57
C LEU K 59 -32.65 54.02 -13.12
N SER K 60 -33.95 54.10 -12.89
CA SER K 60 -34.53 54.50 -11.57
C SER K 60 -34.33 53.37 -10.56
N ASP K 61 -34.23 52.12 -11.02
CA ASP K 61 -33.84 50.96 -10.17
C ASP K 61 -32.51 51.25 -9.48
N TYR K 62 -31.61 51.99 -10.15
CA TYR K 62 -30.24 52.29 -9.67
C TYR K 62 -30.18 53.72 -9.13
N ASN K 63 -31.34 54.36 -8.99
CA ASN K 63 -31.44 55.77 -8.51
C ASN K 63 -30.53 56.66 -9.36
N ILE K 64 -30.50 56.41 -10.67
CA ILE K 64 -29.75 57.27 -11.64
C ILE K 64 -30.68 58.43 -12.02
N GLN K 65 -30.23 59.67 -11.77
CA GLN K 65 -31.06 60.90 -11.89
C GLN K 65 -30.42 61.83 -12.91
N LYS K 66 -31.02 62.99 -13.12
CA LYS K 66 -30.55 64.00 -14.09
C LYS K 66 -29.07 64.28 -13.79
N GLU K 67 -28.22 64.26 -14.82
CA GLU K 67 -26.81 64.70 -14.75
C GLU K 67 -25.94 63.70 -14.00
N SER K 68 -26.43 62.48 -13.77
CA SER K 68 -25.59 61.35 -13.31
C SER K 68 -24.56 61.01 -14.39
N THR K 69 -23.38 60.56 -13.97
CA THR K 69 -22.31 60.10 -14.87
C THR K 69 -22.21 58.58 -14.73
N LEU K 70 -22.30 57.84 -15.82
CA LEU K 70 -22.00 56.40 -15.86
C LEU K 70 -20.56 56.21 -16.39
N HIS K 71 -20.03 55.01 -16.25
CA HIS K 71 -18.76 54.59 -16.89
C HIS K 71 -19.02 53.46 -17.87
N LEU K 72 -18.57 53.64 -19.11
CA LEU K 72 -18.63 52.60 -20.16
C LEU K 72 -17.29 51.91 -20.22
N VAL K 73 -17.26 50.57 -20.15
CA VAL K 73 -16.06 49.77 -20.47
C VAL K 73 -16.40 48.78 -21.59
N LEU K 74 -15.55 48.71 -22.63
CA LEU K 74 -15.76 47.81 -23.78
C LEU K 74 -15.00 46.50 -23.53
N ARG K 75 -15.65 45.42 -23.88
CA ARG K 75 -15.08 44.05 -23.81
C ARG K 75 -13.82 43.98 -24.68
N LEU K 76 -12.94 43.08 -24.32
CA LEU K 76 -11.68 42.77 -25.04
C LEU K 76 -11.96 42.04 -26.36
N ARG K 77 -11.04 42.19 -27.30
CA ARG K 77 -10.87 41.44 -28.57
C ARG K 77 -11.53 42.21 -29.72
N MET L 4 -40.53 12.92 20.48
CA MET L 4 -39.38 12.16 19.89
C MET L 4 -38.14 12.36 20.80
N GLN L 5 -37.18 11.46 20.67
CA GLN L 5 -35.81 11.59 21.22
C GLN L 5 -34.86 12.09 20.15
N ILE L 6 -33.93 12.98 20.51
CA ILE L 6 -32.71 13.29 19.70
C ILE L 6 -31.50 13.21 20.62
N PHE L 7 -30.32 13.10 20.02
CA PHE L 7 -29.01 13.01 20.71
C PHE L 7 -28.17 14.23 20.38
N VAL L 8 -27.43 14.73 21.36
CA VAL L 8 -26.52 15.91 21.20
C VAL L 8 -25.12 15.50 21.67
N LYS L 9 -24.17 15.51 20.77
CA LYS L 9 -22.77 15.02 21.05
C LYS L 9 -21.94 16.26 21.31
N THR L 10 -21.09 16.22 22.32
CA THR L 10 -20.10 17.27 22.65
C THR L 10 -18.72 16.78 22.20
N LEU L 11 -17.77 17.72 22.11
CA LEU L 11 -16.38 17.41 21.67
C LEU L 11 -15.68 16.53 22.71
N THR L 12 -16.08 16.56 23.99
CA THR L 12 -15.48 15.73 25.05
C THR L 12 -15.95 14.26 24.93
N GLY L 13 -16.95 14.01 24.08
CA GLY L 13 -17.44 12.65 23.79
C GLY L 13 -18.68 12.32 24.61
N LYS L 14 -19.19 13.28 25.38
CA LYS L 14 -20.49 13.15 26.10
C LYS L 14 -21.65 13.23 25.09
N THR L 15 -22.53 12.25 25.07
CA THR L 15 -23.79 12.26 24.28
C THR L 15 -24.91 12.51 25.29
N ILE L 16 -25.75 13.55 25.08
CA ILE L 16 -26.96 13.74 25.93
C ILE L 16 -28.19 13.44 25.08
N THR L 17 -29.23 12.89 25.70
CA THR L 17 -30.49 12.54 25.01
C THR L 17 -31.57 13.54 25.45
N LEU L 18 -32.30 14.09 24.49
CA LEU L 18 -33.33 15.12 24.72
C LEU L 18 -34.70 14.58 24.29
N GLU L 19 -35.73 14.93 25.06
CA GLU L 19 -37.17 14.79 24.69
C GLU L 19 -37.62 16.06 23.98
N VAL L 20 -38.07 15.95 22.73
CA VAL L 20 -38.39 17.13 21.89
C VAL L 20 -39.61 16.85 21.02
N GLU L 21 -40.13 17.91 20.38
CA GLU L 21 -41.19 17.85 19.34
C GLU L 21 -40.61 18.43 18.05
N PRO L 22 -41.06 17.95 16.87
CA PRO L 22 -40.65 18.55 15.59
C PRO L 22 -40.78 20.07 15.56
N SER L 23 -41.75 20.61 16.31
CA SER L 23 -42.15 22.05 16.28
C SER L 23 -41.32 22.85 17.30
N ASP L 24 -40.45 22.18 18.08
CA ASP L 24 -39.55 22.86 19.04
C ASP L 24 -38.60 23.79 18.27
N THR L 25 -38.43 25.02 18.73
CA THR L 25 -37.44 25.99 18.18
C THR L 25 -36.03 25.60 18.65
N ILE L 26 -35.02 26.04 17.92
CA ILE L 26 -33.57 25.82 18.26
C ILE L 26 -33.32 26.42 19.65
N GLU L 27 -33.85 27.62 19.92
CA GLU L 27 -33.78 28.32 21.22
C GLU L 27 -34.30 27.38 22.33
N ASN L 28 -35.41 26.71 22.07
CA ASN L 28 -36.08 25.79 23.01
C ASN L 28 -35.15 24.61 23.30
N VAL L 29 -34.47 24.11 22.28
CA VAL L 29 -33.56 22.94 22.40
C VAL L 29 -32.37 23.36 23.27
N LYS L 30 -31.85 24.56 23.06
CA LYS L 30 -30.72 25.10 23.86
C LYS L 30 -31.15 25.27 25.32
N ALA L 31 -32.40 25.66 25.55
CA ALA L 31 -32.99 25.84 26.91
C ALA L 31 -33.11 24.48 27.61
N LYS L 32 -33.44 23.42 26.85
CA LYS L 32 -33.52 22.04 27.37
C LYS L 32 -32.11 21.56 27.73
N ILE L 33 -31.10 21.97 26.96
CA ILE L 33 -29.68 21.59 27.23
C ILE L 33 -29.23 22.31 28.51
N GLN L 34 -29.58 23.59 28.66
CA GLN L 34 -29.28 24.34 29.91
C GLN L 34 -29.97 23.63 31.10
N ASP L 35 -31.22 23.22 30.91
CA ASP L 35 -32.01 22.51 31.95
C ASP L 35 -31.25 21.27 32.44
N LYS L 36 -30.72 20.47 31.52
CA LYS L 36 -30.24 19.09 31.82
C LYS L 36 -28.74 19.13 32.13
N GLU L 37 -28.00 20.09 31.57
CA GLU L 37 -26.52 20.12 31.67
C GLU L 37 -26.05 21.38 32.38
N GLY L 38 -26.89 22.43 32.42
CA GLY L 38 -26.53 23.70 33.10
C GLY L 38 -25.71 24.61 32.20
N ILE L 39 -25.56 24.27 30.91
CA ILE L 39 -24.82 25.08 29.92
C ILE L 39 -25.72 26.20 29.41
N PRO L 40 -25.33 27.48 29.60
CA PRO L 40 -26.11 28.61 29.10
C PRO L 40 -26.23 28.63 27.58
N PRO L 41 -27.43 28.95 27.04
CA PRO L 41 -27.63 29.07 25.60
C PRO L 41 -26.54 29.84 24.83
N ASP L 42 -26.00 30.92 25.41
CA ASP L 42 -25.06 31.82 24.66
C ASP L 42 -23.67 31.14 24.53
N GLN L 43 -23.46 29.98 25.15
CA GLN L 43 -22.21 29.20 25.00
C GLN L 43 -22.38 28.07 23.97
N GLN L 44 -23.60 27.91 23.44
CA GLN L 44 -24.02 26.73 22.68
C GLN L 44 -24.10 27.07 21.19
N ARG L 45 -23.36 26.36 20.35
CA ARG L 45 -23.53 26.36 18.88
C ARG L 45 -23.97 24.96 18.44
N LEU L 46 -25.16 24.82 17.88
CA LEU L 46 -25.72 23.53 17.43
C LEU L 46 -25.51 23.35 15.94
N ILE L 47 -25.01 22.18 15.56
CA ILE L 47 -24.77 21.75 14.15
C ILE L 47 -25.66 20.54 13.85
N PHE L 48 -26.31 20.53 12.70
CA PHE L 48 -26.94 19.32 12.13
C PHE L 48 -26.40 19.11 10.71
N ALA L 49 -25.78 17.96 10.47
CA ALA L 49 -25.28 17.57 9.14
C ALA L 49 -24.52 18.74 8.51
N GLY L 50 -23.72 19.46 9.30
CA GLY L 50 -22.72 20.41 8.78
C GLY L 50 -23.28 21.82 8.66
N LYS L 51 -24.51 22.04 9.11
CA LYS L 51 -25.12 23.40 9.11
C LYS L 51 -25.33 23.88 10.55
N GLN L 52 -25.02 25.13 10.80
CA GLN L 52 -25.33 25.82 12.06
C GLN L 52 -26.84 26.07 12.15
N LEU L 53 -27.48 25.59 13.21
CA LEU L 53 -28.93 25.79 13.46
C LEU L 53 -29.13 27.19 14.03
N GLU L 54 -30.12 27.93 13.50
CA GLU L 54 -30.42 29.32 13.87
C GLU L 54 -31.61 29.34 14.85
N ASP L 55 -31.55 30.26 15.83
CA ASP L 55 -32.39 30.25 17.05
C ASP L 55 -33.89 30.25 16.73
N GLY L 56 -34.34 30.97 15.69
CA GLY L 56 -35.78 31.23 15.46
C GLY L 56 -36.44 30.17 14.61
N ARG L 57 -35.69 29.14 14.20
CA ARG L 57 -36.16 28.04 13.34
C ARG L 57 -36.55 26.85 14.22
N THR L 58 -37.24 25.86 13.62
CA THR L 58 -37.70 24.64 14.32
C THR L 58 -36.87 23.44 13.87
N LEU L 59 -36.92 22.35 14.63
CA LEU L 59 -36.26 21.07 14.29
C LEU L 59 -36.71 20.63 12.89
N SER L 60 -38.00 20.72 12.61
CA SER L 60 -38.61 20.19 11.36
C SER L 60 -38.20 21.07 10.17
N ASP L 61 -37.89 22.34 10.40
CA ASP L 61 -37.30 23.24 9.37
C ASP L 61 -36.02 22.60 8.82
N TYR L 62 -35.28 21.88 9.66
CA TYR L 62 -33.96 21.27 9.30
C TYR L 62 -34.14 19.76 9.04
N ASN L 63 -35.38 19.30 8.96
CA ASN L 63 -35.70 17.87 8.76
C ASN L 63 -34.98 17.01 9.81
N ILE L 64 -34.93 17.49 11.05
CA ILE L 64 -34.38 16.73 12.20
C ILE L 64 -35.50 15.85 12.76
N GLN L 65 -35.29 14.53 12.78
CA GLN L 65 -36.33 13.52 13.08
C GLN L 65 -35.89 12.71 14.30
N LYS L 66 -36.70 11.72 14.67
CA LYS L 66 -36.44 10.84 15.84
C LYS L 66 -35.05 10.23 15.67
N GLU L 67 -34.24 10.29 16.71
CA GLU L 67 -32.93 9.60 16.82
C GLU L 67 -31.88 10.28 15.96
N SER L 68 -32.12 11.49 15.47
CA SER L 68 -31.09 12.34 14.85
C SER L 68 -30.06 12.71 15.92
N THR L 69 -28.80 12.86 15.49
CA THR L 69 -27.69 13.33 16.33
C THR L 69 -27.35 14.77 15.92
N LEU L 70 -27.38 15.70 16.88
CA LEU L 70 -26.80 17.06 16.66
C LEU L 70 -25.40 17.07 17.26
N HIS L 71 -24.62 18.07 16.87
CA HIS L 71 -23.27 18.33 17.43
C HIS L 71 -23.28 19.69 18.15
N LEU L 72 -22.92 19.66 19.42
CA LEU L 72 -22.87 20.84 20.30
C LEU L 72 -21.42 21.30 20.39
N VAL L 73 -21.18 22.50 19.98
CA VAL L 73 -19.84 23.18 20.01
C VAL L 73 -19.91 24.28 21.07
N LEU L 74 -19.14 24.09 22.11
CA LEU L 74 -19.21 24.91 23.35
C LEU L 74 -18.11 25.95 23.25
N ARG L 75 -18.38 27.16 23.68
CA ARG L 75 -17.37 28.23 23.77
C ARG L 75 -16.27 27.82 24.75
N LEU L 76 -15.07 28.26 24.47
CA LEU L 76 -13.85 27.99 25.28
C LEU L 76 -13.89 28.83 26.56
N ARG L 77 -13.47 28.26 27.67
CA ARG L 77 -13.28 29.05 28.93
C ARG L 77 -11.92 29.72 28.81
N GLY L 78 -11.88 31.03 28.51
CA GLY L 78 -10.64 31.81 28.37
C GLY L 78 -10.38 32.39 26.98
N GLY L 79 -11.05 31.86 25.94
CA GLY L 79 -10.66 32.05 24.52
C GLY L 79 -11.53 33.04 23.77
N ALA M 3 6.80 11.31 -21.84
CA ALA M 3 7.55 11.32 -23.14
C ALA M 3 8.34 10.01 -23.33
N ASN M 4 8.91 9.45 -22.25
CA ASN M 4 10.07 8.52 -22.27
C ASN M 4 9.82 7.35 -23.25
N ASP M 5 10.78 7.16 -24.17
CA ASP M 5 10.68 6.14 -25.26
C ASP M 5 10.96 4.76 -24.68
N GLN M 6 9.98 3.87 -24.83
CA GLN M 6 10.03 2.49 -24.26
C GLN M 6 10.61 1.53 -25.33
N ASP M 7 11.04 1.99 -26.49
CA ASP M 7 11.52 1.07 -27.55
C ASP M 7 12.91 0.55 -27.21
N LEU M 8 13.18 -0.74 -27.52
CA LEU M 8 14.52 -1.38 -27.46
C LEU M 8 15.55 -0.53 -28.18
N SER M 9 15.15 0.16 -29.26
CA SER M 9 16.10 1.01 -30.05
C SER M 9 16.62 2.20 -29.23
N ASN M 10 15.79 2.72 -28.35
CA ASN M 10 16.13 3.96 -27.58
C ASN M 10 17.40 3.73 -26.78
N PRO M 11 18.40 4.62 -26.92
CA PRO M 11 19.65 4.49 -26.17
C PRO M 11 19.43 4.57 -24.67
N GLU M 12 18.25 5.03 -24.20
CA GLU M 12 17.99 5.24 -22.77
C GLU M 12 17.13 4.09 -22.20
N TYR M 13 16.75 3.14 -23.06
CA TYR M 13 15.95 1.96 -22.67
C TYR M 13 16.55 1.29 -21.44
N LEU M 14 15.72 1.10 -20.41
CA LEU M 14 16.08 0.48 -19.12
C LEU M 14 15.81 -1.02 -19.21
N TYR M 15 16.86 -1.84 -19.01
CA TYR M 15 16.73 -3.31 -19.06
C TYR M 15 15.77 -3.74 -17.95
N THR M 16 14.90 -4.69 -18.29
CA THR M 16 14.08 -5.41 -17.29
C THR M 16 14.74 -6.75 -16.94
N GLU M 17 14.18 -7.44 -15.93
CA GLU M 17 14.63 -8.78 -15.51
C GLU M 17 14.42 -9.76 -16.65
N ASP M 18 13.43 -9.53 -17.52
CA ASP M 18 13.16 -10.39 -18.70
C ASP M 18 14.29 -10.23 -19.72
N ASP M 19 14.70 -8.99 -19.95
CA ASP M 19 15.78 -8.68 -20.93
C ASP M 19 17.04 -9.39 -20.47
N ILE M 20 17.38 -9.24 -19.20
CA ILE M 20 18.64 -9.80 -18.64
C ILE M 20 18.60 -11.32 -18.67
N ASN M 21 17.46 -11.91 -18.25
CA ASN M 21 17.25 -13.38 -18.28
C ASN M 21 17.42 -13.91 -19.73
N GLN M 22 16.88 -13.23 -20.74
CA GLN M 22 16.96 -13.78 -22.12
C GLN M 22 18.40 -13.73 -22.61
N LEU M 23 19.11 -12.68 -22.25
CA LEU M 23 20.53 -12.48 -22.63
C LEU M 23 21.43 -13.52 -21.97
N LEU M 24 21.23 -13.79 -20.66
CA LEU M 24 22.12 -14.70 -19.92
C LEU M 24 21.87 -16.10 -20.40
N LYS M 25 20.61 -16.48 -20.57
CA LYS M 25 20.21 -17.82 -21.12
C LYS M 25 20.76 -17.99 -22.53
N HIS M 26 20.77 -16.92 -23.33
CA HIS M 26 21.32 -16.98 -24.70
C HIS M 26 22.82 -17.27 -24.62
N TYR M 27 23.57 -16.54 -23.81
CA TYR M 27 25.05 -16.66 -23.81
C TYR M 27 25.53 -17.79 -22.89
N LEU M 28 24.71 -18.27 -21.95
CA LEU M 28 25.17 -19.25 -20.92
C LEU M 28 24.28 -20.47 -20.81
N GLY M 29 23.06 -20.41 -21.31
CA GLY M 29 21.99 -21.39 -21.01
C GLY M 29 22.31 -22.82 -21.46
N LEU M 30 23.27 -23.04 -22.35
CA LEU M 30 23.64 -24.40 -22.86
C LEU M 30 24.41 -25.17 -21.79
N ASP M 31 25.07 -24.48 -20.86
CA ASP M 31 25.81 -25.14 -19.75
C ASP M 31 24.83 -25.28 -18.56
N ASP M 32 24.42 -26.51 -18.22
CA ASP M 32 23.37 -26.76 -17.19
C ASP M 32 23.98 -26.69 -15.78
N ARG M 33 25.28 -26.50 -15.68
CA ARG M 33 26.03 -26.40 -14.41
C ARG M 33 25.99 -24.94 -13.95
N ILE M 34 25.39 -24.05 -14.73
CA ILE M 34 25.31 -22.60 -14.39
C ILE M 34 23.87 -22.27 -14.01
N SER M 35 23.66 -21.81 -12.78
CA SER M 35 22.37 -21.39 -12.26
C SER M 35 22.10 -19.93 -12.62
N ILE M 36 21.05 -19.68 -13.40
CA ILE M 36 20.75 -18.28 -13.83
C ILE M 36 19.57 -17.75 -13.03
N ILE M 37 19.82 -16.75 -12.17
CA ILE M 37 18.78 -16.12 -11.33
C ILE M 37 18.18 -14.97 -12.11
N GLN M 38 16.87 -14.75 -11.95
CA GLN M 38 16.08 -13.74 -12.71
C GLN M 38 15.69 -12.61 -11.76
N HIS M 39 15.00 -12.93 -10.66
CA HIS M 39 14.33 -11.92 -9.78
C HIS M 39 14.81 -12.05 -8.33
N VAL M 40 15.65 -11.12 -7.90
CA VAL M 40 15.99 -10.97 -6.48
C VAL M 40 16.51 -9.54 -6.30
N ALA M 41 15.99 -8.89 -5.27
CA ALA M 41 16.26 -7.50 -4.91
C ALA M 41 16.78 -7.44 -3.47
N LEU M 42 17.64 -6.50 -3.16
CA LEU M 42 18.11 -6.21 -1.78
C LEU M 42 16.97 -5.80 -0.84
N ASN M 43 15.77 -5.51 -1.32
CA ASN M 43 14.69 -5.03 -0.42
C ASN M 43 13.69 -6.14 -0.18
N GLU M 44 13.86 -7.32 -0.80
CA GLU M 44 13.11 -8.54 -0.44
C GLU M 44 13.93 -9.45 0.48
N SER M 45 13.93 -9.31 1.82
CA SER M 45 14.86 -10.05 2.72
C SER M 45 14.57 -11.54 2.71
N LEU M 46 13.31 -11.96 2.69
CA LEU M 46 12.92 -13.42 2.62
C LEU M 46 13.39 -14.05 1.28
N LEU M 47 13.13 -13.35 0.19
CA LEU M 47 13.40 -13.85 -1.17
C LEU M 47 14.91 -13.86 -1.41
N LEU M 48 15.60 -12.83 -0.90
CA LEU M 48 17.08 -12.76 -1.01
C LEU M 48 17.67 -13.95 -0.29
N LYS M 49 17.20 -14.27 0.92
CA LYS M 49 17.77 -15.38 1.71
C LYS M 49 17.44 -16.70 1.00
N GLN M 50 16.22 -16.88 0.54
CA GLN M 50 15.80 -18.07 -0.26
C GLN M 50 16.75 -18.26 -1.44
N THR M 51 17.01 -17.17 -2.18
CA THR M 51 17.78 -17.23 -3.44
C THR M 51 19.22 -17.67 -3.06
N LEU M 52 19.86 -16.96 -2.12
CA LEU M 52 21.26 -17.25 -1.75
C LEU M 52 21.35 -18.64 -1.14
N HIS M 53 20.36 -19.08 -0.42
CA HIS M 53 20.39 -20.44 0.22
C HIS M 53 20.38 -21.50 -0.88
N GLN M 54 19.51 -21.38 -1.87
CA GLN M 54 19.43 -22.35 -3.00
C GLN M 54 20.79 -22.40 -3.71
N VAL M 55 21.32 -21.24 -4.11
CA VAL M 55 22.53 -21.14 -4.93
C VAL M 55 23.75 -21.65 -4.13
N LEU M 56 23.96 -21.12 -2.93
CA LEU M 56 25.12 -21.49 -2.08
C LEU M 56 25.03 -22.97 -1.76
N SER M 57 23.85 -23.50 -1.45
CA SER M 57 23.65 -24.94 -1.18
C SER M 57 24.06 -25.75 -2.43
N ASP M 58 23.60 -25.32 -3.62
CA ASP M 58 23.89 -26.05 -4.89
C ASP M 58 25.40 -26.04 -5.17
N ILE M 59 26.08 -24.91 -4.90
CA ILE M 59 27.50 -24.80 -5.32
C ILE M 59 28.37 -25.54 -4.32
N PHE M 60 28.06 -25.44 -3.04
CA PHE M 60 28.92 -26.07 -2.00
C PHE M 60 28.83 -27.59 -2.14
N SER M 61 27.68 -28.11 -2.57
CA SER M 61 27.37 -29.55 -2.68
C SER M 61 27.69 -30.10 -4.06
N GLY M 62 28.05 -29.23 -5.02
CA GLY M 62 28.46 -29.65 -6.38
C GLY M 62 27.28 -30.02 -7.27
N MET M 63 26.05 -29.55 -6.99
CA MET M 63 24.89 -29.79 -7.86
C MET M 63 24.95 -28.80 -9.04
N GLN M 64 25.46 -27.58 -8.78
CA GLN M 64 25.86 -26.62 -9.82
C GLN M 64 27.35 -26.28 -9.65
N GLU M 65 28.01 -25.72 -10.67
CA GLU M 65 29.40 -25.19 -10.57
C GLU M 65 29.38 -23.69 -10.25
N LYS M 66 28.42 -22.96 -10.77
CA LYS M 66 28.42 -21.48 -10.64
C LYS M 66 26.99 -20.94 -10.80
N ALA M 67 26.84 -19.67 -10.46
CA ALA M 67 25.59 -18.92 -10.51
C ALA M 67 25.91 -17.52 -10.98
N VAL M 68 25.00 -16.96 -11.79
CA VAL M 68 25.07 -15.52 -12.19
C VAL M 68 23.80 -14.86 -11.66
N ILE M 69 23.95 -13.76 -10.95
CA ILE M 69 22.82 -13.11 -10.21
C ILE M 69 22.82 -11.64 -10.60
N PRO M 70 21.85 -11.24 -11.43
CA PRO M 70 21.50 -9.84 -11.63
C PRO M 70 20.75 -9.40 -10.36
N LEU M 71 21.41 -8.64 -9.50
CA LEU M 71 20.83 -8.21 -8.20
C LEU M 71 20.25 -6.82 -8.33
N HIS M 72 18.95 -6.69 -8.10
CA HIS M 72 18.26 -5.37 -8.07
C HIS M 72 18.46 -4.73 -6.69
N THR M 73 18.80 -3.45 -6.65
CA THR M 73 19.21 -2.73 -5.41
C THR M 73 17.95 -2.26 -4.69
N GLY M 74 16.77 -2.41 -5.30
CA GLY M 74 15.52 -1.80 -4.84
C GLY M 74 15.50 -0.30 -5.09
N ASN M 75 16.46 0.20 -5.85
CA ASN M 75 16.59 1.62 -6.22
C ASN M 75 16.83 1.76 -7.72
N ASN M 76 16.04 1.08 -8.54
CA ASN M 76 15.97 1.32 -10.00
C ASN M 76 17.35 1.05 -10.62
N HIS M 77 18.05 0.03 -10.15
CA HIS M 77 19.49 -0.19 -10.45
C HIS M 77 19.85 -1.66 -10.32
N TRP M 78 20.65 -2.16 -11.24
CA TRP M 78 21.21 -3.53 -11.30
C TRP M 78 22.66 -3.50 -10.85
N VAL M 79 23.09 -4.54 -10.12
CA VAL M 79 24.53 -4.91 -9.94
C VAL M 79 24.73 -6.38 -10.24
N ALA M 80 25.99 -6.79 -10.45
CA ALA M 80 26.38 -8.15 -10.87
C ALA M 80 27.01 -8.92 -9.72
N MET M 81 26.47 -10.07 -9.37
CA MET M 81 27.03 -11.02 -8.38
C MET M 81 27.09 -12.42 -9.02
N ALA M 82 28.26 -13.04 -8.96
CA ALA M 82 28.50 -14.41 -9.48
C ALA M 82 29.21 -15.22 -8.40
N ILE M 83 28.88 -16.50 -8.33
CA ILE M 83 29.32 -17.37 -7.20
C ILE M 83 29.92 -18.61 -7.81
N LYS M 84 31.02 -19.14 -7.30
CA LYS M 84 31.62 -20.45 -7.65
C LYS M 84 32.34 -21.04 -6.42
N LYS M 85 32.62 -22.35 -6.49
CA LYS M 85 33.53 -23.03 -5.58
C LYS M 85 34.96 -22.54 -5.88
N GLY M 86 35.67 -22.05 -4.88
CA GLY M 86 37.12 -21.80 -5.00
C GLY M 86 37.91 -23.07 -4.86
N MET M 87 39.19 -22.95 -4.57
CA MET M 87 40.19 -24.06 -4.55
C MET M 87 40.41 -24.61 -3.16
N ASN M 88 39.59 -24.18 -2.19
CA ASN M 88 39.69 -24.67 -0.79
C ASN M 88 38.32 -25.08 -0.23
N ASP M 89 37.57 -25.85 -1.01
CA ASP M 89 36.26 -26.40 -0.58
C ASP M 89 35.41 -25.25 -0.05
N ASP M 90 35.50 -24.11 -0.73
CA ASP M 90 35.00 -22.80 -0.19
C ASP M 90 34.10 -22.19 -1.26
N ILE M 91 33.32 -21.21 -0.87
CA ILE M 91 32.54 -20.30 -1.73
C ILE M 91 33.33 -19.04 -2.03
N VAL M 92 33.34 -18.60 -3.32
CA VAL M 92 33.93 -17.27 -3.67
C VAL M 92 32.86 -16.51 -4.44
N ILE M 93 32.39 -15.43 -3.85
CA ILE M 93 31.36 -14.55 -4.41
C ILE M 93 32.08 -13.33 -4.98
N SER M 94 31.95 -13.12 -6.28
CA SER M 94 32.46 -11.91 -6.98
C SER M 94 31.31 -10.94 -7.23
N TYR M 95 31.55 -9.63 -7.15
CA TYR M 95 30.52 -8.57 -7.22
C TYR M 95 31.07 -7.40 -8.04
N ASN M 96 30.26 -6.79 -8.91
CA ASN M 96 30.51 -5.41 -9.38
C ASN M 96 29.22 -4.61 -9.54
N ASP M 97 29.23 -3.39 -8.99
CA ASP M 97 28.26 -2.31 -9.25
C ASP M 97 28.84 -1.41 -10.34
N PRO M 98 28.23 -1.38 -11.53
CA PRO M 98 28.79 -0.62 -12.64
C PRO M 98 28.85 0.88 -12.36
N MET M 99 28.23 1.32 -11.26
CA MET M 99 28.31 2.72 -10.77
C MET M 99 29.60 2.89 -9.94
N GLY M 100 30.30 1.81 -9.63
CA GLY M 100 31.52 1.77 -8.83
C GLY M 100 31.28 1.92 -7.33
N VAL M 101 30.05 1.81 -6.89
CA VAL M 101 29.74 1.89 -5.43
C VAL M 101 30.11 0.52 -4.83
N SER M 102 30.69 0.58 -3.65
CA SER M 102 31.28 -0.56 -2.92
C SER M 102 30.17 -1.42 -2.35
N ILE M 103 30.41 -2.72 -2.16
CA ILE M 103 29.41 -3.66 -1.60
C ILE M 103 29.15 -3.35 -0.12
N ASP M 104 29.97 -2.51 0.49
CA ASP M 104 29.99 -2.21 1.93
C ASP M 104 28.66 -1.65 2.44
N ASP M 105 28.06 -0.79 1.65
CA ASP M 105 26.75 -0.11 1.73
C ASP M 105 25.65 -1.19 1.86
N LYS M 106 25.90 -2.38 1.31
CA LYS M 106 24.88 -3.40 1.06
C LYS M 106 24.82 -4.32 2.26
N VAL M 107 24.32 -3.81 3.38
CA VAL M 107 24.54 -4.47 4.69
C VAL M 107 23.66 -5.73 4.71
N THR M 108 22.46 -5.63 4.14
CA THR M 108 21.52 -6.78 4.07
C THR M 108 22.14 -7.91 3.25
N LEU M 109 22.84 -7.59 2.19
CA LEU M 109 23.45 -8.59 1.29
C LEU M 109 24.55 -9.30 2.08
N ILE M 110 25.49 -8.54 2.63
CA ILE M 110 26.66 -9.07 3.38
C ILE M 110 26.18 -9.94 4.53
N ASN M 111 25.17 -9.48 5.28
CA ASN M 111 24.69 -10.13 6.53
C ASN M 111 23.97 -11.43 6.15
N CYS M 112 23.31 -11.47 5.01
CA CYS M 112 22.61 -12.64 4.52
C CYS M 112 23.65 -13.71 4.09
N ILE M 113 24.73 -13.28 3.43
CA ILE M 113 25.85 -14.19 3.08
C ILE M 113 26.51 -14.75 4.34
N LYS M 114 26.80 -13.90 5.30
CA LYS M 114 27.46 -14.29 6.59
C LYS M 114 26.63 -15.33 7.32
N GLU M 115 25.32 -15.19 7.33
CA GLU M 115 24.38 -16.11 8.03
C GLU M 115 24.47 -17.47 7.37
N LEU M 116 24.45 -17.53 6.03
CA LEU M 116 24.35 -18.79 5.30
C LEU M 116 25.75 -19.44 5.32
N CYS M 117 26.77 -18.64 5.06
CA CYS M 117 28.13 -19.12 4.79
C CYS M 117 29.19 -18.17 5.35
N PRO M 118 29.50 -18.23 6.66
CA PRO M 118 30.33 -17.21 7.27
C PRO M 118 31.76 -17.15 6.73
N GLY M 119 32.21 -18.25 6.16
CA GLY M 119 33.57 -18.37 5.57
C GLY M 119 33.66 -17.94 4.12
N ALA M 120 32.55 -17.56 3.48
CA ALA M 120 32.51 -17.27 2.02
C ALA M 120 33.51 -16.14 1.74
N LYS M 121 34.26 -16.21 0.66
CA LYS M 121 35.09 -15.08 0.21
C LYS M 121 34.22 -14.13 -0.62
N ILE M 122 34.36 -12.82 -0.42
CA ILE M 122 33.55 -11.82 -1.17
C ILE M 122 34.53 -10.89 -1.88
N ASN M 123 34.55 -10.80 -3.21
CA ASN M 123 35.50 -9.94 -3.93
C ASN M 123 34.72 -8.90 -4.74
N ASP M 124 34.65 -7.72 -4.15
CA ASP M 124 34.11 -6.50 -4.79
C ASP M 124 35.14 -5.99 -5.78
N LEU M 125 34.84 -6.13 -7.07
CA LEU M 125 35.73 -5.61 -8.15
C LEU M 125 35.61 -4.08 -8.23
N GLN M 126 34.56 -3.51 -7.63
CA GLN M 126 34.45 -2.05 -7.45
C GLN M 126 35.06 -1.24 -8.60
N THR M 127 34.51 -1.44 -9.78
CA THR M 127 34.99 -0.80 -11.04
C THR M 127 33.85 0.05 -11.60
N VAL M 128 34.09 1.34 -11.77
CA VAL M 128 33.15 2.29 -12.42
C VAL M 128 33.10 1.93 -13.90
N GLN M 129 31.89 1.80 -14.45
CA GLN M 129 31.71 1.36 -15.86
C GLN M 129 30.72 2.31 -16.56
N GLN M 130 29.52 2.48 -16.01
CA GLN M 130 28.49 3.29 -16.70
C GLN M 130 28.86 4.76 -16.61
N THR M 131 28.60 5.49 -17.69
CA THR M 131 28.86 6.94 -17.84
C THR M 131 27.52 7.66 -18.08
N ASN M 132 26.45 7.10 -17.56
CA ASN M 132 25.08 7.68 -17.64
C ASN M 132 24.19 6.85 -16.70
N VAL M 133 22.91 7.18 -16.57
CA VAL M 133 22.00 6.52 -15.59
C VAL M 133 21.17 5.41 -16.25
N TYR M 134 21.56 4.96 -17.44
CA TYR M 134 20.79 3.99 -18.25
C TYR M 134 21.48 2.63 -18.37
N ASP M 135 22.79 2.59 -18.21
CA ASP M 135 23.61 1.49 -18.82
C ASP M 135 24.01 0.44 -17.78
N CYS M 136 23.33 0.35 -16.63
CA CYS M 136 23.67 -0.71 -15.63
C CYS M 136 23.28 -2.07 -16.21
N GLY M 137 22.18 -2.15 -16.96
CA GLY M 137 21.68 -3.42 -17.52
C GLY M 137 22.75 -4.06 -18.42
N PRO M 138 23.19 -3.31 -19.45
CA PRO M 138 24.22 -3.81 -20.35
C PRO M 138 25.51 -4.26 -19.65
N PHE M 139 25.98 -3.51 -18.65
CA PHE M 139 27.26 -3.80 -17.96
C PHE M 139 27.07 -5.01 -17.04
N VAL M 140 25.88 -5.16 -16.49
CA VAL M 140 25.63 -6.29 -15.57
C VAL M 140 25.60 -7.59 -16.38
N VAL M 141 24.96 -7.59 -17.54
CA VAL M 141 24.94 -8.78 -18.45
C VAL M 141 26.38 -9.11 -18.83
N ASP M 142 27.15 -8.14 -19.29
CA ASP M 142 28.53 -8.38 -19.78
C ASP M 142 29.41 -8.85 -18.59
N ASN M 143 29.25 -8.21 -17.44
CA ASN M 143 30.01 -8.57 -16.20
C ASN M 143 29.76 -10.01 -15.84
N LEU M 144 28.49 -10.42 -15.81
CA LEU M 144 28.13 -11.79 -15.37
C LEU M 144 28.69 -12.83 -16.35
N ILE M 145 28.66 -12.55 -17.65
CA ILE M 145 29.15 -13.52 -18.65
C ILE M 145 30.65 -13.72 -18.40
N LYS M 146 31.39 -12.62 -18.28
CA LYS M 146 32.86 -12.64 -18.09
C LYS M 146 33.21 -13.26 -16.74
N MET M 147 32.45 -12.93 -15.71
CA MET M 147 32.73 -13.42 -14.33
C MET M 147 32.48 -14.93 -14.33
N SER M 148 31.39 -15.40 -14.97
CA SER M 148 31.10 -16.85 -15.11
C SER M 148 32.24 -17.55 -15.86
N GLN M 149 32.97 -16.84 -16.74
CA GLN M 149 34.02 -17.47 -17.56
C GLN M 149 35.41 -17.30 -16.92
N GLY M 150 35.48 -16.66 -15.77
CA GLY M 150 36.75 -16.36 -15.07
C GLY M 150 37.55 -15.29 -15.79
N GLN M 151 36.90 -14.49 -16.64
CA GLN M 151 37.56 -13.46 -17.48
C GLN M 151 37.40 -12.11 -16.78
N PRO M 152 38.34 -11.19 -16.94
CA PRO M 152 38.24 -9.87 -16.31
C PRO M 152 37.07 -9.08 -16.91
N ILE M 153 36.41 -8.33 -16.05
CA ILE M 153 35.31 -7.41 -16.47
C ILE M 153 35.94 -6.22 -17.13
N LEU M 154 35.15 -5.40 -17.82
CA LEU M 154 35.66 -4.21 -18.50
C LEU M 154 36.21 -3.24 -17.45
N SER M 155 37.37 -2.66 -17.71
CA SER M 155 37.96 -1.58 -16.90
C SER M 155 37.13 -0.32 -17.11
N THR M 156 37.34 0.70 -16.31
CA THR M 156 36.69 2.01 -16.48
C THR M 156 36.88 2.47 -17.93
N GLU M 157 38.10 2.44 -18.42
CA GLU M 157 38.40 2.98 -19.77
C GLU M 157 37.81 2.07 -20.84
N GLU M 158 37.97 0.77 -20.74
CA GLU M 158 37.39 -0.16 -21.73
C GLU M 158 35.87 0.03 -21.76
N ALA M 159 35.27 0.26 -20.61
CA ALA M 159 33.82 0.45 -20.50
C ALA M 159 33.43 1.77 -21.17
N LYS M 160 34.20 2.81 -20.92
CA LYS M 160 33.87 4.09 -21.60
C LYS M 160 33.89 3.86 -23.13
N GLN M 161 34.78 2.99 -23.59
CA GLN M 161 35.03 2.76 -25.03
C GLN M 161 33.94 1.84 -25.61
N GLN M 162 33.45 0.87 -24.85
CA GLN M 162 32.67 -0.26 -25.41
C GLN M 162 31.19 -0.22 -24.97
N ALA M 163 30.76 0.84 -24.26
CA ALA M 163 29.39 0.97 -23.72
C ALA M 163 28.35 0.81 -24.85
N GLN M 164 28.50 1.64 -25.88
CA GLN M 164 27.57 1.71 -27.04
C GLN M 164 27.56 0.36 -27.73
N ASN M 165 28.74 -0.28 -27.86
CA ASN M 165 28.91 -1.57 -28.60
C ASN M 165 28.13 -2.65 -27.85
N ILE M 166 28.26 -2.72 -26.52
CA ILE M 166 27.67 -3.87 -25.78
C ILE M 166 26.15 -3.68 -25.71
N ARG M 167 25.65 -2.46 -25.54
CA ARG M 167 24.21 -2.16 -25.61
C ARG M 167 23.70 -2.55 -27.02
N GLN M 168 24.35 -2.06 -28.07
CA GLN M 168 23.94 -2.34 -29.46
C GLN M 168 23.84 -3.84 -29.70
N SER M 169 24.90 -4.54 -29.36
CA SER M 169 25.00 -6.00 -29.53
C SER M 169 23.84 -6.71 -28.83
N GLN M 170 23.62 -6.37 -27.58
CA GLN M 170 22.64 -7.02 -26.68
C GLN M 170 21.24 -6.66 -27.19
N VAL M 171 21.01 -5.41 -27.56
CA VAL M 171 19.70 -4.93 -28.04
C VAL M 171 19.37 -5.62 -29.39
N ASN M 172 20.38 -5.92 -30.21
CA ASN M 172 20.17 -6.70 -31.45
C ASN M 172 19.59 -8.07 -31.10
N PHE M 173 20.19 -8.78 -30.14
CA PHE M 173 19.66 -10.11 -29.75
C PHE M 173 18.24 -9.93 -29.19
N LEU M 174 18.03 -8.91 -28.36
CA LEU M 174 16.72 -8.69 -27.70
C LEU M 174 15.63 -8.42 -28.77
N SER M 175 15.90 -7.59 -29.77
CA SER M 175 14.92 -7.27 -30.83
C SER M 175 14.50 -8.54 -31.54
N GLU M 176 15.46 -9.38 -31.86
CA GLU M 176 15.23 -10.62 -32.62
C GLU M 176 14.43 -11.58 -31.73
N ASN M 177 14.81 -11.68 -30.43
CA ASN M 177 14.22 -12.65 -29.48
C ASN M 177 12.75 -12.29 -29.31
N ARG M 178 12.44 -11.00 -29.19
CA ARG M 178 11.06 -10.51 -29.03
C ARG M 178 10.19 -10.97 -30.23
N MET M 179 10.75 -10.93 -31.41
CA MET M 179 9.98 -11.21 -32.66
C MET M 179 9.80 -12.72 -32.80
N ILE M 180 10.71 -13.53 -32.26
CA ILE M 180 10.60 -15.01 -32.21
C ILE M 180 9.49 -15.40 -31.27
N THR M 181 9.45 -14.78 -30.07
CA THR M 181 8.39 -15.00 -29.07
C THR M 181 7.02 -14.56 -29.64
N SER M 182 6.89 -13.38 -30.23
CA SER M 182 5.63 -12.94 -30.89
C SER M 182 5.12 -13.97 -31.91
N ALA M 183 5.98 -14.44 -32.77
CA ALA M 183 5.61 -15.34 -33.90
C ALA M 183 5.18 -16.66 -33.27
N ALA M 184 5.91 -17.13 -32.27
CA ALA M 184 5.59 -18.37 -31.55
C ALA M 184 4.25 -18.24 -30.82
N ALA M 185 3.96 -17.10 -30.21
CA ALA M 185 2.69 -16.89 -29.47
C ALA M 185 1.52 -16.94 -30.44
N ALA M 186 1.63 -16.28 -31.60
CA ALA M 186 0.56 -16.22 -32.62
C ALA M 186 0.34 -17.63 -33.18
N LEU M 187 1.42 -18.37 -33.43
CA LEU M 187 1.33 -19.72 -33.94
C LEU M 187 0.67 -20.58 -32.87
N ALA M 188 1.16 -20.52 -31.63
CA ALA M 188 0.52 -21.22 -30.49
C ALA M 188 -0.99 -20.97 -30.51
N ASP M 189 -1.42 -19.71 -30.64
CA ASP M 189 -2.86 -19.38 -30.66
C ASP M 189 -3.60 -20.09 -31.82
N THR M 190 -3.05 -20.14 -33.03
CA THR M 190 -3.73 -20.73 -34.19
C THR M 190 -3.98 -22.22 -33.92
N LEU M 191 -3.10 -22.85 -33.14
CA LEU M 191 -3.14 -24.29 -32.88
C LEU M 191 -3.96 -24.59 -31.61
N LEU M 192 -3.96 -23.73 -30.59
CA LEU M 192 -4.77 -23.93 -29.39
C LEU M 192 -6.24 -23.70 -29.73
N LYS M 193 -6.50 -22.77 -30.66
CA LYS M 193 -7.87 -22.27 -30.87
C LYS M 193 -8.42 -21.87 -29.49
N ASN M 194 -9.57 -22.32 -29.06
CA ASN M 194 -10.09 -21.83 -27.76
C ASN M 194 -9.90 -22.93 -26.70
N ASN M 195 -8.85 -23.75 -26.82
CA ASN M 195 -8.44 -24.67 -25.74
C ASN M 195 -7.35 -23.93 -24.93
N ASN M 196 -7.54 -23.81 -23.62
CA ASN M 196 -6.39 -23.22 -22.85
C ASN M 196 -5.43 -24.32 -22.45
N ARG M 197 -5.76 -25.61 -22.70
CA ARG M 197 -4.76 -26.71 -22.64
C ARG M 197 -4.99 -27.71 -23.78
N ILE M 198 -3.91 -28.24 -24.35
CA ILE M 198 -3.91 -29.39 -25.28
C ILE M 198 -2.73 -30.31 -24.95
N THR M 199 -2.85 -31.61 -25.24
CA THR M 199 -1.74 -32.59 -25.23
C THR M 199 -0.85 -32.37 -26.45
N GLU M 200 0.36 -32.90 -26.40
CA GLU M 200 1.27 -32.92 -27.57
C GLU M 200 0.63 -33.73 -28.71
N GLY M 201 -0.32 -34.61 -28.40
CA GLY M 201 -1.01 -35.45 -29.40
C GLY M 201 -2.07 -34.68 -30.15
N VAL M 202 -2.79 -33.78 -29.47
CA VAL M 202 -3.73 -32.83 -30.11
C VAL M 202 -2.95 -31.79 -30.88
N LEU M 203 -1.77 -31.38 -30.39
CA LEU M 203 -0.88 -30.47 -31.17
C LEU M 203 -0.56 -31.10 -32.54
N VAL M 204 -0.06 -32.31 -32.55
CA VAL M 204 0.41 -32.98 -33.78
C VAL M 204 -0.76 -33.03 -34.77
N ASP M 205 -1.95 -33.31 -34.26
CA ASP M 205 -3.18 -33.43 -35.05
C ASP M 205 -3.65 -32.05 -35.51
N ARG M 206 -3.46 -31.00 -34.73
CA ARG M 206 -3.85 -29.61 -35.11
C ARG M 206 -2.97 -29.10 -36.27
N ILE M 207 -1.71 -29.47 -36.25
CA ILE M 207 -0.73 -29.11 -37.30
C ILE M 207 -1.10 -29.85 -38.58
N PHE M 208 -1.49 -31.12 -38.48
CA PHE M 208 -1.93 -31.93 -39.64
C PHE M 208 -3.15 -31.24 -40.27
N ASP M 209 -4.10 -30.78 -39.46
CA ASP M 209 -5.40 -30.23 -39.97
C ASP M 209 -5.28 -28.74 -40.26
N ASN M 210 -4.17 -28.09 -39.90
CA ASN M 210 -4.00 -26.62 -40.04
C ASN M 210 -4.23 -26.21 -41.50
N LYS M 211 -4.86 -25.05 -41.75
CA LYS M 211 -5.39 -24.61 -43.03
C LYS M 211 -4.47 -23.55 -43.62
N ILE M 212 -3.37 -23.24 -42.97
CA ILE M 212 -2.55 -22.02 -43.22
C ILE M 212 -1.17 -22.42 -43.76
N LEU M 213 -0.54 -23.38 -43.12
CA LEU M 213 0.83 -23.83 -43.45
C LEU M 213 0.79 -24.74 -44.68
N SER M 214 1.76 -24.56 -45.59
CA SER M 214 2.02 -25.50 -46.69
C SER M 214 2.40 -26.86 -46.10
N VAL M 215 2.40 -27.88 -46.91
CA VAL M 215 2.85 -29.24 -46.48
C VAL M 215 4.30 -29.18 -46.03
N GLN M 216 5.13 -28.43 -46.73
CA GLN M 216 6.58 -28.35 -46.42
C GLN M 216 6.84 -27.52 -45.16
N GLU M 217 5.97 -26.56 -44.85
CA GLU M 217 6.11 -25.78 -43.62
C GLU M 217 5.77 -26.69 -42.47
N LYS M 218 4.70 -27.49 -42.61
CA LYS M 218 4.29 -28.47 -41.59
C LYS M 218 5.42 -29.47 -41.43
N GLN M 219 6.00 -29.92 -42.55
CA GLN M 219 7.09 -30.92 -42.46
C GLN M 219 8.22 -30.32 -41.63
N GLN M 220 8.54 -29.04 -41.82
CA GLN M 220 9.68 -28.41 -41.12
C GLN M 220 9.34 -28.24 -39.64
N LEU M 221 8.16 -27.65 -39.35
CA LEU M 221 7.70 -27.41 -37.96
C LEU M 221 7.73 -28.75 -37.22
N LEU M 222 7.15 -29.81 -37.81
CA LEU M 222 7.00 -31.10 -37.10
C LEU M 222 8.37 -31.78 -36.91
N ASN M 223 9.26 -31.71 -37.88
CA ASN M 223 10.65 -32.22 -37.71
C ASN M 223 11.33 -31.49 -36.56
N ASN M 224 11.22 -30.15 -36.51
CA ASN M 224 11.87 -29.32 -35.47
C ASN M 224 11.37 -29.77 -34.09
N LEU M 225 10.07 -30.03 -33.96
CA LEU M 225 9.42 -30.37 -32.66
C LEU M 225 9.77 -31.81 -32.27
N LEU M 226 9.78 -32.72 -33.24
CA LEU M 226 10.03 -34.16 -32.96
C LEU M 226 11.41 -34.28 -32.30
N ASP M 227 12.36 -33.44 -32.68
CA ASP M 227 13.77 -33.56 -32.25
C ASP M 227 13.84 -33.54 -30.73
N ASN M 228 12.99 -32.75 -30.05
CA ASN M 228 13.12 -32.50 -28.58
C ASN M 228 11.80 -32.70 -27.86
N HIS M 229 10.68 -32.93 -28.54
CA HIS M 229 9.34 -33.01 -27.90
C HIS M 229 8.56 -34.20 -28.48
N ILE M 230 7.29 -34.30 -28.09
CA ILE M 230 6.36 -35.36 -28.57
C ILE M 230 6.98 -36.71 -28.24
N LYS M 231 7.38 -36.91 -26.98
CA LYS M 231 7.81 -38.25 -26.52
C LYS M 231 6.88 -38.80 -25.47
N GLU M 232 6.24 -37.95 -24.66
CA GLU M 232 5.42 -38.42 -23.50
C GLU M 232 4.01 -37.84 -23.53
N ASN M 233 3.58 -37.27 -24.66
CA ASN M 233 2.20 -36.74 -24.79
C ASN M 233 1.90 -35.79 -23.62
N LYS M 234 2.69 -34.74 -23.43
CA LYS M 234 2.58 -33.88 -22.21
C LYS M 234 1.51 -32.79 -22.46
N SER M 235 0.85 -32.40 -21.38
CA SER M 235 -0.13 -31.27 -21.36
C SER M 235 0.58 -29.91 -21.52
N LEU M 236 0.10 -29.10 -22.46
CA LEU M 236 0.67 -27.80 -22.81
C LEU M 236 -0.32 -26.67 -22.47
N THR M 237 0.22 -25.50 -22.17
CA THR M 237 -0.56 -24.24 -22.03
C THR M 237 -0.11 -23.28 -23.14
N LYS M 238 -0.75 -22.11 -23.18
CA LYS M 238 -0.31 -21.01 -24.06
C LYS M 238 1.20 -20.79 -23.81
N GLU M 239 1.62 -20.71 -22.55
CA GLU M 239 3.02 -20.35 -22.19
C GLU M 239 3.98 -21.50 -22.54
N SER M 240 3.71 -22.74 -22.17
CA SER M 240 4.62 -23.87 -22.48
C SER M 240 4.59 -24.20 -23.98
N LEU M 241 3.50 -23.91 -24.68
CA LEU M 241 3.44 -24.16 -26.15
C LEU M 241 4.24 -23.06 -26.86
N THR M 242 4.12 -21.83 -26.39
CA THR M 242 4.88 -20.68 -26.94
C THR M 242 6.38 -20.97 -26.81
N ARG M 243 6.85 -21.41 -25.63
CA ARG M 243 8.28 -21.65 -25.38
C ARG M 243 8.76 -22.79 -26.29
N MET M 244 7.97 -23.84 -26.41
CA MET M 244 8.32 -25.00 -27.26
C MET M 244 8.37 -24.58 -28.75
N LEU M 245 7.46 -23.72 -29.21
CA LEU M 245 7.47 -23.25 -30.62
C LEU M 245 8.62 -22.28 -30.87
N ALA M 246 8.98 -21.47 -29.88
CA ALA M 246 10.12 -20.50 -29.95
C ALA M 246 11.43 -21.28 -30.06
N SER M 247 11.47 -22.56 -29.70
CA SER M 247 12.71 -23.40 -29.72
C SER M 247 12.95 -23.91 -31.15
N THR M 248 11.97 -23.73 -32.03
CA THR M 248 11.95 -24.30 -33.39
C THR M 248 12.69 -23.42 -34.40
N HIS M 249 13.45 -24.05 -35.26
CA HIS M 249 14.09 -23.35 -36.42
C HIS M 249 12.98 -22.73 -37.27
N PHE M 250 11.84 -23.40 -37.35
CA PHE M 250 10.71 -22.94 -38.20
C PHE M 250 10.27 -21.54 -37.75
N VAL M 251 10.08 -21.33 -36.46
CA VAL M 251 9.58 -20.03 -35.92
C VAL M 251 10.75 -19.03 -35.94
N GLN M 252 11.95 -19.45 -35.56
CA GLN M 252 13.15 -18.58 -35.48
C GLN M 252 13.46 -17.97 -36.86
N GLN M 253 13.26 -18.72 -37.92
CA GLN M 253 13.39 -18.22 -39.32
C GLN M 253 12.34 -17.15 -39.66
N GLN M 254 11.09 -17.34 -39.31
CA GLN M 254 10.00 -16.37 -39.59
C GLN M 254 10.39 -15.01 -39.02
N ALA M 255 11.06 -15.00 -37.86
CA ALA M 255 11.35 -13.76 -37.12
C ALA M 255 12.42 -12.97 -37.89
N ASN M 256 13.44 -13.67 -38.34
CA ASN M 256 14.60 -13.05 -39.04
C ASN M 256 14.10 -12.28 -40.28
N VAL M 257 13.09 -12.80 -40.98
CA VAL M 257 12.62 -12.17 -42.25
C VAL M 257 11.77 -10.93 -41.91
N LEU M 258 10.98 -10.95 -40.84
CA LEU M 258 10.21 -9.77 -40.35
C LEU M 258 11.13 -8.55 -40.17
N LEU M 259 12.34 -8.76 -39.68
CA LEU M 259 13.21 -7.69 -39.10
C LEU M 259 14.19 -7.17 -40.14
N ASN M 260 14.80 -8.06 -40.94
CA ASN M 260 16.04 -7.72 -41.69
C ASN M 260 15.70 -7.54 -43.17
N GLY N 2 3.17 -37.59 -1.21
CA GLY N 2 1.88 -37.02 -1.54
C GLY N 2 1.77 -35.65 -0.88
N GLY N 3 0.61 -35.37 -0.32
CA GLY N 3 0.14 -34.03 0.05
C GLY N 3 1.10 -33.27 0.96
N MET N 4 1.24 -31.99 0.69
CA MET N 4 1.90 -30.99 1.56
C MET N 4 1.21 -29.64 1.40
N GLN N 5 1.55 -28.72 2.30
CA GLN N 5 1.22 -27.29 2.25
C GLN N 5 2.42 -26.51 1.69
N ILE N 6 2.14 -25.50 0.85
CA ILE N 6 3.10 -24.41 0.55
C ILE N 6 2.43 -23.06 0.75
N PHE N 7 3.23 -22.00 0.87
CA PHE N 7 2.76 -20.61 1.08
C PHE N 7 3.03 -19.78 -0.17
N VAL N 8 2.12 -18.84 -0.44
CA VAL N 8 2.30 -17.85 -1.54
C VAL N 8 2.13 -16.45 -0.96
N LYS N 9 3.16 -15.61 -1.05
CA LYS N 9 3.04 -14.17 -0.80
C LYS N 9 2.51 -13.47 -2.07
N THR N 10 1.45 -12.69 -1.92
CA THR N 10 0.79 -11.95 -3.01
C THR N 10 1.39 -10.57 -3.15
N LEU N 11 1.02 -9.79 -4.15
CA LEU N 11 1.46 -8.41 -4.37
C LEU N 11 1.11 -7.49 -3.18
N THR N 12 0.02 -7.78 -2.48
CA THR N 12 -0.46 -6.93 -1.34
C THR N 12 0.34 -7.29 -0.09
N GLY N 13 1.11 -8.38 -0.11
CA GLY N 13 1.88 -8.84 1.06
C GLY N 13 1.12 -9.84 1.94
N LYS N 14 -0.05 -10.22 1.50
CA LYS N 14 -0.91 -11.30 2.09
C LYS N 14 -0.27 -12.64 1.81
N THR N 15 -0.11 -13.51 2.80
CA THR N 15 0.36 -14.91 2.65
C THR N 15 -0.83 -15.87 2.62
N ILE N 16 -0.97 -16.68 1.58
CA ILE N 16 -2.04 -17.71 1.47
C ILE N 16 -1.38 -19.08 1.50
N THR N 17 -2.11 -20.12 1.89
CA THR N 17 -1.65 -21.51 1.93
C THR N 17 -2.34 -22.30 0.81
N LEU N 18 -1.60 -23.20 0.19
CA LEU N 18 -2.08 -24.08 -0.90
C LEU N 18 -1.89 -25.53 -0.45
N GLU N 19 -2.81 -26.41 -0.80
CA GLU N 19 -2.64 -27.89 -0.74
C GLU N 19 -2.07 -28.39 -2.06
N VAL N 20 -0.90 -29.02 -2.05
CA VAL N 20 -0.18 -29.45 -3.28
C VAL N 20 0.50 -30.78 -3.08
N GLU N 21 0.97 -31.37 -4.18
CA GLU N 21 1.89 -32.54 -4.23
C GLU N 21 3.18 -32.09 -4.90
N PRO N 22 4.34 -32.70 -4.56
CA PRO N 22 5.59 -32.42 -5.28
C PRO N 22 5.47 -32.54 -6.80
N SER N 23 4.54 -33.39 -7.28
CA SER N 23 4.35 -33.73 -8.71
C SER N 23 3.42 -32.71 -9.40
N ASP N 24 2.87 -31.77 -8.66
CA ASP N 24 1.97 -30.74 -9.23
C ASP N 24 2.75 -29.86 -10.23
N THR N 25 2.17 -29.60 -11.39
CA THR N 25 2.73 -28.69 -12.43
C THR N 25 2.55 -27.24 -11.98
N ILE N 26 3.39 -26.36 -12.52
CA ILE N 26 3.35 -24.90 -12.20
C ILE N 26 2.00 -24.35 -12.64
N GLU N 27 1.48 -24.77 -13.79
CA GLU N 27 0.18 -24.26 -14.29
C GLU N 27 -0.90 -24.64 -13.28
N ASN N 28 -0.81 -25.85 -12.71
CA ASN N 28 -1.80 -26.31 -11.71
C ASN N 28 -1.70 -25.47 -10.46
N VAL N 29 -0.50 -25.08 -10.06
CA VAL N 29 -0.24 -24.23 -8.85
C VAL N 29 -0.86 -22.86 -9.09
N LYS N 30 -0.69 -22.29 -10.28
CA LYS N 30 -1.26 -20.96 -10.62
C LYS N 30 -2.79 -21.03 -10.58
N ALA N 31 -3.36 -22.16 -11.02
CA ALA N 31 -4.81 -22.39 -11.04
C ALA N 31 -5.33 -22.47 -9.59
N LYS N 32 -4.58 -23.12 -8.72
CA LYS N 32 -4.90 -23.22 -7.28
C LYS N 32 -4.81 -21.85 -6.60
N ILE N 33 -3.89 -20.99 -7.04
CA ILE N 33 -3.75 -19.62 -6.48
C ILE N 33 -4.98 -18.81 -6.90
N GLN N 34 -5.39 -18.95 -8.17
CA GLN N 34 -6.63 -18.28 -8.65
C GLN N 34 -7.82 -18.78 -7.84
N ASP N 35 -7.88 -20.07 -7.61
CA ASP N 35 -8.98 -20.73 -6.84
C ASP N 35 -9.11 -20.11 -5.46
N LYS N 36 -7.99 -19.92 -4.77
CA LYS N 36 -7.99 -19.58 -3.31
C LYS N 36 -7.99 -18.05 -3.13
N GLU N 37 -7.39 -17.30 -4.06
CA GLU N 37 -7.22 -15.85 -3.89
C GLU N 37 -7.92 -15.06 -4.97
N GLY N 38 -8.21 -15.69 -6.11
CA GLY N 38 -8.89 -15.02 -7.24
C GLY N 38 -7.90 -14.27 -8.10
N ILE N 39 -6.58 -14.51 -7.93
CA ILE N 39 -5.55 -13.89 -8.80
C ILE N 39 -5.43 -14.69 -10.10
N PRO N 40 -5.72 -14.10 -11.27
CA PRO N 40 -5.64 -14.82 -12.54
C PRO N 40 -4.24 -15.27 -12.92
N PRO N 41 -4.06 -16.48 -13.46
CA PRO N 41 -2.75 -16.98 -13.89
C PRO N 41 -1.90 -16.00 -14.70
N ASP N 42 -2.52 -15.26 -15.62
CA ASP N 42 -1.77 -14.37 -16.55
C ASP N 42 -1.35 -13.08 -15.83
N GLN N 43 -1.78 -12.86 -14.59
CA GLN N 43 -1.39 -11.72 -13.72
C GLN N 43 -0.46 -12.25 -12.63
N GLN N 44 0.05 -13.49 -12.75
CA GLN N 44 0.94 -14.13 -11.75
C GLN N 44 2.36 -14.16 -12.33
N ARG N 45 3.32 -13.50 -11.67
CA ARG N 45 4.76 -13.70 -11.94
C ARG N 45 5.35 -14.39 -10.70
N LEU N 46 5.49 -15.70 -10.82
CA LEU N 46 5.57 -16.61 -9.65
C LEU N 46 7.05 -17.01 -9.50
N ILE N 47 7.64 -16.70 -8.34
CA ILE N 47 9.08 -16.82 -8.08
C ILE N 47 9.31 -17.81 -6.96
N PHE N 48 10.28 -18.71 -7.13
CA PHE N 48 10.92 -19.43 -6.01
C PHE N 48 12.42 -19.19 -6.06
N ALA N 49 13.00 -18.67 -4.98
CA ALA N 49 14.46 -18.57 -4.85
C ALA N 49 15.07 -17.93 -6.10
N GLY N 50 14.42 -16.94 -6.66
CA GLY N 50 14.97 -16.03 -7.66
C GLY N 50 14.67 -16.51 -9.08
N LYS N 51 13.95 -17.63 -9.25
CA LYS N 51 13.56 -18.14 -10.57
C LYS N 51 12.05 -18.00 -10.78
N GLN N 52 11.66 -17.53 -11.95
CA GLN N 52 10.26 -17.60 -12.43
C GLN N 52 9.94 -19.05 -12.74
N LEU N 53 8.86 -19.56 -12.14
CA LEU N 53 8.41 -20.96 -12.34
C LEU N 53 7.70 -21.08 -13.71
N GLU N 54 8.05 -22.11 -14.48
CA GLU N 54 7.63 -22.24 -15.91
C GLU N 54 6.55 -23.32 -16.00
N ASP N 55 5.49 -23.04 -16.75
CA ASP N 55 4.43 -24.02 -17.13
C ASP N 55 5.12 -25.25 -17.77
N GLY N 56 4.66 -26.44 -17.41
CA GLY N 56 5.23 -27.71 -17.91
C GLY N 56 6.26 -28.26 -16.96
N ARG N 57 6.72 -27.49 -15.96
CA ARG N 57 7.59 -28.04 -14.90
C ARG N 57 6.75 -28.40 -13.67
N THR N 58 7.33 -29.14 -12.73
CA THR N 58 6.67 -29.49 -11.44
C THR N 58 7.36 -28.76 -10.29
N LEU N 59 6.71 -28.75 -9.12
CA LEU N 59 7.26 -28.18 -7.87
C LEU N 59 8.60 -28.85 -7.56
N SER N 60 8.69 -30.17 -7.71
CA SER N 60 9.88 -30.97 -7.33
C SER N 60 11.03 -30.69 -8.30
N ASP N 61 10.73 -30.28 -9.54
CA ASP N 61 11.75 -29.80 -10.51
C ASP N 61 12.53 -28.64 -9.89
N TYR N 62 11.89 -27.83 -9.06
CA TYR N 62 12.48 -26.61 -8.43
C TYR N 62 12.85 -26.90 -6.96
N ASN N 63 12.79 -28.17 -6.56
CA ASN N 63 13.06 -28.61 -5.18
C ASN N 63 12.20 -27.82 -4.19
N ILE N 64 10.95 -27.54 -4.55
CA ILE N 64 9.96 -26.88 -3.64
C ILE N 64 9.33 -27.95 -2.75
N GLN N 65 9.47 -27.83 -1.43
CA GLN N 65 9.11 -28.87 -0.45
C GLN N 65 8.08 -28.29 0.52
N LYS N 66 7.69 -29.08 1.53
CA LYS N 66 6.67 -28.70 2.53
C LYS N 66 7.03 -27.33 3.10
N GLU N 67 6.09 -26.40 3.11
CA GLU N 67 6.20 -25.11 3.87
C GLU N 67 7.16 -24.14 3.17
N SER N 68 7.55 -24.41 1.92
CA SER N 68 8.26 -23.43 1.08
C SER N 68 7.32 -22.25 0.81
N THR N 69 7.88 -21.05 0.64
CA THR N 69 7.12 -19.83 0.29
C THR N 69 7.44 -19.45 -1.16
N LEU N 70 6.42 -19.31 -1.99
CA LEU N 70 6.58 -18.72 -3.35
C LEU N 70 6.13 -17.26 -3.31
N HIS N 71 6.64 -16.45 -4.22
CA HIS N 71 6.42 -14.99 -4.22
C HIS N 71 5.75 -14.61 -5.53
N LEU N 72 4.72 -13.78 -5.42
CA LEU N 72 4.07 -13.11 -6.60
C LEU N 72 4.67 -11.70 -6.65
N VAL N 73 5.21 -11.31 -7.78
CA VAL N 73 6.21 -10.25 -7.88
C VAL N 73 5.84 -9.31 -9.04
N LEU N 74 6.32 -8.09 -8.94
CA LEU N 74 6.36 -7.08 -10.02
C LEU N 74 7.68 -7.20 -10.75
N ARG N 75 7.69 -6.93 -12.04
CA ARG N 75 8.85 -7.15 -12.89
C ARG N 75 9.88 -6.05 -12.59
N LEU N 76 11.16 -6.40 -12.42
CA LEU N 76 12.19 -5.44 -12.01
C LEU N 76 12.70 -4.75 -13.28
N ARG N 77 13.03 -3.46 -13.18
CA ARG N 77 13.63 -2.64 -14.25
C ARG N 77 14.64 -1.68 -13.60
N GLY N 78 15.58 -1.12 -14.36
CA GLY N 78 16.62 -0.23 -13.78
C GLY N 78 17.65 0.21 -14.78
N GLY N 79 18.33 1.32 -14.47
CA GLY N 79 19.44 1.92 -15.24
C GLY N 79 20.70 2.15 -14.41
N MET O 4 -4.83 -57.38 -37.33
CA MET O 4 -5.68 -56.17 -37.24
C MET O 4 -5.21 -55.11 -38.24
N GLN O 5 -6.07 -54.12 -38.47
CA GLN O 5 -5.80 -52.95 -39.35
C GLN O 5 -5.46 -51.75 -38.47
N ILE O 6 -4.48 -50.95 -38.89
CA ILE O 6 -4.23 -49.58 -38.36
C ILE O 6 -4.10 -48.61 -39.53
N PHE O 7 -4.24 -47.32 -39.24
CA PHE O 7 -4.17 -46.21 -40.23
C PHE O 7 -2.96 -45.34 -39.92
N VAL O 8 -2.33 -44.81 -40.96
CA VAL O 8 -1.20 -43.84 -40.85
C VAL O 8 -1.54 -42.62 -41.69
N LYS O 9 -1.62 -41.46 -41.04
CA LYS O 9 -1.88 -40.16 -41.72
C LYS O 9 -0.53 -39.53 -42.09
N THR O 10 -0.43 -39.06 -43.35
CA THR O 10 0.76 -38.36 -43.86
C THR O 10 0.41 -36.90 -44.02
N LEU O 11 1.44 -36.05 -44.16
CA LEU O 11 1.23 -34.57 -44.26
C LEU O 11 0.55 -34.21 -45.58
N THR O 12 0.67 -35.05 -46.61
CA THR O 12 0.05 -34.81 -47.94
C THR O 12 -1.46 -35.08 -47.89
N GLY O 13 -1.94 -35.63 -46.79
CA GLY O 13 -3.39 -35.81 -46.53
C GLY O 13 -3.81 -37.24 -46.85
N LYS O 14 -2.87 -38.06 -47.33
CA LYS O 14 -3.08 -39.49 -47.61
C LYS O 14 -3.15 -40.22 -46.26
N THR O 15 -4.21 -41.01 -46.07
CA THR O 15 -4.28 -42.07 -45.04
C THR O 15 -3.93 -43.41 -45.69
N ILE O 16 -2.94 -44.11 -45.15
CA ILE O 16 -2.63 -45.50 -45.62
C ILE O 16 -3.04 -46.50 -44.54
N THR O 17 -3.54 -47.64 -44.97
CA THR O 17 -4.07 -48.68 -44.04
C THR O 17 -3.11 -49.85 -44.08
N LEU O 18 -2.75 -50.38 -42.91
CA LEU O 18 -1.69 -51.40 -42.72
C LEU O 18 -2.33 -52.64 -42.08
N GLU O 19 -1.91 -53.83 -42.53
CA GLU O 19 -2.18 -55.13 -41.88
C GLU O 19 -1.06 -55.43 -40.88
N VAL O 20 -1.38 -55.55 -39.59
CA VAL O 20 -0.35 -55.68 -38.51
C VAL O 20 -0.84 -56.63 -37.42
N GLU O 21 0.08 -56.99 -36.53
CA GLU O 21 -0.20 -57.77 -35.29
C GLU O 21 0.21 -56.90 -34.10
N PRO O 22 -0.44 -57.04 -32.92
CA PRO O 22 -0.01 -56.33 -31.71
C PRO O 22 1.48 -56.50 -31.41
N SER O 23 2.06 -57.64 -31.81
CA SER O 23 3.44 -58.05 -31.47
C SER O 23 4.43 -57.50 -32.51
N ASP O 24 3.94 -56.83 -33.57
CA ASP O 24 4.81 -56.20 -34.59
C ASP O 24 5.67 -55.13 -33.92
N THR O 25 6.97 -55.10 -34.25
CA THR O 25 7.90 -54.02 -33.82
C THR O 25 7.65 -52.77 -34.65
N ILE O 26 8.06 -51.61 -34.13
CA ILE O 26 7.96 -50.31 -34.84
C ILE O 26 8.74 -50.40 -36.16
N GLU O 27 9.93 -51.00 -36.11
CA GLU O 27 10.80 -51.25 -37.30
C GLU O 27 10.02 -52.02 -38.35
N ASN O 28 9.24 -53.02 -37.95
CA ASN O 28 8.42 -53.90 -38.82
C ASN O 28 7.36 -53.01 -39.51
N VAL O 29 6.76 -52.09 -38.76
CA VAL O 29 5.68 -51.20 -39.26
C VAL O 29 6.29 -50.26 -40.31
N LYS O 30 7.47 -49.73 -40.05
CA LYS O 30 8.19 -48.84 -41.00
C LYS O 30 8.53 -49.61 -42.28
N ALA O 31 8.88 -50.89 -42.15
CA ALA O 31 9.21 -51.77 -43.30
C ALA O 31 7.94 -51.99 -44.15
N LYS O 32 6.78 -52.13 -43.50
CA LYS O 32 5.49 -52.28 -44.20
C LYS O 32 5.13 -50.99 -44.94
N ILE O 33 5.49 -49.84 -44.36
CA ILE O 33 5.24 -48.52 -44.99
C ILE O 33 6.16 -48.39 -46.21
N GLN O 34 7.42 -48.79 -46.10
CA GLN O 34 8.37 -48.81 -47.26
C GLN O 34 7.78 -49.71 -48.34
N ASP O 35 7.27 -50.89 -47.95
CA ASP O 35 6.69 -51.87 -48.88
C ASP O 35 5.59 -51.23 -49.72
N LYS O 36 4.69 -50.48 -49.08
CA LYS O 36 3.42 -50.04 -49.70
C LYS O 36 3.60 -48.64 -50.32
N GLU O 37 4.51 -47.81 -49.79
CA GLU O 37 4.64 -46.40 -50.21
C GLU O 37 6.03 -46.12 -50.78
N GLY O 38 7.03 -46.95 -50.45
CA GLY O 38 8.40 -46.82 -51.00
C GLY O 38 9.23 -45.83 -50.20
N ILE O 39 8.74 -45.40 -49.04
CA ILE O 39 9.49 -44.49 -48.13
C ILE O 39 10.45 -45.32 -47.28
N PRO O 40 11.77 -45.07 -47.35
CA PRO O 40 12.73 -45.80 -46.51
C PRO O 40 12.55 -45.58 -45.02
N PRO O 41 12.65 -46.65 -44.20
CA PRO O 41 12.52 -46.54 -42.75
C PRO O 41 13.28 -45.38 -42.08
N ASP O 42 14.49 -45.07 -42.56
CA ASP O 42 15.38 -44.08 -41.91
C ASP O 42 14.88 -42.66 -42.19
N GLN O 43 13.84 -42.49 -43.02
CA GLN O 43 13.22 -41.17 -43.29
C GLN O 43 11.93 -41.03 -42.48
N GLN O 44 11.54 -42.06 -41.73
CA GLN O 44 10.18 -42.17 -41.13
C GLN O 44 10.24 -41.89 -39.64
N ARG O 45 9.43 -40.96 -39.14
CA ARG O 45 9.13 -40.82 -37.68
C ARG O 45 7.65 -41.06 -37.47
N LEU O 46 7.32 -42.06 -36.65
CA LEU O 46 5.93 -42.42 -36.30
C LEU O 46 5.55 -41.83 -34.95
N ILE O 47 4.34 -41.26 -34.85
CA ILE O 47 3.72 -40.74 -33.59
C ILE O 47 2.44 -41.51 -33.33
N PHE O 48 2.18 -41.89 -32.08
CA PHE O 48 0.83 -42.29 -31.61
C PHE O 48 0.45 -41.42 -30.41
N ALA O 49 -0.67 -40.73 -30.50
CA ALA O 49 -1.25 -39.90 -29.43
C ALA O 49 -0.15 -39.11 -28.70
N GLY O 50 0.77 -38.53 -29.47
CA GLY O 50 1.71 -37.50 -28.98
C GLY O 50 3.01 -38.12 -28.46
N LYS O 51 3.19 -39.41 -28.65
CA LYS O 51 4.46 -40.11 -28.30
C LYS O 51 5.15 -40.61 -29.57
N GLN O 52 6.43 -40.34 -29.71
CA GLN O 52 7.27 -40.85 -30.81
C GLN O 52 7.51 -42.34 -30.56
N LEU O 53 7.19 -43.19 -31.53
CA LEU O 53 7.36 -44.66 -31.43
C LEU O 53 8.83 -45.00 -31.69
N GLU O 54 9.42 -45.83 -30.84
CA GLU O 54 10.87 -46.18 -30.89
C GLU O 54 11.04 -47.56 -31.54
N ASP O 55 12.05 -47.67 -32.43
CA ASP O 55 12.43 -48.95 -33.06
C ASP O 55 12.78 -49.90 -31.91
N GLY O 56 12.37 -51.16 -32.00
CA GLY O 56 12.67 -52.17 -30.96
C GLY O 56 11.55 -52.25 -29.94
N ARG O 57 10.55 -51.36 -29.95
CA ARG O 57 9.29 -51.58 -29.19
C ARG O 57 8.22 -52.17 -30.10
N THR O 58 7.13 -52.67 -29.51
CA THR O 58 5.98 -53.26 -30.26
C THR O 58 4.78 -52.33 -30.21
N LEU O 59 3.81 -52.55 -31.09
CA LEU O 59 2.52 -51.81 -31.12
C LEU O 59 1.85 -51.92 -29.75
N SER O 60 1.84 -53.11 -29.15
CA SER O 60 1.12 -53.39 -27.88
C SER O 60 1.83 -52.70 -26.72
N ASP O 61 3.14 -52.46 -26.83
CA ASP O 61 3.89 -51.63 -25.84
C ASP O 61 3.24 -50.26 -25.71
N TYR O 62 2.67 -49.74 -26.82
CA TYR O 62 2.08 -48.38 -26.90
C TYR O 62 0.55 -48.47 -26.83
N ASN O 63 0.03 -49.67 -26.51
CA ASN O 63 -1.43 -49.93 -26.44
C ASN O 63 -2.10 -49.47 -27.74
N ILE O 64 -1.45 -49.75 -28.87
CA ILE O 64 -2.02 -49.48 -30.23
C ILE O 64 -2.89 -50.68 -30.61
N GLN O 65 -4.17 -50.44 -30.87
CA GLN O 65 -5.20 -51.49 -31.08
C GLN O 65 -5.81 -51.36 -32.47
N LYS O 66 -6.77 -52.21 -32.80
CA LYS O 66 -7.43 -52.23 -34.13
C LYS O 66 -7.97 -50.81 -34.40
N GLU O 67 -7.71 -50.28 -35.59
CA GLU O 67 -8.30 -49.02 -36.10
C GLU O 67 -7.69 -47.80 -35.40
N SER O 68 -6.57 -47.96 -34.71
CA SER O 68 -5.75 -46.83 -34.24
C SER O 68 -5.19 -46.07 -35.45
N THR O 69 -5.03 -44.74 -35.31
CA THR O 69 -4.41 -43.86 -36.31
C THR O 69 -3.03 -43.44 -35.79
N LEU O 70 -1.97 -43.69 -36.57
CA LEU O 70 -0.64 -43.11 -36.31
C LEU O 70 -0.46 -41.86 -37.17
N HIS O 71 0.55 -41.07 -36.87
CA HIS O 71 1.01 -39.94 -37.71
C HIS O 71 2.43 -40.23 -38.22
N LEU O 72 2.61 -40.12 -39.52
CA LEU O 72 3.94 -40.27 -40.18
C LEU O 72 4.46 -38.87 -40.45
N VAL O 73 5.70 -38.58 -40.03
CA VAL O 73 6.46 -37.40 -40.50
C VAL O 73 7.75 -37.84 -41.16
N LEU O 74 8.03 -37.30 -42.36
CA LEU O 74 9.27 -37.61 -43.10
C LEU O 74 10.34 -36.58 -42.74
N ARG O 75 11.55 -37.08 -42.60
CA ARG O 75 12.76 -36.28 -42.31
C ARG O 75 13.00 -35.31 -43.47
N LEU O 76 13.64 -34.20 -43.15
CA LEU O 76 14.12 -33.19 -44.11
C LEU O 76 15.33 -33.75 -44.88
N ARG O 77 15.56 -33.29 -46.10
CA ARG O 77 16.85 -33.36 -46.81
C ARG O 77 17.94 -32.71 -45.95
N GLY O 78 18.74 -33.58 -45.34
CA GLY O 78 19.98 -33.24 -44.62
C GLY O 78 20.18 -34.00 -43.31
N GLY P 3 33.15 -51.54 10.80
CA GLY P 3 32.66 -50.48 9.90
C GLY P 3 33.71 -49.42 9.62
N MET P 4 33.28 -48.20 9.33
CA MET P 4 34.12 -47.15 8.72
C MET P 4 33.60 -45.76 9.12
N GLN P 5 34.47 -44.79 8.94
CA GLN P 5 34.18 -43.35 9.21
C GLN P 5 33.87 -42.63 7.89
N ILE P 6 32.86 -41.78 7.90
CA ILE P 6 32.62 -40.78 6.81
C ILE P 6 32.45 -39.40 7.43
N PHE P 7 32.60 -38.37 6.60
CA PHE P 7 32.48 -36.94 6.98
C PHE P 7 31.27 -36.34 6.28
N VAL P 8 30.57 -35.45 6.99
CA VAL P 8 29.37 -34.75 6.45
C VAL P 8 29.59 -33.24 6.63
N LYS P 9 29.68 -32.54 5.53
CA LYS P 9 30.04 -31.08 5.53
C LYS P 9 28.73 -30.34 5.41
N THR P 10 28.54 -29.29 6.20
CA THR P 10 27.38 -28.34 6.09
C THR P 10 27.87 -27.08 5.40
N LEU P 11 26.94 -26.24 4.96
CA LEU P 11 27.24 -24.97 4.23
C LEU P 11 27.88 -23.98 5.20
N THR P 12 27.62 -24.09 6.51
CA THR P 12 28.22 -23.19 7.54
C THR P 12 29.70 -23.56 7.79
N GLY P 13 30.15 -24.68 7.24
CA GLY P 13 31.57 -25.09 7.29
C GLY P 13 31.82 -26.09 8.40
N LYS P 14 30.78 -26.48 9.12
CA LYS P 14 30.85 -27.54 10.15
C LYS P 14 30.97 -28.92 9.46
N THR P 15 32.02 -29.64 9.78
CA THR P 15 32.22 -31.05 9.36
C THR P 15 31.88 -31.94 10.55
N ILE P 16 30.98 -32.90 10.39
CA ILE P 16 30.73 -33.92 11.45
C ILE P 16 31.22 -35.28 10.95
N THR P 17 31.70 -36.11 11.86
CA THR P 17 32.24 -37.46 11.51
C THR P 17 31.24 -38.51 12.02
N LEU P 18 30.93 -39.48 11.20
CA LEU P 18 29.93 -40.55 11.45
C LEU P 18 30.63 -41.92 11.44
N GLU P 19 30.19 -42.79 12.33
CA GLU P 19 30.47 -44.26 12.31
C GLU P 19 29.37 -44.94 11.50
N VAL P 20 29.73 -45.61 10.41
CA VAL P 20 28.75 -46.24 9.47
C VAL P 20 29.30 -47.58 8.96
N GLU P 21 28.43 -48.34 8.29
CA GLU P 21 28.75 -49.58 7.54
C GLU P 21 28.37 -49.35 6.08
N PRO P 22 29.08 -49.99 5.11
CA PRO P 22 28.69 -49.92 3.70
C PRO P 22 27.20 -50.21 3.44
N SER P 23 26.60 -51.04 4.30
CA SER P 23 25.23 -51.57 4.13
C SER P 23 24.21 -50.62 4.78
N ASP P 24 24.67 -49.55 5.44
CA ASP P 24 23.77 -48.54 6.05
C ASP P 24 22.94 -47.88 4.94
N THR P 25 21.64 -47.73 5.17
CA THR P 25 20.72 -46.98 4.27
C THR P 25 20.93 -45.48 4.48
N ILE P 26 20.56 -44.68 3.48
CA ILE P 26 20.61 -43.20 3.53
C ILE P 26 19.77 -42.72 4.72
N GLU P 27 18.59 -43.30 4.90
CA GLU P 27 17.68 -43.03 6.04
C GLU P 27 18.42 -43.22 7.36
N ASN P 28 19.21 -44.27 7.46
CA ASN P 28 19.99 -44.63 8.66
C ASN P 28 21.03 -43.54 8.93
N VAL P 29 21.66 -43.04 7.86
CA VAL P 29 22.71 -41.99 7.96
C VAL P 29 22.05 -40.70 8.45
N LYS P 30 20.87 -40.37 7.95
CA LYS P 30 20.11 -39.18 8.38
C LYS P 30 19.72 -39.32 9.86
N ALA P 31 19.39 -40.52 10.31
CA ALA P 31 19.02 -40.83 11.72
C ALA P 31 20.25 -40.63 12.61
N LYS P 32 21.43 -41.00 12.12
CA LYS P 32 22.71 -40.80 12.86
C LYS P 32 23.02 -39.31 12.97
N ILE P 33 22.67 -38.54 11.94
CA ILE P 33 22.88 -37.05 11.93
C ILE P 33 21.91 -36.44 12.95
N GLN P 34 20.66 -36.88 12.98
CA GLN P 34 19.67 -36.43 13.99
C GLN P 34 20.18 -36.76 15.38
N ASP P 35 20.73 -37.97 15.56
CA ASP P 35 21.30 -38.43 16.84
C ASP P 35 22.36 -37.44 17.35
N LYS P 36 23.27 -37.04 16.48
CA LYS P 36 24.53 -36.35 16.87
C LYS P 36 24.32 -34.83 16.83
N GLU P 37 23.41 -34.34 15.97
CA GLU P 37 23.23 -32.88 15.74
C GLU P 37 21.83 -32.45 16.15
N GLY P 38 20.87 -33.38 16.19
CA GLY P 38 19.46 -33.05 16.53
C GLY P 38 18.71 -32.50 15.32
N ILE P 39 19.29 -32.59 14.11
CA ILE P 39 18.58 -32.18 12.87
C ILE P 39 17.66 -33.29 12.40
N PRO P 40 16.34 -33.05 12.31
CA PRO P 40 15.40 -34.03 11.79
C PRO P 40 15.66 -34.44 10.35
N PRO P 41 15.55 -35.76 10.04
CA PRO P 41 15.71 -36.24 8.65
C PRO P 41 14.99 -35.43 7.58
N ASP P 42 13.79 -34.87 7.83
CA ASP P 42 13.00 -34.21 6.78
C ASP P 42 13.60 -32.82 6.44
N GLN P 43 14.62 -32.37 7.19
CA GLN P 43 15.34 -31.12 6.89
C GLN P 43 16.64 -31.39 6.11
N GLN P 44 16.96 -32.67 5.92
CA GLN P 44 18.28 -33.13 5.46
C GLN P 44 18.22 -33.54 3.99
N ARG P 45 19.04 -32.94 3.14
CA ARG P 45 19.37 -33.46 1.80
C ARG P 45 20.84 -33.83 1.76
N LEU P 46 21.16 -35.10 1.50
CA LEU P 46 22.55 -35.60 1.41
C LEU P 46 22.96 -35.68 -0.07
N ILE P 47 24.15 -35.15 -0.37
CA ILE P 47 24.78 -35.15 -1.72
C ILE P 47 26.08 -35.93 -1.65
N PHE P 48 26.35 -36.80 -2.61
CA PHE P 48 27.70 -37.39 -2.83
C PHE P 48 28.10 -37.17 -4.28
N ALA P 49 29.23 -36.51 -4.49
CA ALA P 49 29.82 -36.29 -5.84
C ALA P 49 28.72 -35.75 -6.76
N GLY P 50 27.85 -34.86 -6.26
CA GLY P 50 26.95 -34.08 -7.11
C GLY P 50 25.60 -34.77 -7.34
N LYS P 51 25.37 -35.91 -6.69
CA LYS P 51 24.08 -36.63 -6.78
C LYS P 51 23.38 -36.63 -5.42
N GLN P 52 22.07 -36.39 -5.43
CA GLN P 52 21.21 -36.50 -4.24
C GLN P 52 21.04 -37.98 -3.88
N LEU P 53 21.35 -38.34 -2.64
CA LEU P 53 21.21 -39.73 -2.12
C LEU P 53 19.74 -39.95 -1.76
N GLU P 54 19.18 -41.09 -2.18
CA GLU P 54 17.75 -41.44 -1.98
C GLU P 54 17.63 -42.37 -0.74
N ASP P 55 16.58 -42.19 0.04
CA ASP P 55 16.41 -42.76 1.39
C ASP P 55 16.57 -44.29 1.43
N GLY P 56 16.08 -45.03 0.42
CA GLY P 56 15.96 -46.50 0.49
C GLY P 56 17.22 -47.20 0.02
N ARG P 57 18.23 -46.45 -0.40
CA ARG P 57 19.49 -46.98 -0.96
C ARG P 57 20.55 -47.03 0.12
N THR P 58 21.66 -47.73 -0.15
CA THR P 58 22.78 -47.91 0.82
C THR P 58 23.99 -47.08 0.38
N LEU P 59 24.91 -46.86 1.31
CA LEU P 59 26.20 -46.16 1.04
C LEU P 59 26.92 -46.85 -0.12
N SER P 60 26.96 -48.19 -0.12
CA SER P 60 27.74 -48.98 -1.10
C SER P 60 27.07 -48.91 -2.48
N ASP P 61 25.76 -48.70 -2.53
CA ASP P 61 25.02 -48.41 -3.79
C ASP P 61 25.66 -47.23 -4.51
N TYR P 62 26.17 -46.25 -3.74
CA TYR P 62 26.74 -44.98 -4.29
C TYR P 62 28.28 -45.05 -4.25
N ASN P 63 28.83 -46.23 -3.97
CA ASN P 63 30.29 -46.45 -3.86
C ASN P 63 30.88 -45.42 -2.89
N ILE P 64 30.18 -45.17 -1.78
CA ILE P 64 30.68 -44.31 -0.67
C ILE P 64 31.52 -45.19 0.27
N GLN P 65 32.80 -44.86 0.45
CA GLN P 65 33.77 -45.73 1.15
C GLN P 65 34.34 -44.98 2.36
N LYS P 66 35.28 -45.60 3.07
CA LYS P 66 35.94 -45.04 4.26
C LYS P 66 36.47 -43.64 3.90
N GLU P 67 36.17 -42.65 4.72
CA GLU P 67 36.75 -41.29 4.69
C GLU P 67 36.21 -40.50 3.50
N SER P 68 35.12 -40.95 2.88
CA SER P 68 34.32 -40.12 1.93
C SER P 68 33.76 -38.92 2.70
N THR P 69 33.58 -37.81 1.99
CA THR P 69 32.85 -36.61 2.47
C THR P 69 31.51 -36.55 1.73
N LEU P 70 30.42 -36.47 2.48
CA LEU P 70 29.09 -36.13 1.91
C LEU P 70 28.84 -34.66 2.18
N HIS P 71 27.89 -34.08 1.46
CA HIS P 71 27.46 -32.66 1.63
C HIS P 71 26.00 -32.62 2.09
N LEU P 72 25.79 -32.01 3.25
CA LEU P 72 24.47 -31.91 3.90
C LEU P 72 23.91 -30.52 3.56
N VAL P 73 22.75 -30.50 2.91
CA VAL P 73 22.02 -29.27 2.55
C VAL P 73 20.77 -29.26 3.47
N LEU P 74 20.72 -28.24 4.29
CA LEU P 74 19.71 -28.12 5.38
C LEU P 74 18.65 -27.18 4.86
N ARG P 75 17.37 -27.49 5.04
CA ARG P 75 16.26 -26.58 4.79
C ARG P 75 16.39 -25.34 5.69
N LEU P 76 15.97 -24.20 5.21
CA LEU P 76 15.97 -22.91 5.96
C LEU P 76 14.90 -22.96 7.06
N ARG P 77 15.18 -22.38 8.23
CA ARG P 77 14.20 -22.36 9.35
C ARG P 77 12.86 -21.75 8.93
N GLY P 78 12.90 -20.85 7.94
CA GLY P 78 11.70 -20.19 7.36
C GLY P 78 11.15 -20.92 6.15
N GLY P 79 10.64 -20.18 5.15
CA GLY P 79 10.11 -20.74 3.89
C GLY P 79 11.14 -20.75 2.76
#